data_3B6E
# 
_entry.id   3B6E 
# 
_audit_conform.dict_name       mmcif_pdbx.dic 
_audit_conform.dict_version    5.387 
_audit_conform.dict_location   http://mmcif.pdb.org/dictionaries/ascii/mmcif_pdbx.dic 
# 
loop_
_database_2.database_id 
_database_2.database_code 
_database_2.pdbx_database_accession 
_database_2.pdbx_DOI 
PDB   3B6E         pdb_00003b6e 10.2210/pdb3b6e/pdb 
RCSB  RCSB045135   ?            ?                   
WWPDB D_1000045135 ?            ?                   
# 
loop_
_pdbx_audit_revision_history.ordinal 
_pdbx_audit_revision_history.data_content_type 
_pdbx_audit_revision_history.major_revision 
_pdbx_audit_revision_history.minor_revision 
_pdbx_audit_revision_history.revision_date 
1 'Structure model' 1 0 2007-11-13 
2 'Structure model' 1 1 2011-07-13 
3 'Structure model' 1 2 2017-10-25 
4 'Structure model' 1 3 2024-02-21 
# 
_pdbx_audit_revision_details.ordinal             1 
_pdbx_audit_revision_details.revision_ordinal    1 
_pdbx_audit_revision_details.data_content_type   'Structure model' 
_pdbx_audit_revision_details.provider            repository 
_pdbx_audit_revision_details.type                'Initial release' 
_pdbx_audit_revision_details.description         ? 
_pdbx_audit_revision_details.details             ? 
# 
loop_
_pdbx_audit_revision_group.ordinal 
_pdbx_audit_revision_group.revision_ordinal 
_pdbx_audit_revision_group.data_content_type 
_pdbx_audit_revision_group.group 
1 2 'Structure model' Advisory                    
2 2 'Structure model' 'Version format compliance' 
3 3 'Structure model' 'Refinement description'    
4 4 'Structure model' 'Data collection'           
5 4 'Structure model' 'Database references'       
6 4 'Structure model' 'Derived calculations'      
# 
loop_
_pdbx_audit_revision_category.ordinal 
_pdbx_audit_revision_category.revision_ordinal 
_pdbx_audit_revision_category.data_content_type 
_pdbx_audit_revision_category.category 
1 3 'Structure model' software           
2 4 'Structure model' chem_comp_atom     
3 4 'Structure model' chem_comp_bond     
4 4 'Structure model' database_2         
5 4 'Structure model' struct_conn        
6 4 'Structure model' struct_ref_seq_dif 
7 4 'Structure model' struct_site        
# 
loop_
_pdbx_audit_revision_item.ordinal 
_pdbx_audit_revision_item.revision_ordinal 
_pdbx_audit_revision_item.data_content_type 
_pdbx_audit_revision_item.item 
1  3 'Structure model' '_software.name'                      
2  4 'Structure model' '_database_2.pdbx_DOI'                
3  4 'Structure model' '_database_2.pdbx_database_accession' 
4  4 'Structure model' '_struct_conn.ptnr1_auth_comp_id'     
5  4 'Structure model' '_struct_conn.ptnr1_auth_seq_id'      
6  4 'Structure model' '_struct_conn.ptnr1_label_asym_id'    
7  4 'Structure model' '_struct_conn.ptnr1_label_atom_id'    
8  4 'Structure model' '_struct_conn.ptnr1_label_comp_id'    
9  4 'Structure model' '_struct_conn.ptnr2_auth_comp_id'     
10 4 'Structure model' '_struct_conn.ptnr2_auth_seq_id'      
11 4 'Structure model' '_struct_conn.ptnr2_label_asym_id'    
12 4 'Structure model' '_struct_conn.ptnr2_label_atom_id'    
13 4 'Structure model' '_struct_conn.ptnr2_label_comp_id'    
14 4 'Structure model' '_struct_ref_seq_dif.details'         
15 4 'Structure model' '_struct_site.pdbx_auth_asym_id'      
16 4 'Structure model' '_struct_site.pdbx_auth_comp_id'      
17 4 'Structure model' '_struct_site.pdbx_auth_seq_id'       
# 
_pdbx_database_status.status_code                     REL 
_pdbx_database_status.entry_id                        3B6E 
_pdbx_database_status.recvd_initial_deposition_date   2007-10-29 
_pdbx_database_status.deposit_site                    RCSB 
_pdbx_database_status.process_site                    RCSB 
_pdbx_database_status.status_code_sf                  REL 
_pdbx_database_status.status_code_mr                  ? 
_pdbx_database_status.SG_entry                        Y 
_pdbx_database_status.pdb_format_compatible           Y 
_pdbx_database_status.status_code_cs                  ? 
_pdbx_database_status.methods_development_category    ? 
_pdbx_database_status.status_code_nmr_data            ? 
# 
loop_
_audit_author.name 
_audit_author.pdbx_ordinal 
'Karlberg, T.'                         1  
'Welin, M.'                            2  
'Arrowsmith, C.H.'                     3  
'Berglund, H.'                         4  
'Busam, R.D.'                          5  
'Collins, R.'                          6  
'Dahlgren, L.G.'                       7  
'Edwards, A.M.'                        8  
'Flodin, S.'                           9  
'Flores, A.'                           10 
'Graslund, S.'                         11 
'Hammarstrom, M.'                      12 
'Johansson, I.'                        13 
'Kallas, A.'                           14 
'Kotenyova, T.'                        15 
'Lehtio, L.'                           16 
'Moche, M.'                            17 
'Nilsson, M.E.'                        18 
'Nordlund, P.'                         19 
'Nyman, T.'                            20 
'Persson, C.'                          21 
'Sagemark, J.'                         22 
'Svensson, L.'                         23 
'Thorsell, A.G.'                       24 
'Tresaugues, L.'                       25 
'Van Den Berg, S.'                     26 
'Weigelt, J.'                          27 
'Holmberg-Schiavone, L.'               28 
'Structural Genomics Consortium (SGC)' 29 
# 
_citation.id                        primary 
_citation.title                     
'Human DECH-box RNA Helicase MDA5 (Melanoma differentiation-associated protein 5), DECH-domain.' 
_citation.journal_abbrev            'To be Published' 
_citation.journal_volume            ? 
_citation.page_first                ? 
_citation.page_last                 ? 
_citation.year                      ? 
_citation.journal_id_ASTM           ? 
_citation.country                   ? 
_citation.journal_id_ISSN           ? 
_citation.journal_id_CSD            0353 
_citation.book_publisher            ? 
_citation.pdbx_database_id_PubMed   ? 
_citation.pdbx_database_id_DOI      ? 
# 
loop_
_citation_author.citation_id 
_citation_author.name 
_citation_author.ordinal 
_citation_author.identifier_ORCID 
primary 'Karlberg, T.'           1  ? 
primary 'Welin, M.'              2  ? 
primary 'Arrowsmith, C.H.'       3  ? 
primary 'Berglund, H.'           4  ? 
primary 'Busam, R.D.'            5  ? 
primary 'Collins, R.'            6  ? 
primary 'Dahlgren, L.G.'         7  ? 
primary 'Edwards, A.M.'          8  ? 
primary 'Flodin, S.'             9  ? 
primary 'Flores, A.'             10 ? 
primary 'Graslund, S.'           11 ? 
primary 'Hammarstrom, M.'        12 ? 
primary 'Johansson, I.'          13 ? 
primary 'Kallas, A.'             14 ? 
primary 'Kotenyova, T.'          15 ? 
primary 'Lehtio, L.'             16 ? 
primary 'Moche, M.'              17 ? 
primary 'Nilsson, M.E.'          18 ? 
primary 'Nordlund, P.'           19 ? 
primary 'Nyman, T.'              20 ? 
primary 'Persson, C.'            21 ? 
primary 'Sagemark, J.'           22 ? 
primary 'Svensson, L.'           23 ? 
primary 'Thorsell, A.G.'         24 ? 
primary 'Tresaugues, L.'         25 ? 
primary 'Van Den Berg, S.'       26 ? 
primary 'Weigelt, J.'            27 ? 
primary 'Holmberg-Schiavone, L.' 28 ? 
# 
loop_
_entity.id 
_entity.type 
_entity.src_method 
_entity.pdbx_description 
_entity.formula_weight 
_entity.pdbx_number_of_molecules 
_entity.pdbx_ec 
_entity.pdbx_mutation 
_entity.pdbx_fragment 
_entity.details 
1 polymer     man 'Interferon-induced helicase C domain-containing protein 1' 24104.863 1   3.6.1.- ? 
'DECH domain: Residues 277-490' ? 
2 non-polymer syn 'SODIUM ION'                                                22.990    1   ?       ? ? ? 
3 water       nat water                                                       18.015    174 ?       ? ? ? 
# 
_entity_name_com.entity_id   1 
_entity_name_com.name        
;Interferon-induced with helicase C domain protein 1, Helicase with 2 CARD domains, Helicard, Melanoma differentiation-associated protein 5, MDA-5, RNA helicase-DEAD box protein 116, Murabutide down-regulated protein
;
# 
_entity_poly.entity_id                      1 
_entity_poly.type                           'polypeptide(L)' 
_entity_poly.nstd_linkage                   no 
_entity_poly.nstd_monomer                   no 
_entity_poly.pdbx_seq_one_letter_code       
;SMNSNMGSDSGTMGSDSDEENVAARASPEPELQLRPYQMEVAQPALEGKNIIICLPTGSGKTRVAVYIAKDHLDKKKKAS
EPGKVIVLVNKVLLVEQLFRKEFQPFLKKWYRVIGLSGDTQLKISFPEVVKSCDIIISTAQILENSLLNLENGEDAGVQL
SDFSLIIIDECHHTNKEAVYNNIMRHYLMQKLKNNRLKKENKPVIPLPQILGLTAS
;
_entity_poly.pdbx_seq_one_letter_code_can   
;SMNSNMGSDSGTMGSDSDEENVAARASPEPELQLRPYQMEVAQPALEGKNIIICLPTGSGKTRVAVYIAKDHLDKKKKAS
EPGKVIVLVNKVLLVEQLFRKEFQPFLKKWYRVIGLSGDTQLKISFPEVVKSCDIIISTAQILENSLLNLENGEDAGVQL
SDFSLIIIDECHHTNKEAVYNNIMRHYLMQKLKNNRLKKENKPVIPLPQILGLTAS
;
_entity_poly.pdbx_strand_id                 A 
_entity_poly.pdbx_target_identifier         ? 
# 
loop_
_pdbx_entity_nonpoly.entity_id 
_pdbx_entity_nonpoly.name 
_pdbx_entity_nonpoly.comp_id 
2 'SODIUM ION' NA  
3 water        HOH 
# 
loop_
_entity_poly_seq.entity_id 
_entity_poly_seq.num 
_entity_poly_seq.mon_id 
_entity_poly_seq.hetero 
1 1   SER n 
1 2   MET n 
1 3   ASN n 
1 4   SER n 
1 5   ASN n 
1 6   MET n 
1 7   GLY n 
1 8   SER n 
1 9   ASP n 
1 10  SER n 
1 11  GLY n 
1 12  THR n 
1 13  MET n 
1 14  GLY n 
1 15  SER n 
1 16  ASP n 
1 17  SER n 
1 18  ASP n 
1 19  GLU n 
1 20  GLU n 
1 21  ASN n 
1 22  VAL n 
1 23  ALA n 
1 24  ALA n 
1 25  ARG n 
1 26  ALA n 
1 27  SER n 
1 28  PRO n 
1 29  GLU n 
1 30  PRO n 
1 31  GLU n 
1 32  LEU n 
1 33  GLN n 
1 34  LEU n 
1 35  ARG n 
1 36  PRO n 
1 37  TYR n 
1 38  GLN n 
1 39  MET n 
1 40  GLU n 
1 41  VAL n 
1 42  ALA n 
1 43  GLN n 
1 44  PRO n 
1 45  ALA n 
1 46  LEU n 
1 47  GLU n 
1 48  GLY n 
1 49  LYS n 
1 50  ASN n 
1 51  ILE n 
1 52  ILE n 
1 53  ILE n 
1 54  CYS n 
1 55  LEU n 
1 56  PRO n 
1 57  THR n 
1 58  GLY n 
1 59  SER n 
1 60  GLY n 
1 61  LYS n 
1 62  THR n 
1 63  ARG n 
1 64  VAL n 
1 65  ALA n 
1 66  VAL n 
1 67  TYR n 
1 68  ILE n 
1 69  ALA n 
1 70  LYS n 
1 71  ASP n 
1 72  HIS n 
1 73  LEU n 
1 74  ASP n 
1 75  LYS n 
1 76  LYS n 
1 77  LYS n 
1 78  LYS n 
1 79  ALA n 
1 80  SER n 
1 81  GLU n 
1 82  PRO n 
1 83  GLY n 
1 84  LYS n 
1 85  VAL n 
1 86  ILE n 
1 87  VAL n 
1 88  LEU n 
1 89  VAL n 
1 90  ASN n 
1 91  LYS n 
1 92  VAL n 
1 93  LEU n 
1 94  LEU n 
1 95  VAL n 
1 96  GLU n 
1 97  GLN n 
1 98  LEU n 
1 99  PHE n 
1 100 ARG n 
1 101 LYS n 
1 102 GLU n 
1 103 PHE n 
1 104 GLN n 
1 105 PRO n 
1 106 PHE n 
1 107 LEU n 
1 108 LYS n 
1 109 LYS n 
1 110 TRP n 
1 111 TYR n 
1 112 ARG n 
1 113 VAL n 
1 114 ILE n 
1 115 GLY n 
1 116 LEU n 
1 117 SER n 
1 118 GLY n 
1 119 ASP n 
1 120 THR n 
1 121 GLN n 
1 122 LEU n 
1 123 LYS n 
1 124 ILE n 
1 125 SER n 
1 126 PHE n 
1 127 PRO n 
1 128 GLU n 
1 129 VAL n 
1 130 VAL n 
1 131 LYS n 
1 132 SER n 
1 133 CYS n 
1 134 ASP n 
1 135 ILE n 
1 136 ILE n 
1 137 ILE n 
1 138 SER n 
1 139 THR n 
1 140 ALA n 
1 141 GLN n 
1 142 ILE n 
1 143 LEU n 
1 144 GLU n 
1 145 ASN n 
1 146 SER n 
1 147 LEU n 
1 148 LEU n 
1 149 ASN n 
1 150 LEU n 
1 151 GLU n 
1 152 ASN n 
1 153 GLY n 
1 154 GLU n 
1 155 ASP n 
1 156 ALA n 
1 157 GLY n 
1 158 VAL n 
1 159 GLN n 
1 160 LEU n 
1 161 SER n 
1 162 ASP n 
1 163 PHE n 
1 164 SER n 
1 165 LEU n 
1 166 ILE n 
1 167 ILE n 
1 168 ILE n 
1 169 ASP n 
1 170 GLU n 
1 171 CYS n 
1 172 HIS n 
1 173 HIS n 
1 174 THR n 
1 175 ASN n 
1 176 LYS n 
1 177 GLU n 
1 178 ALA n 
1 179 VAL n 
1 180 TYR n 
1 181 ASN n 
1 182 ASN n 
1 183 ILE n 
1 184 MET n 
1 185 ARG n 
1 186 HIS n 
1 187 TYR n 
1 188 LEU n 
1 189 MET n 
1 190 GLN n 
1 191 LYS n 
1 192 LEU n 
1 193 LYS n 
1 194 ASN n 
1 195 ASN n 
1 196 ARG n 
1 197 LEU n 
1 198 LYS n 
1 199 LYS n 
1 200 GLU n 
1 201 ASN n 
1 202 LYS n 
1 203 PRO n 
1 204 VAL n 
1 205 ILE n 
1 206 PRO n 
1 207 LEU n 
1 208 PRO n 
1 209 GLN n 
1 210 ILE n 
1 211 LEU n 
1 212 GLY n 
1 213 LEU n 
1 214 THR n 
1 215 ALA n 
1 216 SER n 
# 
_entity_src_gen.entity_id                          1 
_entity_src_gen.pdbx_src_id                        1 
_entity_src_gen.pdbx_alt_source_flag               sample 
_entity_src_gen.pdbx_seq_type                      ? 
_entity_src_gen.pdbx_beg_seq_num                   ? 
_entity_src_gen.pdbx_end_seq_num                   ? 
_entity_src_gen.gene_src_common_name               human 
_entity_src_gen.gene_src_genus                     Homo 
_entity_src_gen.pdbx_gene_src_gene                 'IFIH1, MDA5, RH116' 
_entity_src_gen.gene_src_species                   ? 
_entity_src_gen.gene_src_strain                    ? 
_entity_src_gen.gene_src_tissue                    ? 
_entity_src_gen.gene_src_tissue_fraction           ? 
_entity_src_gen.gene_src_details                   ? 
_entity_src_gen.pdbx_gene_src_fragment             ? 
_entity_src_gen.pdbx_gene_src_scientific_name      'Homo sapiens' 
_entity_src_gen.pdbx_gene_src_ncbi_taxonomy_id     9606 
_entity_src_gen.pdbx_gene_src_variant              ? 
_entity_src_gen.pdbx_gene_src_cell_line            ? 
_entity_src_gen.pdbx_gene_src_atcc                 ? 
_entity_src_gen.pdbx_gene_src_organ                ? 
_entity_src_gen.pdbx_gene_src_organelle            ? 
_entity_src_gen.pdbx_gene_src_cell                 ? 
_entity_src_gen.pdbx_gene_src_cellular_location    ? 
_entity_src_gen.host_org_common_name               ? 
_entity_src_gen.pdbx_host_org_scientific_name      'Escherichia coli' 
_entity_src_gen.pdbx_host_org_ncbi_taxonomy_id     562 
_entity_src_gen.host_org_genus                     Escherichia 
_entity_src_gen.pdbx_host_org_gene                 ? 
_entity_src_gen.pdbx_host_org_organ                ? 
_entity_src_gen.host_org_species                   ? 
_entity_src_gen.pdbx_host_org_tissue               ? 
_entity_src_gen.pdbx_host_org_tissue_fraction      ? 
_entity_src_gen.pdbx_host_org_strain               'BL21(DE3) gold pRARE2' 
_entity_src_gen.pdbx_host_org_variant              ? 
_entity_src_gen.pdbx_host_org_cell_line            ? 
_entity_src_gen.pdbx_host_org_atcc                 ? 
_entity_src_gen.pdbx_host_org_culture_collection   ? 
_entity_src_gen.pdbx_host_org_cell                 ? 
_entity_src_gen.pdbx_host_org_organelle            ? 
_entity_src_gen.pdbx_host_org_cellular_location    ? 
_entity_src_gen.pdbx_host_org_vector_type          Plasmid 
_entity_src_gen.pdbx_host_org_vector               ? 
_entity_src_gen.host_org_details                   ? 
_entity_src_gen.expression_system_id               ? 
_entity_src_gen.plasmid_name                       pNIC-Bsa4 
_entity_src_gen.plasmid_details                    ? 
_entity_src_gen.pdbx_description                   ? 
# 
loop_
_chem_comp.id 
_chem_comp.type 
_chem_comp.mon_nstd_flag 
_chem_comp.name 
_chem_comp.pdbx_synonyms 
_chem_comp.formula 
_chem_comp.formula_weight 
ALA 'L-peptide linking' y ALANINE         ? 'C3 H7 N O2'     89.093  
ARG 'L-peptide linking' y ARGININE        ? 'C6 H15 N4 O2 1' 175.209 
ASN 'L-peptide linking' y ASPARAGINE      ? 'C4 H8 N2 O3'    132.118 
ASP 'L-peptide linking' y 'ASPARTIC ACID' ? 'C4 H7 N O4'     133.103 
CYS 'L-peptide linking' y CYSTEINE        ? 'C3 H7 N O2 S'   121.158 
GLN 'L-peptide linking' y GLUTAMINE       ? 'C5 H10 N2 O3'   146.144 
GLU 'L-peptide linking' y 'GLUTAMIC ACID' ? 'C5 H9 N O4'     147.129 
GLY 'peptide linking'   y GLYCINE         ? 'C2 H5 N O2'     75.067  
HIS 'L-peptide linking' y HISTIDINE       ? 'C6 H10 N3 O2 1' 156.162 
HOH non-polymer         . WATER           ? 'H2 O'           18.015  
ILE 'L-peptide linking' y ISOLEUCINE      ? 'C6 H13 N O2'    131.173 
LEU 'L-peptide linking' y LEUCINE         ? 'C6 H13 N O2'    131.173 
LYS 'L-peptide linking' y LYSINE          ? 'C6 H15 N2 O2 1' 147.195 
MET 'L-peptide linking' y METHIONINE      ? 'C5 H11 N O2 S'  149.211 
NA  non-polymer         . 'SODIUM ION'    ? 'Na 1'           22.990  
PHE 'L-peptide linking' y PHENYLALANINE   ? 'C9 H11 N O2'    165.189 
PRO 'L-peptide linking' y PROLINE         ? 'C5 H9 N O2'     115.130 
SER 'L-peptide linking' y SERINE          ? 'C3 H7 N O3'     105.093 
THR 'L-peptide linking' y THREONINE       ? 'C4 H9 N O3'     119.119 
TRP 'L-peptide linking' y TRYPTOPHAN      ? 'C11 H12 N2 O2'  204.225 
TYR 'L-peptide linking' y TYROSINE        ? 'C9 H11 N O3'    181.189 
VAL 'L-peptide linking' y VALINE          ? 'C5 H11 N O2'    117.146 
# 
loop_
_pdbx_poly_seq_scheme.asym_id 
_pdbx_poly_seq_scheme.entity_id 
_pdbx_poly_seq_scheme.seq_id 
_pdbx_poly_seq_scheme.mon_id 
_pdbx_poly_seq_scheme.ndb_seq_num 
_pdbx_poly_seq_scheme.pdb_seq_num 
_pdbx_poly_seq_scheme.auth_seq_num 
_pdbx_poly_seq_scheme.pdb_mon_id 
_pdbx_poly_seq_scheme.auth_mon_id 
_pdbx_poly_seq_scheme.pdb_strand_id 
_pdbx_poly_seq_scheme.pdb_ins_code 
_pdbx_poly_seq_scheme.hetero 
A 1 1   SER 1   275 ?   ?   ?   A . n 
A 1 2   MET 2   276 ?   ?   ?   A . n 
A 1 3   ASN 3   277 ?   ?   ?   A . n 
A 1 4   SER 4   278 ?   ?   ?   A . n 
A 1 5   ASN 5   279 ?   ?   ?   A . n 
A 1 6   MET 6   280 ?   ?   ?   A . n 
A 1 7   GLY 7   281 ?   ?   ?   A . n 
A 1 8   SER 8   282 ?   ?   ?   A . n 
A 1 9   ASP 9   283 ?   ?   ?   A . n 
A 1 10  SER 10  284 ?   ?   ?   A . n 
A 1 11  GLY 11  285 ?   ?   ?   A . n 
A 1 12  THR 12  286 ?   ?   ?   A . n 
A 1 13  MET 13  287 ?   ?   ?   A . n 
A 1 14  GLY 14  288 ?   ?   ?   A . n 
A 1 15  SER 15  289 ?   ?   ?   A . n 
A 1 16  ASP 16  290 ?   ?   ?   A . n 
A 1 17  SER 17  291 ?   ?   ?   A . n 
A 1 18  ASP 18  292 292 ASP ASP A . n 
A 1 19  GLU 19  293 293 GLU GLU A . n 
A 1 20  GLU 20  294 294 GLU GLU A . n 
A 1 21  ASN 21  295 295 ASN ASN A . n 
A 1 22  VAL 22  296 296 VAL VAL A . n 
A 1 23  ALA 23  297 297 ALA ALA A . n 
A 1 24  ALA 24  298 298 ALA ALA A . n 
A 1 25  ARG 25  299 299 ARG ARG A . n 
A 1 26  ALA 26  300 300 ALA ALA A . n 
A 1 27  SER 27  301 301 SER SER A . n 
A 1 28  PRO 28  302 302 PRO PRO A . n 
A 1 29  GLU 29  303 303 GLU GLU A . n 
A 1 30  PRO 30  304 304 PRO PRO A . n 
A 1 31  GLU 31  305 305 GLU GLU A . n 
A 1 32  LEU 32  306 306 LEU LEU A . n 
A 1 33  GLN 33  307 307 GLN GLN A . n 
A 1 34  LEU 34  308 308 LEU LEU A . n 
A 1 35  ARG 35  309 309 ARG ARG A . n 
A 1 36  PRO 36  310 310 PRO PRO A . n 
A 1 37  TYR 37  311 311 TYR TYR A . n 
A 1 38  GLN 38  312 312 GLN GLN A . n 
A 1 39  MET 39  313 313 MET MET A . n 
A 1 40  GLU 40  314 314 GLU GLU A . n 
A 1 41  VAL 41  315 315 VAL VAL A . n 
A 1 42  ALA 42  316 316 ALA ALA A . n 
A 1 43  GLN 43  317 317 GLN GLN A . n 
A 1 44  PRO 44  318 318 PRO PRO A . n 
A 1 45  ALA 45  319 319 ALA ALA A . n 
A 1 46  LEU 46  320 320 LEU LEU A . n 
A 1 47  GLU 47  321 321 GLU GLU A . n 
A 1 48  GLY 48  322 322 GLY GLY A . n 
A 1 49  LYS 49  323 323 LYS LYS A . n 
A 1 50  ASN 50  324 324 ASN ASN A . n 
A 1 51  ILE 51  325 325 ILE ILE A . n 
A 1 52  ILE 52  326 326 ILE ILE A . n 
A 1 53  ILE 53  327 327 ILE ILE A . n 
A 1 54  CYS 54  328 328 CYS CYS A . n 
A 1 55  LEU 55  329 329 LEU LEU A . n 
A 1 56  PRO 56  330 330 PRO PRO A . n 
A 1 57  THR 57  331 331 THR THR A . n 
A 1 58  GLY 58  332 332 GLY GLY A . n 
A 1 59  SER 59  333 333 SER SER A . n 
A 1 60  GLY 60  334 334 GLY GLY A . n 
A 1 61  LYS 61  335 335 LYS LYS A . n 
A 1 62  THR 62  336 336 THR THR A . n 
A 1 63  ARG 63  337 337 ARG ARG A . n 
A 1 64  VAL 64  338 338 VAL VAL A . n 
A 1 65  ALA 65  339 339 ALA ALA A . n 
A 1 66  VAL 66  340 340 VAL VAL A . n 
A 1 67  TYR 67  341 341 TYR TYR A . n 
A 1 68  ILE 68  342 342 ILE ILE A . n 
A 1 69  ALA 69  343 343 ALA ALA A . n 
A 1 70  LYS 70  344 344 LYS LYS A . n 
A 1 71  ASP 71  345 345 ASP ASP A . n 
A 1 72  HIS 72  346 346 HIS HIS A . n 
A 1 73  LEU 73  347 347 LEU LEU A . n 
A 1 74  ASP 74  348 348 ASP ASP A . n 
A 1 75  LYS 75  349 349 LYS LYS A . n 
A 1 76  LYS 76  350 350 LYS LYS A . n 
A 1 77  LYS 77  351 351 LYS LYS A . n 
A 1 78  LYS 78  352 352 LYS LYS A . n 
A 1 79  ALA 79  353 353 ALA ALA A . n 
A 1 80  SER 80  354 354 SER SER A . n 
A 1 81  GLU 81  355 355 GLU GLU A . n 
A 1 82  PRO 82  356 356 PRO PRO A . n 
A 1 83  GLY 83  357 357 GLY GLY A . n 
A 1 84  LYS 84  358 358 LYS LYS A . n 
A 1 85  VAL 85  359 359 VAL VAL A . n 
A 1 86  ILE 86  360 360 ILE ILE A . n 
A 1 87  VAL 87  361 361 VAL VAL A . n 
A 1 88  LEU 88  362 362 LEU LEU A . n 
A 1 89  VAL 89  363 363 VAL VAL A . n 
A 1 90  ASN 90  364 364 ASN ASN A . n 
A 1 91  LYS 91  365 365 LYS LYS A . n 
A 1 92  VAL 92  366 366 VAL VAL A . n 
A 1 93  LEU 93  367 367 LEU LEU A . n 
A 1 94  LEU 94  368 368 LEU LEU A . n 
A 1 95  VAL 95  369 369 VAL VAL A . n 
A 1 96  GLU 96  370 370 GLU GLU A . n 
A 1 97  GLN 97  371 371 GLN GLN A . n 
A 1 98  LEU 98  372 372 LEU LEU A . n 
A 1 99  PHE 99  373 373 PHE PHE A . n 
A 1 100 ARG 100 374 374 ARG ARG A . n 
A 1 101 LYS 101 375 375 LYS LYS A . n 
A 1 102 GLU 102 376 376 GLU GLU A . n 
A 1 103 PHE 103 377 377 PHE PHE A . n 
A 1 104 GLN 104 378 378 GLN GLN A . n 
A 1 105 PRO 105 379 379 PRO PRO A . n 
A 1 106 PHE 106 380 380 PHE PHE A . n 
A 1 107 LEU 107 381 381 LEU LEU A . n 
A 1 108 LYS 108 382 382 LYS LYS A . n 
A 1 109 LYS 109 383 383 LYS LYS A . n 
A 1 110 TRP 110 384 384 TRP TRP A . n 
A 1 111 TYR 111 385 385 TYR TYR A . n 
A 1 112 ARG 112 386 386 ARG ARG A . n 
A 1 113 VAL 113 387 387 VAL VAL A . n 
A 1 114 ILE 114 388 388 ILE ILE A . n 
A 1 115 GLY 115 389 389 GLY GLY A . n 
A 1 116 LEU 116 390 390 LEU LEU A . n 
A 1 117 SER 117 391 391 SER SER A . n 
A 1 118 GLY 118 392 392 GLY GLY A . n 
A 1 119 ASP 119 393 ?   ?   ?   A . n 
A 1 120 THR 120 394 ?   ?   ?   A . n 
A 1 121 GLN 121 395 ?   ?   ?   A . n 
A 1 122 LEU 122 396 396 LEU LEU A . n 
A 1 123 LYS 123 397 397 LYS LYS A . n 
A 1 124 ILE 124 398 398 ILE ILE A . n 
A 1 125 SER 125 399 399 SER SER A . n 
A 1 126 PHE 126 400 400 PHE PHE A . n 
A 1 127 PRO 127 401 401 PRO PRO A . n 
A 1 128 GLU 128 402 402 GLU GLU A . n 
A 1 129 VAL 129 403 403 VAL VAL A . n 
A 1 130 VAL 130 404 404 VAL VAL A . n 
A 1 131 LYS 131 405 405 LYS LYS A . n 
A 1 132 SER 132 406 406 SER SER A . n 
A 1 133 CYS 133 407 407 CYS CYS A . n 
A 1 134 ASP 134 408 408 ASP ASP A . n 
A 1 135 ILE 135 409 409 ILE ILE A . n 
A 1 136 ILE 136 410 410 ILE ILE A . n 
A 1 137 ILE 137 411 411 ILE ILE A . n 
A 1 138 SER 138 412 412 SER SER A . n 
A 1 139 THR 139 413 413 THR THR A . n 
A 1 140 ALA 140 414 414 ALA ALA A . n 
A 1 141 GLN 141 415 415 GLN GLN A . n 
A 1 142 ILE 142 416 416 ILE ILE A . n 
A 1 143 LEU 143 417 417 LEU LEU A . n 
A 1 144 GLU 144 418 418 GLU GLU A . n 
A 1 145 ASN 145 419 419 ASN ASN A . n 
A 1 146 SER 146 420 420 SER SER A . n 
A 1 147 LEU 147 421 421 LEU LEU A . n 
A 1 148 LEU 148 422 422 LEU LEU A . n 
A 1 149 ASN 149 423 423 ASN ASN A . n 
A 1 150 LEU 150 424 ?   ?   ?   A . n 
A 1 151 GLU 151 425 ?   ?   ?   A . n 
A 1 152 ASN 152 426 ?   ?   ?   A . n 
A 1 153 GLY 153 427 ?   ?   ?   A . n 
A 1 154 GLU 154 428 ?   ?   ?   A . n 
A 1 155 ASP 155 429 ?   ?   ?   A . n 
A 1 156 ALA 156 430 ?   ?   ?   A . n 
A 1 157 GLY 157 431 431 GLY GLY A . n 
A 1 158 VAL 158 432 432 VAL VAL A . n 
A 1 159 GLN 159 433 433 GLN GLN A . n 
A 1 160 LEU 160 434 434 LEU LEU A . n 
A 1 161 SER 161 435 435 SER SER A . n 
A 1 162 ASP 162 436 436 ASP ASP A . n 
A 1 163 PHE 163 437 437 PHE PHE A . n 
A 1 164 SER 164 438 438 SER SER A . n 
A 1 165 LEU 165 439 439 LEU LEU A . n 
A 1 166 ILE 166 440 440 ILE ILE A . n 
A 1 167 ILE 167 441 441 ILE ILE A . n 
A 1 168 ILE 168 442 442 ILE ILE A . n 
A 1 169 ASP 169 443 443 ASP ASP A . n 
A 1 170 GLU 170 444 444 GLU GLU A . n 
A 1 171 CYS 171 445 445 CYS CYS A . n 
A 1 172 HIS 172 446 ?   ?   ?   A . n 
A 1 173 HIS 173 447 ?   ?   ?   A . n 
A 1 174 THR 174 448 ?   ?   ?   A . n 
A 1 175 ASN 175 449 ?   ?   ?   A . n 
A 1 176 LYS 176 450 ?   ?   ?   A . n 
A 1 177 GLU 177 451 ?   ?   ?   A . n 
A 1 178 ALA 178 452 ?   ?   ?   A . n 
A 1 179 VAL 179 453 453 VAL VAL A . n 
A 1 180 TYR 180 454 454 TYR TYR A . n 
A 1 181 ASN 181 455 455 ASN ASN A . n 
A 1 182 ASN 182 456 456 ASN ASN A . n 
A 1 183 ILE 183 457 457 ILE ILE A . n 
A 1 184 MET 184 458 458 MET MET A . n 
A 1 185 ARG 185 459 459 ARG ARG A . n 
A 1 186 HIS 186 460 460 HIS HIS A . n 
A 1 187 TYR 187 461 461 TYR TYR A . n 
A 1 188 LEU 188 462 462 LEU LEU A . n 
A 1 189 MET 189 463 463 MET MET A . n 
A 1 190 GLN 190 464 464 GLN GLN A . n 
A 1 191 LYS 191 465 465 LYS LYS A . n 
A 1 192 LEU 192 466 466 LEU LEU A . n 
A 1 193 LYS 193 467 467 LYS LYS A . n 
A 1 194 ASN 194 468 468 ASN ASN A . n 
A 1 195 ASN 195 469 469 ASN ASN A . n 
A 1 196 ARG 196 470 470 ARG ARG A . n 
A 1 197 LEU 197 471 471 LEU LEU A . n 
A 1 198 LYS 198 472 472 LYS LYS A . n 
A 1 199 LYS 199 473 473 LYS LYS A . n 
A 1 200 GLU 200 474 474 GLU GLU A . n 
A 1 201 ASN 201 475 475 ASN ASN A . n 
A 1 202 LYS 202 476 476 LYS LYS A . n 
A 1 203 PRO 203 477 477 PRO PRO A . n 
A 1 204 VAL 204 478 478 VAL VAL A . n 
A 1 205 ILE 205 479 479 ILE ILE A . n 
A 1 206 PRO 206 480 480 PRO PRO A . n 
A 1 207 LEU 207 481 481 LEU LEU A . n 
A 1 208 PRO 208 482 482 PRO PRO A . n 
A 1 209 GLN 209 483 483 GLN GLN A . n 
A 1 210 ILE 210 484 484 ILE ILE A . n 
A 1 211 LEU 211 485 485 LEU LEU A . n 
A 1 212 GLY 212 486 486 GLY GLY A . n 
A 1 213 LEU 213 487 487 LEU LEU A . n 
A 1 214 THR 214 488 488 THR THR A . n 
A 1 215 ALA 215 489 489 ALA ALA A . n 
A 1 216 SER 216 490 490 SER SER A . n 
# 
loop_
_pdbx_nonpoly_scheme.asym_id 
_pdbx_nonpoly_scheme.entity_id 
_pdbx_nonpoly_scheme.mon_id 
_pdbx_nonpoly_scheme.ndb_seq_num 
_pdbx_nonpoly_scheme.pdb_seq_num 
_pdbx_nonpoly_scheme.auth_seq_num 
_pdbx_nonpoly_scheme.pdb_mon_id 
_pdbx_nonpoly_scheme.auth_mon_id 
_pdbx_nonpoly_scheme.pdb_strand_id 
_pdbx_nonpoly_scheme.pdb_ins_code 
B 2 NA  1   600 600 NA  NA  A . 
C 3 HOH 1   1   1   HOH HOH A . 
C 3 HOH 2   2   2   HOH HOH A . 
C 3 HOH 3   3   3   HOH HOH A . 
C 3 HOH 4   4   4   HOH HOH A . 
C 3 HOH 5   5   5   HOH HOH A . 
C 3 HOH 6   6   6   HOH HOH A . 
C 3 HOH 7   7   7   HOH HOH A . 
C 3 HOH 8   8   8   HOH HOH A . 
C 3 HOH 9   9   9   HOH HOH A . 
C 3 HOH 10  10  10  HOH HOH A . 
C 3 HOH 11  11  11  HOH HOH A . 
C 3 HOH 12  12  12  HOH HOH A . 
C 3 HOH 13  13  13  HOH HOH A . 
C 3 HOH 14  14  14  HOH HOH A . 
C 3 HOH 15  15  15  HOH HOH A . 
C 3 HOH 16  16  16  HOH HOH A . 
C 3 HOH 17  17  17  HOH HOH A . 
C 3 HOH 18  18  18  HOH HOH A . 
C 3 HOH 19  19  19  HOH HOH A . 
C 3 HOH 20  20  20  HOH HOH A . 
C 3 HOH 21  21  21  HOH HOH A . 
C 3 HOH 22  22  22  HOH HOH A . 
C 3 HOH 23  23  23  HOH HOH A . 
C 3 HOH 24  24  24  HOH HOH A . 
C 3 HOH 25  25  25  HOH HOH A . 
C 3 HOH 26  26  26  HOH HOH A . 
C 3 HOH 27  27  27  HOH HOH A . 
C 3 HOH 28  28  28  HOH HOH A . 
C 3 HOH 29  29  29  HOH HOH A . 
C 3 HOH 30  30  30  HOH HOH A . 
C 3 HOH 31  31  31  HOH HOH A . 
C 3 HOH 32  32  32  HOH HOH A . 
C 3 HOH 33  33  33  HOH HOH A . 
C 3 HOH 34  34  34  HOH HOH A . 
C 3 HOH 35  35  35  HOH HOH A . 
C 3 HOH 36  36  36  HOH HOH A . 
C 3 HOH 37  37  37  HOH HOH A . 
C 3 HOH 38  38  38  HOH HOH A . 
C 3 HOH 39  39  39  HOH HOH A . 
C 3 HOH 40  40  40  HOH HOH A . 
C 3 HOH 41  41  41  HOH HOH A . 
C 3 HOH 42  42  42  HOH HOH A . 
C 3 HOH 43  43  43  HOH HOH A . 
C 3 HOH 44  44  44  HOH HOH A . 
C 3 HOH 45  45  45  HOH HOH A . 
C 3 HOH 46  46  46  HOH HOH A . 
C 3 HOH 47  47  47  HOH HOH A . 
C 3 HOH 48  48  48  HOH HOH A . 
C 3 HOH 49  49  49  HOH HOH A . 
C 3 HOH 50  50  50  HOH HOH A . 
C 3 HOH 51  51  51  HOH HOH A . 
C 3 HOH 52  52  52  HOH HOH A . 
C 3 HOH 53  53  53  HOH HOH A . 
C 3 HOH 54  54  54  HOH HOH A . 
C 3 HOH 55  55  55  HOH HOH A . 
C 3 HOH 56  56  56  HOH HOH A . 
C 3 HOH 57  57  57  HOH HOH A . 
C 3 HOH 58  58  58  HOH HOH A . 
C 3 HOH 59  59  59  HOH HOH A . 
C 3 HOH 60  60  60  HOH HOH A . 
C 3 HOH 61  61  61  HOH HOH A . 
C 3 HOH 62  62  62  HOH HOH A . 
C 3 HOH 63  63  63  HOH HOH A . 
C 3 HOH 64  64  64  HOH HOH A . 
C 3 HOH 65  65  65  HOH HOH A . 
C 3 HOH 66  66  66  HOH HOH A . 
C 3 HOH 67  67  67  HOH HOH A . 
C 3 HOH 68  68  68  HOH HOH A . 
C 3 HOH 69  69  69  HOH HOH A . 
C 3 HOH 70  70  70  HOH HOH A . 
C 3 HOH 71  71  71  HOH HOH A . 
C 3 HOH 72  72  72  HOH HOH A . 
C 3 HOH 73  73  73  HOH HOH A . 
C 3 HOH 74  74  74  HOH HOH A . 
C 3 HOH 75  75  75  HOH HOH A . 
C 3 HOH 76  76  76  HOH HOH A . 
C 3 HOH 77  77  77  HOH HOH A . 
C 3 HOH 78  78  78  HOH HOH A . 
C 3 HOH 79  79  79  HOH HOH A . 
C 3 HOH 80  80  80  HOH HOH A . 
C 3 HOH 81  81  81  HOH HOH A . 
C 3 HOH 82  82  82  HOH HOH A . 
C 3 HOH 83  83  83  HOH HOH A . 
C 3 HOH 84  84  84  HOH HOH A . 
C 3 HOH 85  85  85  HOH HOH A . 
C 3 HOH 86  86  86  HOH HOH A . 
C 3 HOH 87  87  87  HOH HOH A . 
C 3 HOH 88  88  88  HOH HOH A . 
C 3 HOH 89  89  89  HOH HOH A . 
C 3 HOH 90  90  90  HOH HOH A . 
C 3 HOH 91  91  91  HOH HOH A . 
C 3 HOH 92  92  92  HOH HOH A . 
C 3 HOH 93  93  93  HOH HOH A . 
C 3 HOH 94  94  94  HOH HOH A . 
C 3 HOH 95  95  95  HOH HOH A . 
C 3 HOH 96  96  96  HOH HOH A . 
C 3 HOH 97  97  97  HOH HOH A . 
C 3 HOH 98  98  98  HOH HOH A . 
C 3 HOH 99  99  99  HOH HOH A . 
C 3 HOH 100 100 100 HOH HOH A . 
C 3 HOH 101 101 101 HOH HOH A . 
C 3 HOH 102 102 102 HOH HOH A . 
C 3 HOH 103 103 103 HOH HOH A . 
C 3 HOH 104 104 104 HOH HOH A . 
C 3 HOH 105 105 105 HOH HOH A . 
C 3 HOH 106 106 106 HOH HOH A . 
C 3 HOH 107 107 107 HOH HOH A . 
C 3 HOH 108 108 108 HOH HOH A . 
C 3 HOH 109 109 109 HOH HOH A . 
C 3 HOH 110 110 110 HOH HOH A . 
C 3 HOH 111 111 111 HOH HOH A . 
C 3 HOH 112 112 112 HOH HOH A . 
C 3 HOH 113 113 113 HOH HOH A . 
C 3 HOH 114 114 114 HOH HOH A . 
C 3 HOH 115 115 115 HOH HOH A . 
C 3 HOH 116 116 116 HOH HOH A . 
C 3 HOH 117 117 117 HOH HOH A . 
C 3 HOH 118 118 118 HOH HOH A . 
C 3 HOH 119 119 119 HOH HOH A . 
C 3 HOH 120 120 120 HOH HOH A . 
C 3 HOH 121 121 121 HOH HOH A . 
C 3 HOH 122 122 122 HOH HOH A . 
C 3 HOH 123 123 123 HOH HOH A . 
C 3 HOH 124 124 124 HOH HOH A . 
C 3 HOH 125 125 125 HOH HOH A . 
C 3 HOH 126 126 126 HOH HOH A . 
C 3 HOH 127 127 127 HOH HOH A . 
C 3 HOH 128 128 128 HOH HOH A . 
C 3 HOH 129 129 129 HOH HOH A . 
C 3 HOH 130 130 130 HOH HOH A . 
C 3 HOH 131 131 131 HOH HOH A . 
C 3 HOH 132 132 132 HOH HOH A . 
C 3 HOH 133 133 133 HOH HOH A . 
C 3 HOH 134 134 134 HOH HOH A . 
C 3 HOH 135 135 135 HOH HOH A . 
C 3 HOH 136 136 136 HOH HOH A . 
C 3 HOH 137 137 137 HOH HOH A . 
C 3 HOH 138 138 138 HOH HOH A . 
C 3 HOH 139 139 139 HOH HOH A . 
C 3 HOH 140 140 140 HOH HOH A . 
C 3 HOH 141 141 141 HOH HOH A . 
C 3 HOH 142 142 142 HOH HOH A . 
C 3 HOH 143 143 143 HOH HOH A . 
C 3 HOH 144 144 144 HOH HOH A . 
C 3 HOH 145 145 145 HOH HOH A . 
C 3 HOH 146 146 146 HOH HOH A . 
C 3 HOH 147 147 147 HOH HOH A . 
C 3 HOH 148 148 148 HOH HOH A . 
C 3 HOH 149 149 149 HOH HOH A . 
C 3 HOH 150 150 150 HOH HOH A . 
C 3 HOH 151 151 151 HOH HOH A . 
C 3 HOH 152 152 152 HOH HOH A . 
C 3 HOH 153 153 153 HOH HOH A . 
C 3 HOH 154 154 154 HOH HOH A . 
C 3 HOH 155 155 155 HOH HOH A . 
C 3 HOH 156 156 156 HOH HOH A . 
C 3 HOH 157 157 157 HOH HOH A . 
C 3 HOH 158 158 158 HOH HOH A . 
C 3 HOH 159 159 159 HOH HOH A . 
C 3 HOH 160 160 160 HOH HOH A . 
C 3 HOH 161 161 161 HOH HOH A . 
C 3 HOH 162 162 162 HOH HOH A . 
C 3 HOH 163 163 163 HOH HOH A . 
C 3 HOH 164 164 164 HOH HOH A . 
C 3 HOH 165 165 165 HOH HOH A . 
C 3 HOH 166 166 166 HOH HOH A . 
C 3 HOH 167 167 167 HOH HOH A . 
C 3 HOH 168 168 168 HOH HOH A . 
C 3 HOH 169 169 169 HOH HOH A . 
C 3 HOH 170 170 170 HOH HOH A . 
C 3 HOH 171 171 171 HOH HOH A . 
C 3 HOH 172 172 172 HOH HOH A . 
C 3 HOH 173 173 173 HOH HOH A . 
C 3 HOH 174 174 174 HOH HOH A . 
# 
loop_
_pdbx_unobs_or_zero_occ_atoms.id 
_pdbx_unobs_or_zero_occ_atoms.PDB_model_num 
_pdbx_unobs_or_zero_occ_atoms.polymer_flag 
_pdbx_unobs_or_zero_occ_atoms.occupancy_flag 
_pdbx_unobs_or_zero_occ_atoms.auth_asym_id 
_pdbx_unobs_or_zero_occ_atoms.auth_comp_id 
_pdbx_unobs_or_zero_occ_atoms.auth_seq_id 
_pdbx_unobs_or_zero_occ_atoms.PDB_ins_code 
_pdbx_unobs_or_zero_occ_atoms.auth_atom_id 
_pdbx_unobs_or_zero_occ_atoms.label_alt_id 
_pdbx_unobs_or_zero_occ_atoms.label_asym_id 
_pdbx_unobs_or_zero_occ_atoms.label_comp_id 
_pdbx_unobs_or_zero_occ_atoms.label_seq_id 
_pdbx_unobs_or_zero_occ_atoms.label_atom_id 
1 1 Y 1 A ASN 423 ? CG  ? A ASN 149 CG  
2 1 Y 1 A ASN 423 ? OD1 ? A ASN 149 OD1 
3 1 Y 1 A ASN 423 ? ND2 ? A ASN 149 ND2 
# 
loop_
_software.name 
_software.classification 
_software.version 
_software.citation_id 
_software.pdbx_ordinal 
REFMAC refinement        5.3.0040 ? 1 
MAR345 'data collection' CCD      ? 2 
XDS    'data reduction'  .        ? 3 
XSCALE 'data scaling'    .        ? 4 
SHELX  phasing           .        ? 5 
# 
_cell.entry_id           3B6E 
_cell.length_a           72.830 
_cell.length_b           72.830 
_cell.length_c           182.780 
_cell.angle_alpha        90.00 
_cell.angle_beta         90.00 
_cell.angle_gamma        120.00 
_cell.Z_PDB              12 
_cell.pdbx_unique_axis   ? 
_cell.length_a_esd       ? 
_cell.length_b_esd       ? 
_cell.length_c_esd       ? 
_cell.angle_alpha_esd    ? 
_cell.angle_beta_esd     ? 
_cell.angle_gamma_esd    ? 
# 
_symmetry.entry_id                         3B6E 
_symmetry.space_group_name_H-M             'P 65 2 2' 
_symmetry.pdbx_full_space_group_name_H-M   ? 
_symmetry.cell_setting                     ? 
_symmetry.Int_Tables_number                179 
_symmetry.space_group_name_Hall            ? 
# 
_exptl.entry_id          3B6E 
_exptl.method            'X-RAY DIFFRACTION' 
_exptl.crystals_number   1 
# 
_exptl_crystal.id                    1 
_exptl_crystal.density_meas          ? 
_exptl_crystal.density_Matthews      2.90 
_exptl_crystal.density_percent_sol   57.62 
_exptl_crystal.description           ? 
_exptl_crystal.F_000                 ? 
_exptl_crystal.preparation           ? 
# 
_exptl_crystal_grow.crystal_id      1 
_exptl_crystal_grow.method          'VAPOR DIFFUSION, SITTING DROP' 
_exptl_crystal_grow.temp            298 
_exptl_crystal_grow.temp_details    ? 
_exptl_crystal_grow.pH              8.0 
_exptl_crystal_grow.pdbx_details    '1.2M Sodium citrate, 0.1M Tris-HCl, pH 8.0, VAPOR DIFFUSION, SITTING DROP, temperature 298K' 
_exptl_crystal_grow.pdbx_pH_range   . 
# 
_diffrn.id                     1 
_diffrn.ambient_temp           100 
_diffrn.ambient_temp_details   ? 
_diffrn.crystal_id             1 
# 
_diffrn_detector.diffrn_id              1 
_diffrn_detector.detector               CCD 
_diffrn_detector.type                   'MARMOSAIC 225 mm CCD' 
_diffrn_detector.pdbx_collection_date   2007-06-12 
_diffrn_detector.details                Mirrors 
# 
_diffrn_radiation.diffrn_id                        1 
_diffrn_radiation.wavelength_id                    1 
_diffrn_radiation.pdbx_monochromatic_or_laue_m_l   M 
_diffrn_radiation.monochromator                    'Si-111 crystal' 
_diffrn_radiation.pdbx_diffrn_protocol             'SINGLE WAVELENGTH' 
_diffrn_radiation.pdbx_scattering_type             x-ray 
# 
_diffrn_radiation_wavelength.id           1 
_diffrn_radiation_wavelength.wavelength   1.0000 
_diffrn_radiation_wavelength.wt           1.0 
# 
_diffrn_source.diffrn_id                   1 
_diffrn_source.source                      SYNCHROTRON 
_diffrn_source.type                        'BESSY BEAMLINE 14.1' 
_diffrn_source.pdbx_synchrotron_site       BESSY 
_diffrn_source.pdbx_synchrotron_beamline   14.1 
_diffrn_source.pdbx_wavelength             ? 
_diffrn_source.pdbx_wavelength_list        1.0000 
# 
_reflns.entry_id                     3B6E 
_reflns.observed_criterion_sigma_F   0 
_reflns.observed_criterion_sigma_I   0 
_reflns.d_resolution_high            1.60 
_reflns.d_resolution_low             20.0 
_reflns.number_all                   38652 
_reflns.number_obs                   38652 
_reflns.percent_possible_obs         99.7 
_reflns.pdbx_Rmerge_I_obs            0.047 
_reflns.pdbx_Rsym_value              0.033 
_reflns.pdbx_netI_over_sigmaI        37.7 
_reflns.B_iso_Wilson_estimate        ? 
_reflns.pdbx_redundancy              16 
_reflns.R_free_details               ? 
_reflns.limit_h_max                  ? 
_reflns.limit_h_min                  ? 
_reflns.limit_k_max                  ? 
_reflns.limit_k_min                  ? 
_reflns.limit_l_max                  ? 
_reflns.limit_l_min                  ? 
_reflns.observed_criterion_F_max     ? 
_reflns.observed_criterion_F_min     ? 
_reflns.pdbx_chi_squared             ? 
_reflns.pdbx_scaling_rejects         ? 
_reflns.pdbx_ordinal                 1 
_reflns.pdbx_diffrn_id               1 
# 
_reflns_shell.d_res_high             1.60 
_reflns_shell.d_res_low              1.70 
_reflns_shell.percent_possible_all   100 
_reflns_shell.Rmerge_I_obs           0.343 
_reflns_shell.pdbx_Rsym_value        0.196 
_reflns_shell.meanI_over_sigI_obs    7.4 
_reflns_shell.pdbx_redundancy        10 
_reflns_shell.percent_possible_obs   ? 
_reflns_shell.number_unique_all      6278 
_reflns_shell.number_measured_all    ? 
_reflns_shell.number_measured_obs    ? 
_reflns_shell.number_unique_obs      ? 
_reflns_shell.pdbx_chi_squared       ? 
_reflns_shell.pdbx_ordinal           1 
_reflns_shell.pdbx_diffrn_id         1 
# 
_refine.entry_id                                 3B6E 
_refine.ls_number_reflns_obs                     36717 
_refine.ls_number_reflns_all                     36717 
_refine.pdbx_ls_sigma_I                          0 
_refine.pdbx_ls_sigma_F                          0 
_refine.pdbx_data_cutoff_high_absF               ? 
_refine.pdbx_data_cutoff_low_absF                ? 
_refine.pdbx_data_cutoff_high_rms_absF           ? 
_refine.ls_d_res_low                             19.97 
_refine.ls_d_res_high                            1.60 
_refine.ls_percent_reflns_obs                    100.00 
_refine.ls_R_factor_obs                          0.18057 
_refine.ls_R_factor_all                          0.18057 
_refine.ls_R_factor_R_work                       0.17936 
_refine.ls_R_factor_R_free                       0.20371 
_refine.ls_R_factor_R_free_error                 ? 
_refine.ls_R_factor_R_free_error_details         ? 
_refine.ls_percent_reflns_R_free                 5.0 
_refine.ls_number_reflns_R_free                  1933 
_refine.ls_number_parameters                     ? 
_refine.ls_number_restraints                     ? 
_refine.occupancy_min                            ? 
_refine.occupancy_max                            ? 
_refine.correlation_coeff_Fo_to_Fc               0.957 
_refine.correlation_coeff_Fo_to_Fc_free          0.947 
_refine.B_iso_mean                               16.086 
_refine.aniso_B[1][1]                            0.18 
_refine.aniso_B[2][2]                            0.18 
_refine.aniso_B[3][3]                            -0.27 
_refine.aniso_B[1][2]                            0.09 
_refine.aniso_B[1][3]                            0.00 
_refine.aniso_B[2][3]                            0.00 
_refine.solvent_model_details                    MASK 
_refine.solvent_model_param_ksol                 ? 
_refine.solvent_model_param_bsol                 ? 
_refine.pdbx_solvent_vdw_probe_radii             1.20 
_refine.pdbx_solvent_ion_probe_radii             0.80 
_refine.pdbx_solvent_shrinkage_radii             0.80 
_refine.pdbx_ls_cross_valid_method               THROUGHOUT 
_refine.details                                  'HYDROGENS HAVE BEEN ADDED IN THE RIDING POSITIONS' 
_refine.pdbx_starting_model                      ? 
_refine.pdbx_method_to_determine_struct          SAD 
_refine.pdbx_isotropic_thermal_model             ? 
_refine.pdbx_stereochemistry_target_values       'MAXIMUM LIKELIHOOD' 
_refine.pdbx_stereochem_target_val_spec_case     ? 
_refine.pdbx_R_Free_selection_details            RANDOM 
_refine.pdbx_overall_ESU_R                       0.069 
_refine.pdbx_overall_ESU_R_Free                  0.071 
_refine.overall_SU_ML                            0.040 
_refine.overall_SU_B                             2.203 
_refine.ls_redundancy_reflns_obs                 ? 
_refine.B_iso_min                                ? 
_refine.B_iso_max                                ? 
_refine.overall_SU_R_Cruickshank_DPI             ? 
_refine.overall_SU_R_free                        ? 
_refine.ls_wR_factor_R_free                      ? 
_refine.ls_wR_factor_R_work                      ? 
_refine.overall_FOM_free_R_set                   ? 
_refine.overall_FOM_work_R_set                   ? 
_refine.pdbx_refine_id                           'X-RAY DIFFRACTION' 
_refine.pdbx_TLS_residual_ADP_flag               'LIKELY RESIDUAL' 
_refine.pdbx_diffrn_id                           1 
_refine.pdbx_overall_phase_error                 ? 
_refine.pdbx_overall_SU_R_free_Cruickshank_DPI   ? 
_refine.pdbx_overall_SU_R_Blow_DPI               ? 
_refine.pdbx_overall_SU_R_free_Blow_DPI          ? 
# 
_refine_hist.pdbx_refine_id                   'X-RAY DIFFRACTION' 
_refine_hist.cycle_id                         LAST 
_refine_hist.pdbx_number_atoms_protein        1441 
_refine_hist.pdbx_number_atoms_nucleic_acid   0 
_refine_hist.pdbx_number_atoms_ligand         1 
_refine_hist.number_atoms_solvent             174 
_refine_hist.number_atoms_total               1616 
_refine_hist.d_res_high                       1.60 
_refine_hist.d_res_low                        19.97 
# 
loop_
_refine_ls_restr.type 
_refine_ls_restr.dev_ideal 
_refine_ls_restr.dev_ideal_target 
_refine_ls_restr.weight 
_refine_ls_restr.number 
_refine_ls_restr.pdbx_refine_id 
_refine_ls_restr.pdbx_restraint_function 
r_bond_refined_d             0.015  0.022  ? 1519 'X-RAY DIFFRACTION' ? 
r_bond_other_d               0.001  0.020  ? 1080 'X-RAY DIFFRACTION' ? 
r_angle_refined_deg          1.536  2.007  ? 2060 'X-RAY DIFFRACTION' ? 
r_angle_other_deg            0.908  3.000  ? 2680 'X-RAY DIFFRACTION' ? 
r_dihedral_angle_1_deg       5.736  5.000  ? 195  'X-RAY DIFFRACTION' ? 
r_dihedral_angle_2_deg       36.570 25.085 ? 59   'X-RAY DIFFRACTION' ? 
r_dihedral_angle_3_deg       13.766 15.000 ? 309  'X-RAY DIFFRACTION' ? 
r_dihedral_angle_4_deg       16.808 15.000 ? 8    'X-RAY DIFFRACTION' ? 
r_chiral_restr               0.092  0.200  ? 246  'X-RAY DIFFRACTION' ? 
r_gen_planes_refined         0.006  0.020  ? 1616 'X-RAY DIFFRACTION' ? 
r_gen_planes_other           0.001  0.020  ? 263  'X-RAY DIFFRACTION' ? 
r_nbd_refined                0.220  0.200  ? 291  'X-RAY DIFFRACTION' ? 
r_nbd_other                  0.185  0.200  ? 1084 'X-RAY DIFFRACTION' ? 
r_nbtor_refined              0.176  0.200  ? 727  'X-RAY DIFFRACTION' ? 
r_nbtor_other                0.086  0.200  ? 802  'X-RAY DIFFRACTION' ? 
r_xyhbond_nbd_refined        0.191  0.200  ? 104  'X-RAY DIFFRACTION' ? 
r_xyhbond_nbd_other          ?      ?      ? ?    'X-RAY DIFFRACTION' ? 
r_metal_ion_refined          ?      ?      ? ?    'X-RAY DIFFRACTION' ? 
r_metal_ion_other            ?      ?      ? ?    'X-RAY DIFFRACTION' ? 
r_symmetry_vdw_refined       0.238  0.200  ? 11   'X-RAY DIFFRACTION' ? 
r_symmetry_vdw_other         0.263  0.200  ? 62   'X-RAY DIFFRACTION' ? 
r_symmetry_hbond_refined     0.116  0.200  ? 23   'X-RAY DIFFRACTION' ? 
r_symmetry_hbond_other       ?      ?      ? ?    'X-RAY DIFFRACTION' ? 
r_symmetry_metal_ion_refined ?      ?      ? ?    'X-RAY DIFFRACTION' ? 
r_symmetry_metal_ion_other   ?      ?      ? ?    'X-RAY DIFFRACTION' ? 
r_mcbond_it                  0.988  1.500  ? 940  'X-RAY DIFFRACTION' ? 
r_mcbond_other               0.263  1.500  ? 370  'X-RAY DIFFRACTION' ? 
r_mcangle_it                 1.847  2.000  ? 1541 'X-RAY DIFFRACTION' ? 
r_scbond_it                  2.781  3.000  ? 588  'X-RAY DIFFRACTION' ? 
r_scangle_it                 4.672  4.500  ? 511  'X-RAY DIFFRACTION' ? 
r_rigid_bond_restr           ?      ?      ? ?    'X-RAY DIFFRACTION' ? 
r_sphericity_free            ?      ?      ? ?    'X-RAY DIFFRACTION' ? 
r_sphericity_bonded          ?      ?      ? ?    'X-RAY DIFFRACTION' ? 
# 
_refine_ls_shell.pdbx_total_number_of_bins_used   20 
_refine_ls_shell.d_res_high                       1.600 
_refine_ls_shell.d_res_low                        1.641 
_refine_ls_shell.number_reflns_R_work             2641 
_refine_ls_shell.R_factor_R_work                  0.179 
_refine_ls_shell.percent_reflns_obs               100.00 
_refine_ls_shell.R_factor_R_free                  0.216 
_refine_ls_shell.R_factor_R_free_error            ? 
_refine_ls_shell.percent_reflns_R_free            ? 
_refine_ls_shell.number_reflns_R_free             139 
_refine_ls_shell.number_reflns_all                ? 
_refine_ls_shell.R_factor_all                     ? 
_refine_ls_shell.number_reflns_obs                ? 
_refine_ls_shell.redundancy_reflns_obs            ? 
_refine_ls_shell.pdbx_refine_id                   'X-RAY DIFFRACTION' 
# 
_struct.entry_id                  3B6E 
_struct.title                     
'Crystal structure of human DECH-box RNA Helicase MDA5 (Melanoma differentiation-associated protein 5), DECH-domain' 
_struct.pdbx_model_details        ? 
_struct.pdbx_CASP_flag            ? 
_struct.pdbx_model_type_details   ? 
# 
_struct_keywords.entry_id        3B6E 
_struct_keywords.pdbx_keywords   HYDROLASE 
_struct_keywords.text            
;DECH, DExD/H RNA-binding helicase, innate immunity, IFIH1, Structural Genomics, Structural Genomics Consortium, SGC, Antiviral defense, ATP-binding, Diabetes mellitus, Host-virus interaction, Hydrolase, Immune response, Nucleotide-binding, Nucleus, Phosphorylation
;
# 
loop_
_struct_asym.id 
_struct_asym.pdbx_blank_PDB_chainid_flag 
_struct_asym.pdbx_modified 
_struct_asym.entity_id 
_struct_asym.details 
A N N 1 ? 
B N N 2 ? 
C N N 3 ? 
# 
_struct_ref.id                         1 
_struct_ref.db_name                    UNP 
_struct_ref.db_code                    IFIH1_HUMAN 
_struct_ref.pdbx_db_accession          Q9BYX4 
_struct_ref.entity_id                  1 
_struct_ref.pdbx_seq_one_letter_code   
;NSNMGSDSGTMGSDSDEENVAARASPEPELQLRPYQMEVAQPALEGKNIIICLPTGSGKTRVAVYIAKDHLDKKKKASEP
GKVIVLVNKVLLVEQLFRKEFQPFLKKWYRVIGLSGDTQLKISFPEVVKSCDIIISTAQILENSLLNLENGEDAGVQLSD
FSLIIIDECHHTNKEAVYNNIMRHYLMQKLKNNRLKKENKPVIPLPQILGLTAS
;
_struct_ref.pdbx_align_begin           277 
_struct_ref.pdbx_db_isoform            ? 
# 
_struct_ref_seq.align_id                      1 
_struct_ref_seq.ref_id                        1 
_struct_ref_seq.pdbx_PDB_id_code              3B6E 
_struct_ref_seq.pdbx_strand_id                A 
_struct_ref_seq.seq_align_beg                 3 
_struct_ref_seq.pdbx_seq_align_beg_ins_code   ? 
_struct_ref_seq.seq_align_end                 216 
_struct_ref_seq.pdbx_seq_align_end_ins_code   ? 
_struct_ref_seq.pdbx_db_accession             Q9BYX4 
_struct_ref_seq.db_align_beg                  277 
_struct_ref_seq.pdbx_db_align_beg_ins_code    ? 
_struct_ref_seq.db_align_end                  490 
_struct_ref_seq.pdbx_db_align_end_ins_code    ? 
_struct_ref_seq.pdbx_auth_seq_align_beg       277 
_struct_ref_seq.pdbx_auth_seq_align_end       490 
# 
loop_
_struct_ref_seq_dif.align_id 
_struct_ref_seq_dif.pdbx_pdb_id_code 
_struct_ref_seq_dif.mon_id 
_struct_ref_seq_dif.pdbx_pdb_strand_id 
_struct_ref_seq_dif.seq_num 
_struct_ref_seq_dif.pdbx_pdb_ins_code 
_struct_ref_seq_dif.pdbx_seq_db_name 
_struct_ref_seq_dif.pdbx_seq_db_accession_code 
_struct_ref_seq_dif.db_mon_id 
_struct_ref_seq_dif.pdbx_seq_db_seq_num 
_struct_ref_seq_dif.details 
_struct_ref_seq_dif.pdbx_auth_seq_num 
_struct_ref_seq_dif.pdbx_ordinal 
1 3B6E SER A 1 ? UNP Q9BYX4 ? ? 'expression tag' 275 1 
1 3B6E MET A 2 ? UNP Q9BYX4 ? ? 'expression tag' 276 2 
# 
_pdbx_struct_assembly.id                   1 
_pdbx_struct_assembly.details              author_and_software_defined_assembly 
_pdbx_struct_assembly.method_details       PISA 
_pdbx_struct_assembly.oligomeric_details   monomeric 
_pdbx_struct_assembly.oligomeric_count     1 
# 
_pdbx_struct_assembly_gen.assembly_id       1 
_pdbx_struct_assembly_gen.oper_expression   1 
_pdbx_struct_assembly_gen.asym_id_list      A,B,C 
# 
_pdbx_struct_oper_list.id                   1 
_pdbx_struct_oper_list.type                 'identity operation' 
_pdbx_struct_oper_list.name                 1_555 
_pdbx_struct_oper_list.symmetry_operation   x,y,z 
_pdbx_struct_oper_list.matrix[1][1]         1.0000000000 
_pdbx_struct_oper_list.matrix[1][2]         0.0000000000 
_pdbx_struct_oper_list.matrix[1][3]         0.0000000000 
_pdbx_struct_oper_list.vector[1]            0.0000000000 
_pdbx_struct_oper_list.matrix[2][1]         0.0000000000 
_pdbx_struct_oper_list.matrix[2][2]         1.0000000000 
_pdbx_struct_oper_list.matrix[2][3]         0.0000000000 
_pdbx_struct_oper_list.vector[2]            0.0000000000 
_pdbx_struct_oper_list.matrix[3][1]         0.0000000000 
_pdbx_struct_oper_list.matrix[3][2]         0.0000000000 
_pdbx_struct_oper_list.matrix[3][3]         1.0000000000 
_pdbx_struct_oper_list.vector[3]            0.0000000000 
# 
_struct_biol.id        1 
_struct_biol.details   ? 
# 
loop_
_struct_conf.conf_type_id 
_struct_conf.id 
_struct_conf.pdbx_PDB_helix_id 
_struct_conf.beg_label_comp_id 
_struct_conf.beg_label_asym_id 
_struct_conf.beg_label_seq_id 
_struct_conf.pdbx_beg_PDB_ins_code 
_struct_conf.end_label_comp_id 
_struct_conf.end_label_asym_id 
_struct_conf.end_label_seq_id 
_struct_conf.pdbx_end_PDB_ins_code 
_struct_conf.beg_auth_comp_id 
_struct_conf.beg_auth_asym_id 
_struct_conf.beg_auth_seq_id 
_struct_conf.end_auth_comp_id 
_struct_conf.end_auth_asym_id 
_struct_conf.end_auth_seq_id 
_struct_conf.pdbx_PDB_helix_class 
_struct_conf.details 
_struct_conf.pdbx_PDB_helix_length 
HELX_P HELX_P1 1 ASP A 18  ? ALA A 26  ? ASP A 292 ALA A 300 1 ? 9  
HELX_P HELX_P2 2 ARG A 35  ? GLU A 47  ? ARG A 309 GLU A 321 1 ? 13 
HELX_P HELX_P3 3 THR A 57  ? ALA A 79  ? THR A 331 ALA A 353 1 ? 23 
HELX_P HELX_P4 4 LYS A 91  ? GLU A 102 ? LYS A 365 GLU A 376 1 ? 12 
HELX_P HELX_P5 5 GLU A 102 ? LYS A 108 ? GLU A 376 LYS A 382 1 ? 7  
HELX_P HELX_P6 6 SER A 125 ? CYS A 133 ? SER A 399 CYS A 407 1 ? 9  
HELX_P HELX_P7 7 ALA A 140 ? ASN A 149 ? ALA A 414 ASN A 423 1 ? 10 
HELX_P HELX_P8 8 GLN A 159 ? PHE A 163 ? GLN A 433 PHE A 437 5 ? 5  
HELX_P HELX_P9 9 VAL A 179 ? GLU A 200 ? VAL A 453 GLU A 474 1 ? 22 
# 
_struct_conf_type.id          HELX_P 
_struct_conf_type.criteria    ? 
_struct_conf_type.reference   ? 
# 
_struct_conn.id                            metalc1 
_struct_conn.conn_type_id                  metalc 
_struct_conn.pdbx_leaving_atom_flag        ? 
_struct_conn.pdbx_PDB_id                   ? 
_struct_conn.ptnr1_label_asym_id           C 
_struct_conn.ptnr1_label_comp_id           HOH 
_struct_conn.ptnr1_label_seq_id            . 
_struct_conn.ptnr1_label_atom_id           O 
_struct_conn.pdbx_ptnr1_label_alt_id       ? 
_struct_conn.pdbx_ptnr1_PDB_ins_code       ? 
_struct_conn.pdbx_ptnr1_standard_comp_id   ? 
_struct_conn.ptnr1_symmetry                1_555 
_struct_conn.ptnr2_label_asym_id           B 
_struct_conn.ptnr2_label_comp_id           NA 
_struct_conn.ptnr2_label_seq_id            . 
_struct_conn.ptnr2_label_atom_id           NA 
_struct_conn.pdbx_ptnr2_label_alt_id       ? 
_struct_conn.pdbx_ptnr2_PDB_ins_code       ? 
_struct_conn.ptnr1_auth_asym_id            A 
_struct_conn.ptnr1_auth_comp_id            HOH 
_struct_conn.ptnr1_auth_seq_id             83 
_struct_conn.ptnr2_auth_asym_id            A 
_struct_conn.ptnr2_auth_comp_id            NA 
_struct_conn.ptnr2_auth_seq_id             600 
_struct_conn.ptnr2_symmetry                1_555 
_struct_conn.pdbx_ptnr3_label_atom_id      ? 
_struct_conn.pdbx_ptnr3_label_seq_id       ? 
_struct_conn.pdbx_ptnr3_label_comp_id      ? 
_struct_conn.pdbx_ptnr3_label_asym_id      ? 
_struct_conn.pdbx_ptnr3_label_alt_id       ? 
_struct_conn.pdbx_ptnr3_PDB_ins_code       ? 
_struct_conn.details                       ? 
_struct_conn.pdbx_dist_value               2.669 
_struct_conn.pdbx_value_order              ? 
_struct_conn.pdbx_role                     ? 
# 
_struct_conn_type.id          metalc 
_struct_conn_type.criteria    ? 
_struct_conn_type.reference   ? 
# 
_struct_mon_prot_cis.pdbx_id                1 
_struct_mon_prot_cis.label_comp_id          ALA 
_struct_mon_prot_cis.label_seq_id           215 
_struct_mon_prot_cis.label_asym_id          A 
_struct_mon_prot_cis.label_alt_id           . 
_struct_mon_prot_cis.pdbx_PDB_ins_code      ? 
_struct_mon_prot_cis.auth_comp_id           ALA 
_struct_mon_prot_cis.auth_seq_id            489 
_struct_mon_prot_cis.auth_asym_id           A 
_struct_mon_prot_cis.pdbx_label_comp_id_2   SER 
_struct_mon_prot_cis.pdbx_label_seq_id_2    216 
_struct_mon_prot_cis.pdbx_label_asym_id_2   A 
_struct_mon_prot_cis.pdbx_PDB_ins_code_2    ? 
_struct_mon_prot_cis.pdbx_auth_comp_id_2    SER 
_struct_mon_prot_cis.pdbx_auth_seq_id_2     490 
_struct_mon_prot_cis.pdbx_auth_asym_id_2    A 
_struct_mon_prot_cis.pdbx_PDB_model_num     1 
_struct_mon_prot_cis.pdbx_omega_angle       -18.46 
# 
_struct_sheet.id               A 
_struct_sheet.type             ? 
_struct_sheet.number_strands   6 
_struct_sheet.details          ? 
# 
loop_
_struct_sheet_order.sheet_id 
_struct_sheet_order.range_id_1 
_struct_sheet_order.range_id_2 
_struct_sheet_order.offset 
_struct_sheet_order.sense 
A 1 2 ? parallel 
A 2 3 ? parallel 
A 3 4 ? parallel 
A 4 5 ? parallel 
A 5 6 ? parallel 
# 
loop_
_struct_sheet_range.sheet_id 
_struct_sheet_range.id 
_struct_sheet_range.beg_label_comp_id 
_struct_sheet_range.beg_label_asym_id 
_struct_sheet_range.beg_label_seq_id 
_struct_sheet_range.pdbx_beg_PDB_ins_code 
_struct_sheet_range.end_label_comp_id 
_struct_sheet_range.end_label_asym_id 
_struct_sheet_range.end_label_seq_id 
_struct_sheet_range.pdbx_end_PDB_ins_code 
_struct_sheet_range.beg_auth_comp_id 
_struct_sheet_range.beg_auth_asym_id 
_struct_sheet_range.beg_auth_seq_id 
_struct_sheet_range.end_auth_comp_id 
_struct_sheet_range.end_auth_asym_id 
_struct_sheet_range.end_auth_seq_id 
A 1 ILE A 51  ? CYS A 54  ? ILE A 325 CYS A 328 
A 2 GLN A 209 ? THR A 214 ? GLN A 483 THR A 488 
A 3 LEU A 165 ? ILE A 168 ? LEU A 439 ILE A 442 
A 4 VAL A 85  ? VAL A 89  ? VAL A 359 VAL A 363 
A 5 ILE A 135 ? THR A 139 ? ILE A 409 THR A 413 
A 6 VAL A 113 ? GLY A 115 ? VAL A 387 GLY A 389 
# 
loop_
_pdbx_struct_sheet_hbond.sheet_id 
_pdbx_struct_sheet_hbond.range_id_1 
_pdbx_struct_sheet_hbond.range_id_2 
_pdbx_struct_sheet_hbond.range_1_label_atom_id 
_pdbx_struct_sheet_hbond.range_1_label_comp_id 
_pdbx_struct_sheet_hbond.range_1_label_asym_id 
_pdbx_struct_sheet_hbond.range_1_label_seq_id 
_pdbx_struct_sheet_hbond.range_1_PDB_ins_code 
_pdbx_struct_sheet_hbond.range_1_auth_atom_id 
_pdbx_struct_sheet_hbond.range_1_auth_comp_id 
_pdbx_struct_sheet_hbond.range_1_auth_asym_id 
_pdbx_struct_sheet_hbond.range_1_auth_seq_id 
_pdbx_struct_sheet_hbond.range_2_label_atom_id 
_pdbx_struct_sheet_hbond.range_2_label_comp_id 
_pdbx_struct_sheet_hbond.range_2_label_asym_id 
_pdbx_struct_sheet_hbond.range_2_label_seq_id 
_pdbx_struct_sheet_hbond.range_2_PDB_ins_code 
_pdbx_struct_sheet_hbond.range_2_auth_atom_id 
_pdbx_struct_sheet_hbond.range_2_auth_comp_id 
_pdbx_struct_sheet_hbond.range_2_auth_asym_id 
_pdbx_struct_sheet_hbond.range_2_auth_seq_id 
A 1 2 N ILE A 53  ? N ILE A 327 O GLY A 212 ? O GLY A 486 
A 2 3 O LEU A 211 ? O LEU A 485 N ILE A 168 ? N ILE A 442 
A 3 4 O ILE A 167 ? O ILE A 441 N LEU A 88  ? N LEU A 362 
A 4 5 N VAL A 87  ? N VAL A 361 O ILE A 136 ? O ILE A 410 
A 5 6 O ILE A 137 ? O ILE A 411 N ILE A 114 ? N ILE A 388 
# 
_struct_site.id                   AC1 
_struct_site.pdbx_evidence_code   Software 
_struct_site.pdbx_auth_asym_id    A 
_struct_site.pdbx_auth_comp_id    NA 
_struct_site.pdbx_auth_seq_id     600 
_struct_site.pdbx_auth_ins_code   ? 
_struct_site.pdbx_num_residues    5 
_struct_site.details              'BINDING SITE FOR RESIDUE NA A 600' 
# 
loop_
_struct_site_gen.id 
_struct_site_gen.site_id 
_struct_site_gen.pdbx_num_res 
_struct_site_gen.label_comp_id 
_struct_site_gen.label_asym_id 
_struct_site_gen.label_seq_id 
_struct_site_gen.pdbx_auth_ins_code 
_struct_site_gen.auth_comp_id 
_struct_site_gen.auth_asym_id 
_struct_site_gen.auth_seq_id 
_struct_site_gen.label_atom_id 
_struct_site_gen.label_alt_id 
_struct_site_gen.symmetry 
_struct_site_gen.details 
1 AC1 5 HOH C .  ? HOH A 83  . ? 1_555 ? 
2 AC1 5 ARG A 35 ? ARG A 309 . ? 1_555 ? 
3 AC1 5 GLN A 38 ? GLN A 312 . ? 1_555 ? 
4 AC1 5 PRO A 56 ? PRO A 330 . ? 1_555 ? 
5 AC1 5 THR A 57 ? THR A 331 . ? 1_555 ? 
# 
loop_
_pdbx_validate_close_contact.id 
_pdbx_validate_close_contact.PDB_model_num 
_pdbx_validate_close_contact.auth_atom_id_1 
_pdbx_validate_close_contact.auth_asym_id_1 
_pdbx_validate_close_contact.auth_comp_id_1 
_pdbx_validate_close_contact.auth_seq_id_1 
_pdbx_validate_close_contact.PDB_ins_code_1 
_pdbx_validate_close_contact.label_alt_id_1 
_pdbx_validate_close_contact.auth_atom_id_2 
_pdbx_validate_close_contact.auth_asym_id_2 
_pdbx_validate_close_contact.auth_comp_id_2 
_pdbx_validate_close_contact.auth_seq_id_2 
_pdbx_validate_close_contact.PDB_ins_code_2 
_pdbx_validate_close_contact.label_alt_id_2 
_pdbx_validate_close_contact.dist 
1 1 OH A TYR 461 ? ? O A HOH 49  ? ? 2.03 
2 1 O  A HOH 50  ? ? O A HOH 66  ? ? 2.10 
3 1 O  A HOH 67  ? ? O A HOH 119 ? ? 2.12 
# 
_pdbx_validate_torsion.id              1 
_pdbx_validate_torsion.PDB_model_num   1 
_pdbx_validate_torsion.auth_comp_id    GLU 
_pdbx_validate_torsion.auth_asym_id    A 
_pdbx_validate_torsion.auth_seq_id     376 
_pdbx_validate_torsion.PDB_ins_code    ? 
_pdbx_validate_torsion.label_alt_id    ? 
_pdbx_validate_torsion.phi             -133.67 
_pdbx_validate_torsion.psi             -74.27 
# 
_pdbx_SG_project.id                    1 
_pdbx_SG_project.project_name          ? 
_pdbx_SG_project.full_name_of_center   'Structural Genomics Consortium' 
_pdbx_SG_project.initial_of_center     SGC 
# 
loop_
_pdbx_refine_tls.id 
_pdbx_refine_tls.details 
_pdbx_refine_tls.method 
_pdbx_refine_tls.origin_x 
_pdbx_refine_tls.origin_y 
_pdbx_refine_tls.origin_z 
_pdbx_refine_tls.T[1][1] 
_pdbx_refine_tls.T[2][2] 
_pdbx_refine_tls.T[3][3] 
_pdbx_refine_tls.T[1][2] 
_pdbx_refine_tls.T[1][3] 
_pdbx_refine_tls.T[2][3] 
_pdbx_refine_tls.L[1][1] 
_pdbx_refine_tls.L[2][2] 
_pdbx_refine_tls.L[3][3] 
_pdbx_refine_tls.L[1][2] 
_pdbx_refine_tls.L[1][3] 
_pdbx_refine_tls.L[2][3] 
_pdbx_refine_tls.S[1][1] 
_pdbx_refine_tls.S[1][2] 
_pdbx_refine_tls.S[1][3] 
_pdbx_refine_tls.S[2][1] 
_pdbx_refine_tls.S[2][2] 
_pdbx_refine_tls.S[2][3] 
_pdbx_refine_tls.S[3][1] 
_pdbx_refine_tls.S[3][2] 
_pdbx_refine_tls.S[3][3] 
_pdbx_refine_tls.pdbx_refine_id 
1 ? refined -3.0621 21.8778 -12.6907 -0.0750 0.3952  -0.0157 -0.0254 -0.0044 0.1104  1.4090 3.5562 8.6192 -0.8199 3.3486 -3.3750 -0.1514 0.1442  0.1187  0.4532  -0.1388 -0.2460 -0.1703 1.1607  0.2903  'X-RAY DIFFRACTION' 
2 ? refined -1.8250 0.9749  -3.1138  -0.0566 -0.0095 -0.0463 0.0437  -0.0210 -0.0305 1.1102 2.8775 1.2877 -1.2714 0.2161 0.4794  0.0583  0.1899  -0.0591 -0.1143 -0.1628 0.1525  -0.1038 -0.0808 0.1045  'X-RAY DIFFRACTION' 
3 ? refined 4.8445  -9.2850 8.9690   -0.0027 -0.0014 -0.0100 0.0458  0.0217  -0.0025 2.6060 1.3047 1.4986 -1.4047 1.4803 -0.8470 -0.0705 -0.2470 -0.2350 0.0626  0.1295  0.2689  0.0698  -0.1164 -0.0591 'X-RAY DIFFRACTION' 
# 
loop_
_pdbx_refine_tls_group.id 
_pdbx_refine_tls_group.refine_tls_id 
_pdbx_refine_tls_group.beg_auth_asym_id 
_pdbx_refine_tls_group.beg_auth_seq_id 
_pdbx_refine_tls_group.beg_label_asym_id 
_pdbx_refine_tls_group.beg_label_seq_id 
_pdbx_refine_tls_group.end_auth_asym_id 
_pdbx_refine_tls_group.end_auth_seq_id 
_pdbx_refine_tls_group.end_label_asym_id 
_pdbx_refine_tls_group.end_label_seq_id 
_pdbx_refine_tls_group.selection 
_pdbx_refine_tls_group.pdbx_refine_id 
_pdbx_refine_tls_group.selection_details 
1 1 A 292 A 18  A 309 A 35  ? 'X-RAY DIFFRACTION' ? 
2 2 A 310 A 36  A 419 A 145 ? 'X-RAY DIFFRACTION' ? 
3 3 A 420 A 146 A 490 A 216 ? 'X-RAY DIFFRACTION' ? 
# 
loop_
_pdbx_unobs_or_zero_occ_residues.id 
_pdbx_unobs_or_zero_occ_residues.PDB_model_num 
_pdbx_unobs_or_zero_occ_residues.polymer_flag 
_pdbx_unobs_or_zero_occ_residues.occupancy_flag 
_pdbx_unobs_or_zero_occ_residues.auth_asym_id 
_pdbx_unobs_or_zero_occ_residues.auth_comp_id 
_pdbx_unobs_or_zero_occ_residues.auth_seq_id 
_pdbx_unobs_or_zero_occ_residues.PDB_ins_code 
_pdbx_unobs_or_zero_occ_residues.label_asym_id 
_pdbx_unobs_or_zero_occ_residues.label_comp_id 
_pdbx_unobs_or_zero_occ_residues.label_seq_id 
1  1 Y 1 A SER 275 ? A SER 1   
2  1 Y 1 A MET 276 ? A MET 2   
3  1 Y 1 A ASN 277 ? A ASN 3   
4  1 Y 1 A SER 278 ? A SER 4   
5  1 Y 1 A ASN 279 ? A ASN 5   
6  1 Y 1 A MET 280 ? A MET 6   
7  1 Y 1 A GLY 281 ? A GLY 7   
8  1 Y 1 A SER 282 ? A SER 8   
9  1 Y 1 A ASP 283 ? A ASP 9   
10 1 Y 1 A SER 284 ? A SER 10  
11 1 Y 1 A GLY 285 ? A GLY 11  
12 1 Y 1 A THR 286 ? A THR 12  
13 1 Y 1 A MET 287 ? A MET 13  
14 1 Y 1 A GLY 288 ? A GLY 14  
15 1 Y 1 A SER 289 ? A SER 15  
16 1 Y 1 A ASP 290 ? A ASP 16  
17 1 Y 1 A SER 291 ? A SER 17  
18 1 Y 1 A ASP 393 ? A ASP 119 
19 1 Y 1 A THR 394 ? A THR 120 
20 1 Y 1 A GLN 395 ? A GLN 121 
21 1 Y 1 A LEU 424 ? A LEU 150 
22 1 Y 1 A GLU 425 ? A GLU 151 
23 1 Y 1 A ASN 426 ? A ASN 152 
24 1 Y 1 A GLY 427 ? A GLY 153 
25 1 Y 1 A GLU 428 ? A GLU 154 
26 1 Y 1 A ASP 429 ? A ASP 155 
27 1 Y 1 A ALA 430 ? A ALA 156 
28 1 Y 1 A HIS 446 ? A HIS 172 
29 1 Y 1 A HIS 447 ? A HIS 173 
30 1 Y 1 A THR 448 ? A THR 174 
31 1 Y 1 A ASN 449 ? A ASN 175 
32 1 Y 1 A LYS 450 ? A LYS 176 
33 1 Y 1 A GLU 451 ? A GLU 177 
34 1 Y 1 A ALA 452 ? A ALA 178 
# 
loop_
_chem_comp_atom.comp_id 
_chem_comp_atom.atom_id 
_chem_comp_atom.type_symbol 
_chem_comp_atom.pdbx_aromatic_flag 
_chem_comp_atom.pdbx_stereo_config 
_chem_comp_atom.pdbx_ordinal 
ALA N    N  N N 1   
ALA CA   C  N S 2   
ALA C    C  N N 3   
ALA O    O  N N 4   
ALA CB   C  N N 5   
ALA OXT  O  N N 6   
ALA H    H  N N 7   
ALA H2   H  N N 8   
ALA HA   H  N N 9   
ALA HB1  H  N N 10  
ALA HB2  H  N N 11  
ALA HB3  H  N N 12  
ALA HXT  H  N N 13  
ARG N    N  N N 14  
ARG CA   C  N S 15  
ARG C    C  N N 16  
ARG O    O  N N 17  
ARG CB   C  N N 18  
ARG CG   C  N N 19  
ARG CD   C  N N 20  
ARG NE   N  N N 21  
ARG CZ   C  N N 22  
ARG NH1  N  N N 23  
ARG NH2  N  N N 24  
ARG OXT  O  N N 25  
ARG H    H  N N 26  
ARG H2   H  N N 27  
ARG HA   H  N N 28  
ARG HB2  H  N N 29  
ARG HB3  H  N N 30  
ARG HG2  H  N N 31  
ARG HG3  H  N N 32  
ARG HD2  H  N N 33  
ARG HD3  H  N N 34  
ARG HE   H  N N 35  
ARG HH11 H  N N 36  
ARG HH12 H  N N 37  
ARG HH21 H  N N 38  
ARG HH22 H  N N 39  
ARG HXT  H  N N 40  
ASN N    N  N N 41  
ASN CA   C  N S 42  
ASN C    C  N N 43  
ASN O    O  N N 44  
ASN CB   C  N N 45  
ASN CG   C  N N 46  
ASN OD1  O  N N 47  
ASN ND2  N  N N 48  
ASN OXT  O  N N 49  
ASN H    H  N N 50  
ASN H2   H  N N 51  
ASN HA   H  N N 52  
ASN HB2  H  N N 53  
ASN HB3  H  N N 54  
ASN HD21 H  N N 55  
ASN HD22 H  N N 56  
ASN HXT  H  N N 57  
ASP N    N  N N 58  
ASP CA   C  N S 59  
ASP C    C  N N 60  
ASP O    O  N N 61  
ASP CB   C  N N 62  
ASP CG   C  N N 63  
ASP OD1  O  N N 64  
ASP OD2  O  N N 65  
ASP OXT  O  N N 66  
ASP H    H  N N 67  
ASP H2   H  N N 68  
ASP HA   H  N N 69  
ASP HB2  H  N N 70  
ASP HB3  H  N N 71  
ASP HD2  H  N N 72  
ASP HXT  H  N N 73  
CYS N    N  N N 74  
CYS CA   C  N R 75  
CYS C    C  N N 76  
CYS O    O  N N 77  
CYS CB   C  N N 78  
CYS SG   S  N N 79  
CYS OXT  O  N N 80  
CYS H    H  N N 81  
CYS H2   H  N N 82  
CYS HA   H  N N 83  
CYS HB2  H  N N 84  
CYS HB3  H  N N 85  
CYS HG   H  N N 86  
CYS HXT  H  N N 87  
GLN N    N  N N 88  
GLN CA   C  N S 89  
GLN C    C  N N 90  
GLN O    O  N N 91  
GLN CB   C  N N 92  
GLN CG   C  N N 93  
GLN CD   C  N N 94  
GLN OE1  O  N N 95  
GLN NE2  N  N N 96  
GLN OXT  O  N N 97  
GLN H    H  N N 98  
GLN H2   H  N N 99  
GLN HA   H  N N 100 
GLN HB2  H  N N 101 
GLN HB3  H  N N 102 
GLN HG2  H  N N 103 
GLN HG3  H  N N 104 
GLN HE21 H  N N 105 
GLN HE22 H  N N 106 
GLN HXT  H  N N 107 
GLU N    N  N N 108 
GLU CA   C  N S 109 
GLU C    C  N N 110 
GLU O    O  N N 111 
GLU CB   C  N N 112 
GLU CG   C  N N 113 
GLU CD   C  N N 114 
GLU OE1  O  N N 115 
GLU OE2  O  N N 116 
GLU OXT  O  N N 117 
GLU H    H  N N 118 
GLU H2   H  N N 119 
GLU HA   H  N N 120 
GLU HB2  H  N N 121 
GLU HB3  H  N N 122 
GLU HG2  H  N N 123 
GLU HG3  H  N N 124 
GLU HE2  H  N N 125 
GLU HXT  H  N N 126 
GLY N    N  N N 127 
GLY CA   C  N N 128 
GLY C    C  N N 129 
GLY O    O  N N 130 
GLY OXT  O  N N 131 
GLY H    H  N N 132 
GLY H2   H  N N 133 
GLY HA2  H  N N 134 
GLY HA3  H  N N 135 
GLY HXT  H  N N 136 
HIS N    N  N N 137 
HIS CA   C  N S 138 
HIS C    C  N N 139 
HIS O    O  N N 140 
HIS CB   C  N N 141 
HIS CG   C  Y N 142 
HIS ND1  N  Y N 143 
HIS CD2  C  Y N 144 
HIS CE1  C  Y N 145 
HIS NE2  N  Y N 146 
HIS OXT  O  N N 147 
HIS H    H  N N 148 
HIS H2   H  N N 149 
HIS HA   H  N N 150 
HIS HB2  H  N N 151 
HIS HB3  H  N N 152 
HIS HD1  H  N N 153 
HIS HD2  H  N N 154 
HIS HE1  H  N N 155 
HIS HE2  H  N N 156 
HIS HXT  H  N N 157 
HOH O    O  N N 158 
HOH H1   H  N N 159 
HOH H2   H  N N 160 
ILE N    N  N N 161 
ILE CA   C  N S 162 
ILE C    C  N N 163 
ILE O    O  N N 164 
ILE CB   C  N S 165 
ILE CG1  C  N N 166 
ILE CG2  C  N N 167 
ILE CD1  C  N N 168 
ILE OXT  O  N N 169 
ILE H    H  N N 170 
ILE H2   H  N N 171 
ILE HA   H  N N 172 
ILE HB   H  N N 173 
ILE HG12 H  N N 174 
ILE HG13 H  N N 175 
ILE HG21 H  N N 176 
ILE HG22 H  N N 177 
ILE HG23 H  N N 178 
ILE HD11 H  N N 179 
ILE HD12 H  N N 180 
ILE HD13 H  N N 181 
ILE HXT  H  N N 182 
LEU N    N  N N 183 
LEU CA   C  N S 184 
LEU C    C  N N 185 
LEU O    O  N N 186 
LEU CB   C  N N 187 
LEU CG   C  N N 188 
LEU CD1  C  N N 189 
LEU CD2  C  N N 190 
LEU OXT  O  N N 191 
LEU H    H  N N 192 
LEU H2   H  N N 193 
LEU HA   H  N N 194 
LEU HB2  H  N N 195 
LEU HB3  H  N N 196 
LEU HG   H  N N 197 
LEU HD11 H  N N 198 
LEU HD12 H  N N 199 
LEU HD13 H  N N 200 
LEU HD21 H  N N 201 
LEU HD22 H  N N 202 
LEU HD23 H  N N 203 
LEU HXT  H  N N 204 
LYS N    N  N N 205 
LYS CA   C  N S 206 
LYS C    C  N N 207 
LYS O    O  N N 208 
LYS CB   C  N N 209 
LYS CG   C  N N 210 
LYS CD   C  N N 211 
LYS CE   C  N N 212 
LYS NZ   N  N N 213 
LYS OXT  O  N N 214 
LYS H    H  N N 215 
LYS H2   H  N N 216 
LYS HA   H  N N 217 
LYS HB2  H  N N 218 
LYS HB3  H  N N 219 
LYS HG2  H  N N 220 
LYS HG3  H  N N 221 
LYS HD2  H  N N 222 
LYS HD3  H  N N 223 
LYS HE2  H  N N 224 
LYS HE3  H  N N 225 
LYS HZ1  H  N N 226 
LYS HZ2  H  N N 227 
LYS HZ3  H  N N 228 
LYS HXT  H  N N 229 
MET N    N  N N 230 
MET CA   C  N S 231 
MET C    C  N N 232 
MET O    O  N N 233 
MET CB   C  N N 234 
MET CG   C  N N 235 
MET SD   S  N N 236 
MET CE   C  N N 237 
MET OXT  O  N N 238 
MET H    H  N N 239 
MET H2   H  N N 240 
MET HA   H  N N 241 
MET HB2  H  N N 242 
MET HB3  H  N N 243 
MET HG2  H  N N 244 
MET HG3  H  N N 245 
MET HE1  H  N N 246 
MET HE2  H  N N 247 
MET HE3  H  N N 248 
MET HXT  H  N N 249 
NA  NA   NA N N 250 
PHE N    N  N N 251 
PHE CA   C  N S 252 
PHE C    C  N N 253 
PHE O    O  N N 254 
PHE CB   C  N N 255 
PHE CG   C  Y N 256 
PHE CD1  C  Y N 257 
PHE CD2  C  Y N 258 
PHE CE1  C  Y N 259 
PHE CE2  C  Y N 260 
PHE CZ   C  Y N 261 
PHE OXT  O  N N 262 
PHE H    H  N N 263 
PHE H2   H  N N 264 
PHE HA   H  N N 265 
PHE HB2  H  N N 266 
PHE HB3  H  N N 267 
PHE HD1  H  N N 268 
PHE HD2  H  N N 269 
PHE HE1  H  N N 270 
PHE HE2  H  N N 271 
PHE HZ   H  N N 272 
PHE HXT  H  N N 273 
PRO N    N  N N 274 
PRO CA   C  N S 275 
PRO C    C  N N 276 
PRO O    O  N N 277 
PRO CB   C  N N 278 
PRO CG   C  N N 279 
PRO CD   C  N N 280 
PRO OXT  O  N N 281 
PRO H    H  N N 282 
PRO HA   H  N N 283 
PRO HB2  H  N N 284 
PRO HB3  H  N N 285 
PRO HG2  H  N N 286 
PRO HG3  H  N N 287 
PRO HD2  H  N N 288 
PRO HD3  H  N N 289 
PRO HXT  H  N N 290 
SER N    N  N N 291 
SER CA   C  N S 292 
SER C    C  N N 293 
SER O    O  N N 294 
SER CB   C  N N 295 
SER OG   O  N N 296 
SER OXT  O  N N 297 
SER H    H  N N 298 
SER H2   H  N N 299 
SER HA   H  N N 300 
SER HB2  H  N N 301 
SER HB3  H  N N 302 
SER HG   H  N N 303 
SER HXT  H  N N 304 
THR N    N  N N 305 
THR CA   C  N S 306 
THR C    C  N N 307 
THR O    O  N N 308 
THR CB   C  N R 309 
THR OG1  O  N N 310 
THR CG2  C  N N 311 
THR OXT  O  N N 312 
THR H    H  N N 313 
THR H2   H  N N 314 
THR HA   H  N N 315 
THR HB   H  N N 316 
THR HG1  H  N N 317 
THR HG21 H  N N 318 
THR HG22 H  N N 319 
THR HG23 H  N N 320 
THR HXT  H  N N 321 
TRP N    N  N N 322 
TRP CA   C  N S 323 
TRP C    C  N N 324 
TRP O    O  N N 325 
TRP CB   C  N N 326 
TRP CG   C  Y N 327 
TRP CD1  C  Y N 328 
TRP CD2  C  Y N 329 
TRP NE1  N  Y N 330 
TRP CE2  C  Y N 331 
TRP CE3  C  Y N 332 
TRP CZ2  C  Y N 333 
TRP CZ3  C  Y N 334 
TRP CH2  C  Y N 335 
TRP OXT  O  N N 336 
TRP H    H  N N 337 
TRP H2   H  N N 338 
TRP HA   H  N N 339 
TRP HB2  H  N N 340 
TRP HB3  H  N N 341 
TRP HD1  H  N N 342 
TRP HE1  H  N N 343 
TRP HE3  H  N N 344 
TRP HZ2  H  N N 345 
TRP HZ3  H  N N 346 
TRP HH2  H  N N 347 
TRP HXT  H  N N 348 
TYR N    N  N N 349 
TYR CA   C  N S 350 
TYR C    C  N N 351 
TYR O    O  N N 352 
TYR CB   C  N N 353 
TYR CG   C  Y N 354 
TYR CD1  C  Y N 355 
TYR CD2  C  Y N 356 
TYR CE1  C  Y N 357 
TYR CE2  C  Y N 358 
TYR CZ   C  Y N 359 
TYR OH   O  N N 360 
TYR OXT  O  N N 361 
TYR H    H  N N 362 
TYR H2   H  N N 363 
TYR HA   H  N N 364 
TYR HB2  H  N N 365 
TYR HB3  H  N N 366 
TYR HD1  H  N N 367 
TYR HD2  H  N N 368 
TYR HE1  H  N N 369 
TYR HE2  H  N N 370 
TYR HH   H  N N 371 
TYR HXT  H  N N 372 
VAL N    N  N N 373 
VAL CA   C  N S 374 
VAL C    C  N N 375 
VAL O    O  N N 376 
VAL CB   C  N N 377 
VAL CG1  C  N N 378 
VAL CG2  C  N N 379 
VAL OXT  O  N N 380 
VAL H    H  N N 381 
VAL H2   H  N N 382 
VAL HA   H  N N 383 
VAL HB   H  N N 384 
VAL HG11 H  N N 385 
VAL HG12 H  N N 386 
VAL HG13 H  N N 387 
VAL HG21 H  N N 388 
VAL HG22 H  N N 389 
VAL HG23 H  N N 390 
VAL HXT  H  N N 391 
# 
loop_
_chem_comp_bond.comp_id 
_chem_comp_bond.atom_id_1 
_chem_comp_bond.atom_id_2 
_chem_comp_bond.value_order 
_chem_comp_bond.pdbx_aromatic_flag 
_chem_comp_bond.pdbx_stereo_config 
_chem_comp_bond.pdbx_ordinal 
ALA N   CA   sing N N 1   
ALA N   H    sing N N 2   
ALA N   H2   sing N N 3   
ALA CA  C    sing N N 4   
ALA CA  CB   sing N N 5   
ALA CA  HA   sing N N 6   
ALA C   O    doub N N 7   
ALA C   OXT  sing N N 8   
ALA CB  HB1  sing N N 9   
ALA CB  HB2  sing N N 10  
ALA CB  HB3  sing N N 11  
ALA OXT HXT  sing N N 12  
ARG N   CA   sing N N 13  
ARG N   H    sing N N 14  
ARG N   H2   sing N N 15  
ARG CA  C    sing N N 16  
ARG CA  CB   sing N N 17  
ARG CA  HA   sing N N 18  
ARG C   O    doub N N 19  
ARG C   OXT  sing N N 20  
ARG CB  CG   sing N N 21  
ARG CB  HB2  sing N N 22  
ARG CB  HB3  sing N N 23  
ARG CG  CD   sing N N 24  
ARG CG  HG2  sing N N 25  
ARG CG  HG3  sing N N 26  
ARG CD  NE   sing N N 27  
ARG CD  HD2  sing N N 28  
ARG CD  HD3  sing N N 29  
ARG NE  CZ   sing N N 30  
ARG NE  HE   sing N N 31  
ARG CZ  NH1  sing N N 32  
ARG CZ  NH2  doub N N 33  
ARG NH1 HH11 sing N N 34  
ARG NH1 HH12 sing N N 35  
ARG NH2 HH21 sing N N 36  
ARG NH2 HH22 sing N N 37  
ARG OXT HXT  sing N N 38  
ASN N   CA   sing N N 39  
ASN N   H    sing N N 40  
ASN N   H2   sing N N 41  
ASN CA  C    sing N N 42  
ASN CA  CB   sing N N 43  
ASN CA  HA   sing N N 44  
ASN C   O    doub N N 45  
ASN C   OXT  sing N N 46  
ASN CB  CG   sing N N 47  
ASN CB  HB2  sing N N 48  
ASN CB  HB3  sing N N 49  
ASN CG  OD1  doub N N 50  
ASN CG  ND2  sing N N 51  
ASN ND2 HD21 sing N N 52  
ASN ND2 HD22 sing N N 53  
ASN OXT HXT  sing N N 54  
ASP N   CA   sing N N 55  
ASP N   H    sing N N 56  
ASP N   H2   sing N N 57  
ASP CA  C    sing N N 58  
ASP CA  CB   sing N N 59  
ASP CA  HA   sing N N 60  
ASP C   O    doub N N 61  
ASP C   OXT  sing N N 62  
ASP CB  CG   sing N N 63  
ASP CB  HB2  sing N N 64  
ASP CB  HB3  sing N N 65  
ASP CG  OD1  doub N N 66  
ASP CG  OD2  sing N N 67  
ASP OD2 HD2  sing N N 68  
ASP OXT HXT  sing N N 69  
CYS N   CA   sing N N 70  
CYS N   H    sing N N 71  
CYS N   H2   sing N N 72  
CYS CA  C    sing N N 73  
CYS CA  CB   sing N N 74  
CYS CA  HA   sing N N 75  
CYS C   O    doub N N 76  
CYS C   OXT  sing N N 77  
CYS CB  SG   sing N N 78  
CYS CB  HB2  sing N N 79  
CYS CB  HB3  sing N N 80  
CYS SG  HG   sing N N 81  
CYS OXT HXT  sing N N 82  
GLN N   CA   sing N N 83  
GLN N   H    sing N N 84  
GLN N   H2   sing N N 85  
GLN CA  C    sing N N 86  
GLN CA  CB   sing N N 87  
GLN CA  HA   sing N N 88  
GLN C   O    doub N N 89  
GLN C   OXT  sing N N 90  
GLN CB  CG   sing N N 91  
GLN CB  HB2  sing N N 92  
GLN CB  HB3  sing N N 93  
GLN CG  CD   sing N N 94  
GLN CG  HG2  sing N N 95  
GLN CG  HG3  sing N N 96  
GLN CD  OE1  doub N N 97  
GLN CD  NE2  sing N N 98  
GLN NE2 HE21 sing N N 99  
GLN NE2 HE22 sing N N 100 
GLN OXT HXT  sing N N 101 
GLU N   CA   sing N N 102 
GLU N   H    sing N N 103 
GLU N   H2   sing N N 104 
GLU CA  C    sing N N 105 
GLU CA  CB   sing N N 106 
GLU CA  HA   sing N N 107 
GLU C   O    doub N N 108 
GLU C   OXT  sing N N 109 
GLU CB  CG   sing N N 110 
GLU CB  HB2  sing N N 111 
GLU CB  HB3  sing N N 112 
GLU CG  CD   sing N N 113 
GLU CG  HG2  sing N N 114 
GLU CG  HG3  sing N N 115 
GLU CD  OE1  doub N N 116 
GLU CD  OE2  sing N N 117 
GLU OE2 HE2  sing N N 118 
GLU OXT HXT  sing N N 119 
GLY N   CA   sing N N 120 
GLY N   H    sing N N 121 
GLY N   H2   sing N N 122 
GLY CA  C    sing N N 123 
GLY CA  HA2  sing N N 124 
GLY CA  HA3  sing N N 125 
GLY C   O    doub N N 126 
GLY C   OXT  sing N N 127 
GLY OXT HXT  sing N N 128 
HIS N   CA   sing N N 129 
HIS N   H    sing N N 130 
HIS N   H2   sing N N 131 
HIS CA  C    sing N N 132 
HIS CA  CB   sing N N 133 
HIS CA  HA   sing N N 134 
HIS C   O    doub N N 135 
HIS C   OXT  sing N N 136 
HIS CB  CG   sing N N 137 
HIS CB  HB2  sing N N 138 
HIS CB  HB3  sing N N 139 
HIS CG  ND1  sing Y N 140 
HIS CG  CD2  doub Y N 141 
HIS ND1 CE1  doub Y N 142 
HIS ND1 HD1  sing N N 143 
HIS CD2 NE2  sing Y N 144 
HIS CD2 HD2  sing N N 145 
HIS CE1 NE2  sing Y N 146 
HIS CE1 HE1  sing N N 147 
HIS NE2 HE2  sing N N 148 
HIS OXT HXT  sing N N 149 
HOH O   H1   sing N N 150 
HOH O   H2   sing N N 151 
ILE N   CA   sing N N 152 
ILE N   H    sing N N 153 
ILE N   H2   sing N N 154 
ILE CA  C    sing N N 155 
ILE CA  CB   sing N N 156 
ILE CA  HA   sing N N 157 
ILE C   O    doub N N 158 
ILE C   OXT  sing N N 159 
ILE CB  CG1  sing N N 160 
ILE CB  CG2  sing N N 161 
ILE CB  HB   sing N N 162 
ILE CG1 CD1  sing N N 163 
ILE CG1 HG12 sing N N 164 
ILE CG1 HG13 sing N N 165 
ILE CG2 HG21 sing N N 166 
ILE CG2 HG22 sing N N 167 
ILE CG2 HG23 sing N N 168 
ILE CD1 HD11 sing N N 169 
ILE CD1 HD12 sing N N 170 
ILE CD1 HD13 sing N N 171 
ILE OXT HXT  sing N N 172 
LEU N   CA   sing N N 173 
LEU N   H    sing N N 174 
LEU N   H2   sing N N 175 
LEU CA  C    sing N N 176 
LEU CA  CB   sing N N 177 
LEU CA  HA   sing N N 178 
LEU C   O    doub N N 179 
LEU C   OXT  sing N N 180 
LEU CB  CG   sing N N 181 
LEU CB  HB2  sing N N 182 
LEU CB  HB3  sing N N 183 
LEU CG  CD1  sing N N 184 
LEU CG  CD2  sing N N 185 
LEU CG  HG   sing N N 186 
LEU CD1 HD11 sing N N 187 
LEU CD1 HD12 sing N N 188 
LEU CD1 HD13 sing N N 189 
LEU CD2 HD21 sing N N 190 
LEU CD2 HD22 sing N N 191 
LEU CD2 HD23 sing N N 192 
LEU OXT HXT  sing N N 193 
LYS N   CA   sing N N 194 
LYS N   H    sing N N 195 
LYS N   H2   sing N N 196 
LYS CA  C    sing N N 197 
LYS CA  CB   sing N N 198 
LYS CA  HA   sing N N 199 
LYS C   O    doub N N 200 
LYS C   OXT  sing N N 201 
LYS CB  CG   sing N N 202 
LYS CB  HB2  sing N N 203 
LYS CB  HB3  sing N N 204 
LYS CG  CD   sing N N 205 
LYS CG  HG2  sing N N 206 
LYS CG  HG3  sing N N 207 
LYS CD  CE   sing N N 208 
LYS CD  HD2  sing N N 209 
LYS CD  HD3  sing N N 210 
LYS CE  NZ   sing N N 211 
LYS CE  HE2  sing N N 212 
LYS CE  HE3  sing N N 213 
LYS NZ  HZ1  sing N N 214 
LYS NZ  HZ2  sing N N 215 
LYS NZ  HZ3  sing N N 216 
LYS OXT HXT  sing N N 217 
MET N   CA   sing N N 218 
MET N   H    sing N N 219 
MET N   H2   sing N N 220 
MET CA  C    sing N N 221 
MET CA  CB   sing N N 222 
MET CA  HA   sing N N 223 
MET C   O    doub N N 224 
MET C   OXT  sing N N 225 
MET CB  CG   sing N N 226 
MET CB  HB2  sing N N 227 
MET CB  HB3  sing N N 228 
MET CG  SD   sing N N 229 
MET CG  HG2  sing N N 230 
MET CG  HG3  sing N N 231 
MET SD  CE   sing N N 232 
MET CE  HE1  sing N N 233 
MET CE  HE2  sing N N 234 
MET CE  HE3  sing N N 235 
MET OXT HXT  sing N N 236 
PHE N   CA   sing N N 237 
PHE N   H    sing N N 238 
PHE N   H2   sing N N 239 
PHE CA  C    sing N N 240 
PHE CA  CB   sing N N 241 
PHE CA  HA   sing N N 242 
PHE C   O    doub N N 243 
PHE C   OXT  sing N N 244 
PHE CB  CG   sing N N 245 
PHE CB  HB2  sing N N 246 
PHE CB  HB3  sing N N 247 
PHE CG  CD1  doub Y N 248 
PHE CG  CD2  sing Y N 249 
PHE CD1 CE1  sing Y N 250 
PHE CD1 HD1  sing N N 251 
PHE CD2 CE2  doub Y N 252 
PHE CD2 HD2  sing N N 253 
PHE CE1 CZ   doub Y N 254 
PHE CE1 HE1  sing N N 255 
PHE CE2 CZ   sing Y N 256 
PHE CE2 HE2  sing N N 257 
PHE CZ  HZ   sing N N 258 
PHE OXT HXT  sing N N 259 
PRO N   CA   sing N N 260 
PRO N   CD   sing N N 261 
PRO N   H    sing N N 262 
PRO CA  C    sing N N 263 
PRO CA  CB   sing N N 264 
PRO CA  HA   sing N N 265 
PRO C   O    doub N N 266 
PRO C   OXT  sing N N 267 
PRO CB  CG   sing N N 268 
PRO CB  HB2  sing N N 269 
PRO CB  HB3  sing N N 270 
PRO CG  CD   sing N N 271 
PRO CG  HG2  sing N N 272 
PRO CG  HG3  sing N N 273 
PRO CD  HD2  sing N N 274 
PRO CD  HD3  sing N N 275 
PRO OXT HXT  sing N N 276 
SER N   CA   sing N N 277 
SER N   H    sing N N 278 
SER N   H2   sing N N 279 
SER CA  C    sing N N 280 
SER CA  CB   sing N N 281 
SER CA  HA   sing N N 282 
SER C   O    doub N N 283 
SER C   OXT  sing N N 284 
SER CB  OG   sing N N 285 
SER CB  HB2  sing N N 286 
SER CB  HB3  sing N N 287 
SER OG  HG   sing N N 288 
SER OXT HXT  sing N N 289 
THR N   CA   sing N N 290 
THR N   H    sing N N 291 
THR N   H2   sing N N 292 
THR CA  C    sing N N 293 
THR CA  CB   sing N N 294 
THR CA  HA   sing N N 295 
THR C   O    doub N N 296 
THR C   OXT  sing N N 297 
THR CB  OG1  sing N N 298 
THR CB  CG2  sing N N 299 
THR CB  HB   sing N N 300 
THR OG1 HG1  sing N N 301 
THR CG2 HG21 sing N N 302 
THR CG2 HG22 sing N N 303 
THR CG2 HG23 sing N N 304 
THR OXT HXT  sing N N 305 
TRP N   CA   sing N N 306 
TRP N   H    sing N N 307 
TRP N   H2   sing N N 308 
TRP CA  C    sing N N 309 
TRP CA  CB   sing N N 310 
TRP CA  HA   sing N N 311 
TRP C   O    doub N N 312 
TRP C   OXT  sing N N 313 
TRP CB  CG   sing N N 314 
TRP CB  HB2  sing N N 315 
TRP CB  HB3  sing N N 316 
TRP CG  CD1  doub Y N 317 
TRP CG  CD2  sing Y N 318 
TRP CD1 NE1  sing Y N 319 
TRP CD1 HD1  sing N N 320 
TRP CD2 CE2  doub Y N 321 
TRP CD2 CE3  sing Y N 322 
TRP NE1 CE2  sing Y N 323 
TRP NE1 HE1  sing N N 324 
TRP CE2 CZ2  sing Y N 325 
TRP CE3 CZ3  doub Y N 326 
TRP CE3 HE3  sing N N 327 
TRP CZ2 CH2  doub Y N 328 
TRP CZ2 HZ2  sing N N 329 
TRP CZ3 CH2  sing Y N 330 
TRP CZ3 HZ3  sing N N 331 
TRP CH2 HH2  sing N N 332 
TRP OXT HXT  sing N N 333 
TYR N   CA   sing N N 334 
TYR N   H    sing N N 335 
TYR N   H2   sing N N 336 
TYR CA  C    sing N N 337 
TYR CA  CB   sing N N 338 
TYR CA  HA   sing N N 339 
TYR C   O    doub N N 340 
TYR C   OXT  sing N N 341 
TYR CB  CG   sing N N 342 
TYR CB  HB2  sing N N 343 
TYR CB  HB3  sing N N 344 
TYR CG  CD1  doub Y N 345 
TYR CG  CD2  sing Y N 346 
TYR CD1 CE1  sing Y N 347 
TYR CD1 HD1  sing N N 348 
TYR CD2 CE2  doub Y N 349 
TYR CD2 HD2  sing N N 350 
TYR CE1 CZ   doub Y N 351 
TYR CE1 HE1  sing N N 352 
TYR CE2 CZ   sing Y N 353 
TYR CE2 HE2  sing N N 354 
TYR CZ  OH   sing N N 355 
TYR OH  HH   sing N N 356 
TYR OXT HXT  sing N N 357 
VAL N   CA   sing N N 358 
VAL N   H    sing N N 359 
VAL N   H2   sing N N 360 
VAL CA  C    sing N N 361 
VAL CA  CB   sing N N 362 
VAL CA  HA   sing N N 363 
VAL C   O    doub N N 364 
VAL C   OXT  sing N N 365 
VAL CB  CG1  sing N N 366 
VAL CB  CG2  sing N N 367 
VAL CB  HB   sing N N 368 
VAL CG1 HG11 sing N N 369 
VAL CG1 HG12 sing N N 370 
VAL CG1 HG13 sing N N 371 
VAL CG2 HG21 sing N N 372 
VAL CG2 HG22 sing N N 373 
VAL CG2 HG23 sing N N 374 
VAL OXT HXT  sing N N 375 
# 
_atom_sites.entry_id                    3B6E 
_atom_sites.fract_transf_matrix[1][1]   -0.01575947 
_atom_sites.fract_transf_matrix[1][2]   0.00173204 
_atom_sites.fract_transf_matrix[1][3]   -0.00012976 
_atom_sites.fract_transf_matrix[2][1]   -0.00638534 
_atom_sites.fract_transf_matrix[2][2]   0.01426419 
_atom_sites.fract_transf_matrix[2][3]   -0.00267232 
_atom_sites.fract_transf_matrix[3][1]   -0.00006980 
_atom_sites.fract_transf_matrix[3][2]   -0.00103753 
_atom_sites.fract_transf_matrix[3][3]   -0.00537127 
_atom_sites.fract_transf_vector[1]      0.406747 
_atom_sites.fract_transf_vector[2]      0.155111 
_atom_sites.fract_transf_vector[3]      0.080870 
# 
loop_
_atom_type.symbol 
C  
N  
NA 
O  
S  
# 
loop_
_atom_site.group_PDB 
_atom_site.id 
_atom_site.type_symbol 
_atom_site.label_atom_id 
_atom_site.label_alt_id 
_atom_site.label_comp_id 
_atom_site.label_asym_id 
_atom_site.label_entity_id 
_atom_site.label_seq_id 
_atom_site.pdbx_PDB_ins_code 
_atom_site.Cartn_x 
_atom_site.Cartn_y 
_atom_site.Cartn_z 
_atom_site.occupancy 
_atom_site.B_iso_or_equiv 
_atom_site.pdbx_formal_charge 
_atom_site.auth_seq_id 
_atom_site.auth_comp_id 
_atom_site.auth_asym_id 
_atom_site.auth_atom_id 
_atom_site.pdbx_PDB_model_num 
ATOM   1    N  N   . ASP A 1 18  ? -3.471  33.746  -16.079 1.00 31.51 ? 292 ASP A N   1 
ATOM   2    C  CA  . ASP A 1 18  ? -2.380  34.092  -17.043 1.00 30.65 ? 292 ASP A CA  1 
ATOM   3    C  C   . ASP A 1 18  ? -2.102  32.903  -17.983 1.00 29.99 ? 292 ASP A C   1 
ATOM   4    O  O   . ASP A 1 18  ? -2.917  31.988  -18.076 1.00 29.01 ? 292 ASP A O   1 
ATOM   5    C  CB  . ASP A 1 18  ? -1.122  34.560  -16.284 1.00 30.96 ? 292 ASP A CB  1 
ATOM   6    C  CG  . ASP A 1 18  ? -0.656  33.573  -15.221 1.00 31.22 ? 292 ASP A CG  1 
ATOM   7    O  OD1 . ASP A 1 18  ? 0.313   33.904  -14.489 1.00 33.15 ? 292 ASP A OD1 1 
ATOM   8    O  OD2 . ASP A 1 18  ? -1.243  32.478  -15.102 1.00 30.61 ? 292 ASP A OD2 1 
ATOM   9    N  N   . GLU A 1 19  ? -0.973  32.924  -18.687 1.00 29.08 ? 293 GLU A N   1 
ATOM   10   C  CA  . GLU A 1 19  ? -0.621  31.841  -19.617 1.00 28.27 ? 293 GLU A CA  1 
ATOM   11   C  C   . GLU A 1 19  ? -0.485  30.484  -18.910 1.00 27.10 ? 293 GLU A C   1 
ATOM   12   O  O   . GLU A 1 19  ? -0.963  29.465  -19.413 1.00 25.68 ? 293 GLU A O   1 
ATOM   13   C  CB  . GLU A 1 19  ? 0.654   32.191  -20.394 1.00 28.89 ? 293 GLU A CB  1 
ATOM   14   C  CG  . GLU A 1 19  ? 0.434   33.327  -21.378 1.00 30.84 ? 293 GLU A CG  1 
ATOM   15   C  CD  . GLU A 1 19  ? 1.714   33.946  -21.893 1.00 33.23 ? 293 GLU A CD  1 
ATOM   16   O  OE1 . GLU A 1 19  ? 2.798   33.642  -21.355 1.00 36.26 ? 293 GLU A OE1 1 
ATOM   17   O  OE2 . GLU A 1 19  ? 1.644   34.748  -22.852 1.00 35.82 ? 293 GLU A OE2 1 
ATOM   18   N  N   . GLU A 1 20  ? 0.167   30.470  -17.748 1.00 25.66 ? 294 GLU A N   1 
ATOM   19   C  CA  . GLU A 1 20  ? 0.237   29.260  -16.922 1.00 24.75 ? 294 GLU A CA  1 
ATOM   20   C  C   . GLU A 1 20  ? -1.139  28.704  -16.542 1.00 23.20 ? 294 GLU A C   1 
ATOM   21   O  O   . GLU A 1 20  ? -1.343  27.490  -16.531 1.00 21.31 ? 294 GLU A O   1 
ATOM   22   C  CB  . GLU A 1 20  ? 1.008   29.570  -15.633 1.00 25.14 ? 294 GLU A CB  1 
ATOM   23   C  CG  . GLU A 1 20  ? 1.203   28.392  -14.700 1.00 28.11 ? 294 GLU A CG  1 
ATOM   24   C  CD  . GLU A 1 20  ? 2.055   28.752  -13.501 1.00 31.00 ? 294 GLU A CD  1 
ATOM   25   O  OE1 . GLU A 1 20  ? 3.000   29.560  -13.667 1.00 34.01 ? 294 GLU A OE1 1 
ATOM   26   O  OE2 . GLU A 1 20  ? 1.793   28.226  -12.392 1.00 34.18 ? 294 GLU A OE2 1 
ATOM   27   N  N   . ASN A 1 21  ? -2.055  29.600  -16.194 1.00 22.86 ? 295 ASN A N   1 
ATOM   28   C  CA  . ASN A 1 21  ? -3.392  29.191  -15.754 1.00 22.81 ? 295 ASN A CA  1 
ATOM   29   C  C   . ASN A 1 21  ? -4.199  28.646  -16.920 1.00 22.20 ? 295 ASN A C   1 
ATOM   30   O  O   . ASN A 1 21  ? -4.937  27.678  -16.771 1.00 21.67 ? 295 ASN A O   1 
ATOM   31   C  CB  . ASN A 1 21  ? -4.139  30.354  -15.106 1.00 23.11 ? 295 ASN A CB  1 
ATOM   32   C  CG  . ASN A 1 21  ? -5.422  29.910  -14.421 1.00 24.64 ? 295 ASN A CG  1 
ATOM   33   O  OD1 . ASN A 1 21  ? -6.509  30.228  -14.886 1.00 27.43 ? 295 ASN A OD1 1 
ATOM   34   N  ND2 . ASN A 1 21  ? -5.294  29.177  -13.303 1.00 28.62 ? 295 ASN A ND2 1 
ATOM   35   N  N   . VAL A 1 22  ? -4.062  29.287  -18.075 1.00 21.39 ? 296 VAL A N   1 
ATOM   36   C  CA  . VAL A 1 22  ? -4.744  28.823  -19.293 1.00 21.38 ? 296 VAL A CA  1 
ATOM   37   C  C   . VAL A 1 22  ? -4.331  27.389  -19.612 1.00 20.39 ? 296 VAL A C   1 
ATOM   38   O  O   . VAL A 1 22  ? -5.188  26.537  -19.857 1.00 20.36 ? 296 VAL A O   1 
ATOM   39   C  CB  . VAL A 1 22  ? -4.480  29.763  -20.498 1.00 21.90 ? 296 VAL A CB  1 
ATOM   40   C  CG1 . VAL A 1 22  ? -4.853  29.075  -21.814 1.00 24.27 ? 296 VAL A CG1 1 
ATOM   41   C  CG2 . VAL A 1 22  ? -5.287  31.045  -20.329 1.00 23.81 ? 296 VAL A CG2 1 
ATOM   42   N  N   . ALA A 1 23  ? -3.036  27.111  -19.556 1.00 19.64 ? 297 ALA A N   1 
ATOM   43   C  CA  . ALA A 1 23  ? -2.536  25.767  -19.812 1.00 19.41 ? 297 ALA A CA  1 
ATOM   44   C  C   . ALA A 1 23  ? -3.024  24.772  -18.781 1.00 19.68 ? 297 ALA A C   1 
ATOM   45   O  O   . ALA A 1 23  ? -3.475  23.673  -19.123 1.00 19.62 ? 297 ALA A O   1 
ATOM   46   C  CB  . ALA A 1 23  ? -1.030  25.772  -19.847 1.00 18.83 ? 297 ALA A CB  1 
ATOM   47   N  N   . ALA A 1 24  ? -2.982  25.180  -17.516 1.00 19.61 ? 298 ALA A N   1 
ATOM   48   C  CA  . ALA A 1 24  ? -3.439  24.302  -16.444 1.00 19.99 ? 298 ALA A CA  1 
ATOM   49   C  C   . ALA A 1 24  ? -4.914  23.955  -16.610 1.00 19.60 ? 298 ALA A C   1 
ATOM   50   O  O   . ALA A 1 24  ? -5.338  22.828  -16.316 1.00 20.29 ? 298 ALA A O   1 
ATOM   51   C  CB  . ALA A 1 24  ? -3.189  24.960  -15.086 1.00 19.80 ? 298 ALA A CB  1 
ATOM   52   N  N   . ARG A 1 25  ? -5.702  24.908  -17.102 1.00 19.28 ? 299 ARG A N   1 
ATOM   53   C  CA  . ARG A 1 25  ? -7.142  24.678  -17.290 1.00 19.72 ? 299 ARG A CA  1 
ATOM   54   C  C   . ARG A 1 25  ? -7.420  23.684  -18.432 1.00 19.92 ? 299 ARG A C   1 
ATOM   55   O  O   . ARG A 1 25  ? -8.541  23.175  -18.562 1.00 22.03 ? 299 ARG A O   1 
ATOM   56   C  CB  . ARG A 1 25  ? -7.873  26.010  -17.514 1.00 19.49 ? 299 ARG A CB  1 
ATOM   57   C  CG  . ARG A 1 25  ? -8.009  26.805  -16.221 1.00 21.81 ? 299 ARG A CG  1 
ATOM   58   C  CD  . ARG A 1 25  ? -8.558  28.215  -16.423 1.00 22.59 ? 299 ARG A CD  1 
ATOM   59   N  NE  . ARG A 1 25  ? -8.849  28.798  -15.118 1.00 25.15 ? 299 ARG A NE  1 
ATOM   60   C  CZ  . ARG A 1 25  ? -10.035 28.773  -14.505 1.00 24.40 ? 299 ARG A CZ  1 
ATOM   61   N  NH1 . ARG A 1 25  ? -11.106 28.205  -15.057 1.00 26.06 ? 299 ARG A NH1 1 
ATOM   62   N  NH2 . ARG A 1 25  ? -10.147 29.330  -13.304 1.00 26.36 ? 299 ARG A NH2 1 
ATOM   63   N  N   . ALA A 1 26  ? -6.396  23.408  -19.239 1.00 19.61 ? 300 ALA A N   1 
ATOM   64   C  CA  . ALA A 1 26  ? -6.497  22.420  -20.321 1.00 19.27 ? 300 ALA A CA  1 
ATOM   65   C  C   . ALA A 1 26  ? -5.629  21.200  -20.083 1.00 19.13 ? 300 ALA A C   1 
ATOM   66   O  O   . ALA A 1 26  ? -5.239  20.515  -21.021 1.00 18.40 ? 300 ALA A O   1 
ATOM   67   C  CB  . ALA A 1 26  ? -6.147  23.068  -21.664 1.00 20.45 ? 300 ALA A CB  1 
ATOM   68   N  N   . SER A 1 27  ? -5.347  20.909  -18.802 1.00 18.73 ? 301 SER A N   1 
ATOM   69   C  CA  . SER A 1 27  ? -4.491  19.780  -18.426 1.00 19.06 ? 301 SER A CA  1 
ATOM   70   C  C   . SER A 1 27  ? -5.315  18.797  -17.546 1.00 18.22 ? 301 SER A C   1 
ATOM   71   O  O   . SER A 1 27  ? -5.490  19.000  -16.310 1.00 18.90 ? 301 SER A O   1 
ATOM   72   C  CB  . SER A 1 27  ? -3.260  20.303  -17.675 1.00 18.98 ? 301 SER A CB  1 
ATOM   73   O  OG  . SER A 1 27  ? -2.471  21.185  -18.467 1.00 21.02 ? 301 SER A OG  1 
ATOM   74   N  N   . PRO A 1 28  ? -5.934  17.788  -18.195 1.00 17.63 ? 302 PRO A N   1 
ATOM   75   C  CA  . PRO A 1 28  ? -6.927  16.946  -17.549 1.00 17.13 ? 302 PRO A CA  1 
ATOM   76   C  C   . PRO A 1 28  ? -6.443  15.803  -16.681 1.00 16.87 ? 302 PRO A C   1 
ATOM   77   O  O   . PRO A 1 28  ? -7.239  15.278  -15.888 1.00 18.07 ? 302 PRO A O   1 
ATOM   78   C  CB  . PRO A 1 28  ? -7.673  16.326  -18.724 1.00 17.03 ? 302 PRO A CB  1 
ATOM   79   C  CG  . PRO A 1 28  ? -6.718  16.252  -19.786 1.00 16.89 ? 302 PRO A CG  1 
ATOM   80   C  CD  . PRO A 1 28  ? -5.785  17.433  -19.621 1.00 17.72 ? 302 PRO A CD  1 
ATOM   81   N  N   . GLU A 1 29  ? -5.197  15.370  -16.834 1.00 17.20 ? 303 GLU A N   1 
ATOM   82   C  CA  . GLU A 1 29  ? -4.755  14.193  -16.099 1.00 18.80 ? 303 GLU A CA  1 
ATOM   83   C  C   . GLU A 1 29  ? -4.776  14.488  -14.618 1.00 19.15 ? 303 GLU A C   1 
ATOM   84   O  O   . GLU A 1 29  ? -4.433  15.605  -14.195 1.00 19.71 ? 303 GLU A O   1 
ATOM   85   C  CB  . GLU A 1 29  ? -3.355  13.791  -16.501 1.00 19.32 ? 303 GLU A CB  1 
ATOM   86   C  CG  . GLU A 1 29  ? -3.239  13.302  -17.930 1.00 22.03 ? 303 GLU A CG  1 
ATOM   87   C  CD  . GLU A 1 29  ? -1.812  12.938  -18.261 1.00 26.43 ? 303 GLU A CD  1 
ATOM   88   O  OE1 . GLU A 1 29  ? -1.140  13.733  -18.945 1.00 31.51 ? 303 GLU A OE1 1 
ATOM   89   O  OE2 . GLU A 1 29  ? -1.335  11.872  -17.808 1.00 31.93 ? 303 GLU A OE2 1 
ATOM   90   N  N   . PRO A 1 30  ? -5.124  13.475  -13.811 1.00 19.20 ? 304 PRO A N   1 
ATOM   91   C  CA  . PRO A 1 30  ? -5.138  13.769  -12.394 1.00 20.45 ? 304 PRO A CA  1 
ATOM   92   C  C   . PRO A 1 30  ? -3.737  14.084  -11.861 1.00 21.90 ? 304 PRO A C   1 
ATOM   93   O  O   . PRO A 1 30  ? -2.725  13.639  -12.423 1.00 21.92 ? 304 PRO A O   1 
ATOM   94   C  CB  . PRO A 1 30  ? -5.763  12.517  -11.791 1.00 21.04 ? 304 PRO A CB  1 
ATOM   95   C  CG  . PRO A 1 30  ? -5.406  11.431  -12.744 1.00 20.56 ? 304 PRO A CG  1 
ATOM   96   C  CD  . PRO A 1 30  ? -5.471  12.073  -14.092 1.00 18.91 ? 304 PRO A CD  1 
ATOM   97   N  N   . GLU A 1 31  ? -3.696  14.922  -10.830 1.00 23.26 ? 305 GLU A N   1 
ATOM   98   C  CA  . GLU A 1 31  ? -2.434  15.353  -10.277 1.00 24.78 ? 305 GLU A CA  1 
ATOM   99   C  C   . GLU A 1 31  ? -2.341  14.872  -8.861  1.00 24.94 ? 305 GLU A C   1 
ATOM   100  O  O   . GLU A 1 31  ? -3.329  14.801  -8.147  1.00 24.62 ? 305 GLU A O   1 
ATOM   101  C  CB  . GLU A 1 31  ? -2.253  16.865  -10.322 1.00 25.68 ? 305 GLU A CB  1 
ATOM   102  C  CG  . GLU A 1 31  ? -0.776  17.264  -10.191 1.00 30.43 ? 305 GLU A CG  1 
ATOM   103  C  CD  . GLU A 1 31  ? -0.541  18.756  -10.363 1.00 36.05 ? 305 GLU A CD  1 
ATOM   104  O  OE1 . GLU A 1 31  ? -1.053  19.531  -9.513  1.00 40.88 ? 305 GLU A OE1 1 
ATOM   105  O  OE2 . GLU A 1 31  ? 0.160   19.143  -11.329 1.00 38.33 ? 305 GLU A OE2 1 
ATOM   106  N  N   . LEU A 1 32  ? -1.116  14.559  -8.493  1.00 25.87 ? 306 LEU A N   1 
ATOM   107  C  CA  . LEU A 1 32  ? -0.800  13.929  -7.259  1.00 26.60 ? 306 LEU A CA  1 
ATOM   108  C  C   . LEU A 1 32  ? 0.301   14.792  -6.672  1.00 26.98 ? 306 LEU A C   1 
ATOM   109  O  O   . LEU A 1 32  ? 1.489   14.404  -6.614  1.00 28.06 ? 306 LEU A O   1 
ATOM   110  C  CB  . LEU A 1 32  ? -0.346  12.497  -7.545  1.00 26.92 ? 306 LEU A CB  1 
ATOM   111  C  CG  . LEU A 1 32  ? -0.531  11.473  -6.432  1.00 25.64 ? 306 LEU A CG  1 
ATOM   112  C  CD1 . LEU A 1 32  ? -1.971  11.435  -5.918  1.00 24.51 ? 306 LEU A CD1 1 
ATOM   113  C  CD2 . LEU A 1 32  ? -0.085  10.123  -6.965  1.00 25.09 ? 306 LEU A CD2 1 
ATOM   114  N  N   . GLN A 1 33  ? -0.115  16.007  -6.324  1.00 26.89 ? 307 GLN A N   1 
ATOM   115  C  CA  . GLN A 1 33  ? 0.694   16.930  -5.537  1.00 26.98 ? 307 GLN A CA  1 
ATOM   116  C  C   . GLN A 1 33  ? -0.104  17.280  -4.290  1.00 25.21 ? 307 GLN A C   1 
ATOM   117  O  O   . GLN A 1 33  ? -1.219  17.806  -4.364  1.00 26.09 ? 307 GLN A O   1 
ATOM   118  C  CB  . GLN A 1 33  ? 1.021   18.183  -6.349  1.00 27.68 ? 307 GLN A CB  1 
ATOM   119  C  CG  . GLN A 1 33  ? 1.874   17.863  -7.575  1.00 31.16 ? 307 GLN A CG  1 
ATOM   120  C  CD  . GLN A 1 33  ? 2.483   19.082  -8.238  1.00 35.05 ? 307 GLN A CD  1 
ATOM   121  O  OE1 . GLN A 1 33  ? 1.768   19.950  -8.750  1.00 38.77 ? 307 GLN A OE1 1 
ATOM   122  N  NE2 . GLN A 1 33  ? 3.810   19.137  -8.264  1.00 37.65 ? 307 GLN A NE2 1 
ATOM   123  N  N   . LEU A 1 34  ? 0.474   16.966  -3.151  1.00 22.29 ? 308 LEU A N   1 
ATOM   124  C  CA  . LEU A 1 34  ? -0.227  17.062  -1.873  1.00 20.02 ? 308 LEU A CA  1 
ATOM   125  C  C   . LEU A 1 34  ? -0.037  18.451  -1.275  1.00 18.77 ? 308 LEU A C   1 
ATOM   126  O  O   . LEU A 1 34  ? 0.898   19.162  -1.642  1.00 18.89 ? 308 LEU A O   1 
ATOM   127  C  CB  . LEU A 1 34  ? 0.325   16.002  -0.929  1.00 19.52 ? 308 LEU A CB  1 
ATOM   128  C  CG  . LEU A 1 34  ? 0.294   14.561  -1.434  1.00 18.56 ? 308 LEU A CG  1 
ATOM   129  C  CD1 . LEU A 1 34  ? 0.948   13.627  -0.441  1.00 16.75 ? 308 LEU A CD1 1 
ATOM   130  C  CD2 . LEU A 1 34  ? -1.150  14.149  -1.747  1.00 18.37 ? 308 LEU A CD2 1 
ATOM   131  N  N   . ARG A 1 35  ? -0.932  18.841  -0.373  1.00 16.73 ? 309 ARG A N   1 
ATOM   132  C  CA  . ARG A 1 35  ? -0.745  20.080  0.385   1.00 16.33 ? 309 ARG A CA  1 
ATOM   133  C  C   . ARG A 1 35  ? 0.388   19.874  1.371   1.00 15.27 ? 309 ARG A C   1 
ATOM   134  O  O   . ARG A 1 35  ? 0.698   18.748  1.728   1.00 12.76 ? 309 ARG A O   1 
ATOM   135  C  CB  . ARG A 1 35  ? -2.032  20.546  1.095   1.00 16.45 ? 309 ARG A CB  1 
ATOM   136  C  CG  . ARG A 1 35  ? -2.569  19.686  2.215   1.00 18.99 ? 309 ARG A CG  1 
ATOM   137  C  CD  . ARG A 1 35  ? -3.965  20.158  2.635   1.00 19.63 ? 309 ARG A CD  1 
ATOM   138  N  NE  . ARG A 1 35  ? -4.619  19.285  3.609   1.00 19.57 ? 309 ARG A NE  1 
ATOM   139  C  CZ  . ARG A 1 35  ? -4.902  19.594  4.869   1.00 21.58 ? 309 ARG A CZ  1 
ATOM   140  N  NH1 . ARG A 1 35  ? -4.569  20.779  5.392   1.00 22.18 ? 309 ARG A NH1 1 
ATOM   141  N  NH2 . ARG A 1 35  ? -5.513  18.692  5.638   1.00 22.17 ? 309 ARG A NH2 1 
ATOM   142  N  N   . PRO A 1 36  ? 1.042   20.971  1.780   1.00 15.29 ? 310 PRO A N   1 
ATOM   143  C  CA  . PRO A 1 36  ? 2.148   20.836  2.707   1.00 15.37 ? 310 PRO A CA  1 
ATOM   144  C  C   . PRO A 1 36  ? 1.855   20.064  4.000   1.00 15.54 ? 310 PRO A C   1 
ATOM   145  O  O   . PRO A 1 36  ? 2.708   19.323  4.434   1.00 14.90 ? 310 PRO A O   1 
ATOM   146  C  CB  . PRO A 1 36  ? 2.550   22.293  2.975   1.00 15.92 ? 310 PRO A CB  1 
ATOM   147  C  CG  . PRO A 1 36  ? 2.106   23.028  1.706   1.00 16.39 ? 310 PRO A CG  1 
ATOM   148  C  CD  . PRO A 1 36  ? 0.850   22.352  1.300   1.00 15.03 ? 310 PRO A CD  1 
ATOM   149  N  N   . TYR A 1 37  ? 0.684   20.257  4.604   1.00 15.93 ? 311 TYR A N   1 
ATOM   150  C  CA  . TYR A 1 37  ? 0.323   19.488  5.796   1.00 14.83 ? 311 TYR A CA  1 
ATOM   151  C  C   . TYR A 1 37  ? 0.295   17.994  5.485   1.00 13.80 ? 311 TYR A C   1 
ATOM   152  O  O   . TYR A 1 37  ? 0.782   17.190  6.256   1.00 14.01 ? 311 TYR A O   1 
ATOM   153  C  CB  . TYR A 1 37  ? -1.029  19.933  6.344   1.00 16.16 ? 311 TYR A CB  1 
ATOM   154  C  CG  . TYR A 1 37  ? -1.509  19.092  7.465   1.00 16.94 ? 311 TYR A CG  1 
ATOM   155  C  CD1 . TYR A 1 37  ? -0.912  19.200  8.719   1.00 17.27 ? 311 TYR A CD1 1 
ATOM   156  C  CD2 . TYR A 1 37  ? -2.545  18.164  7.309   1.00 18.75 ? 311 TYR A CD2 1 
ATOM   157  C  CE1 . TYR A 1 37  ? -1.317  18.409  9.772   1.00 18.18 ? 311 TYR A CE1 1 
ATOM   158  C  CE2 . TYR A 1 37  ? -2.962  17.388  8.374   1.00 19.64 ? 311 TYR A CE2 1 
ATOM   159  C  CZ  . TYR A 1 37  ? -2.344  17.509  9.602   1.00 20.42 ? 311 TYR A CZ  1 
ATOM   160  O  OH  . TYR A 1 37  ? -2.736  16.754  10.683  1.00 24.24 ? 311 TYR A OH  1 
ATOM   161  N  N   . GLN A 1 38  ? -0.261  17.633  4.327   1.00 14.31 ? 312 GLN A N   1 
ATOM   162  C  CA  . GLN A 1 38  ? -0.294  16.233  3.966   1.00 14.08 ? 312 GLN A CA  1 
ATOM   163  C  C   . GLN A 1 38  ? 1.108   15.669  3.756   1.00 14.57 ? 312 GLN A C   1 
ATOM   164  O  O   . GLN A 1 38  ? 1.376   14.536  4.154   1.00 15.07 ? 312 GLN A O   1 
ATOM   165  C  CB  . GLN A 1 38  ? -1.133  16.061  2.705   1.00 14.23 ? 312 GLN A CB  1 
ATOM   166  C  CG  . GLN A 1 38  ? -2.599  16.259  2.944   1.00 16.29 ? 312 GLN A CG  1 
ATOM   167  C  CD  . GLN A 1 38  ? -3.382  16.337  1.640   1.00 20.63 ? 312 GLN A CD  1 
ATOM   168  O  OE1 . GLN A 1 38  ? -2.833  16.675  0.564   1.00 20.04 ? 312 GLN A OE1 1 
ATOM   169  N  NE2 . GLN A 1 38  ? -4.695  16.062  1.735   1.00 20.33 ? 312 GLN A NE2 1 
ATOM   170  N  N   . MET A 1 39  ? 1.997   16.448  3.137   1.00 15.18 ? 313 MET A N   1 
ATOM   171  C  CA  . MET A 1 39  ? 3.416   16.090  3.017   1.00 15.88 ? 313 MET A CA  1 
ATOM   172  C  C   . MET A 1 39  ? 4.116   15.893  4.374   1.00 16.06 ? 313 MET A C   1 
ATOM   173  O  O   . MET A 1 39  ? 4.922   14.973  4.544   1.00 16.49 ? 313 MET A O   1 
ATOM   174  C  CB  . MET A 1 39  ? 4.190   17.114  2.173   1.00 17.03 ? 313 MET A CB  1 
ATOM   175  C  CG  . MET A 1 39  ? 3.837   17.090  0.694   1.00 19.50 ? 313 MET A CG  1 
ATOM   176  S  SD  . MET A 1 39  ? 4.201   15.498  -0.112  1.00 24.37 ? 313 MET A SD  1 
ATOM   177  C  CE  . MET A 1 39  ? 5.981   15.418  0.032   1.00 22.02 ? 313 MET A CE  1 
ATOM   178  N  N   . GLU A 1 40  ? 3.802   16.770  5.316   1.00 15.25 ? 314 GLU A N   1 
ATOM   179  C  CA  . GLU A 1 40  ? 4.368   16.701  6.653   1.00 16.17 ? 314 GLU A CA  1 
ATOM   180  C  C   . GLU A 1 40  ? 3.925   15.415  7.314   1.00 15.28 ? 314 GLU A C   1 
ATOM   181  O  O   . GLU A 1 40  ? 4.749   14.685  7.890   1.00 16.82 ? 314 GLU A O   1 
ATOM   182  C  CB  . GLU A 1 40  ? 3.959   17.930  7.469   1.00 16.12 ? 314 GLU A CB  1 
ATOM   183  C  CG  . GLU A 1 40  ? 4.508   17.966  8.910   1.00 17.17 ? 314 GLU A CG  1 
ATOM   184  C  CD  . GLU A 1 40  ? 5.989   18.270  8.989   1.00 21.64 ? 314 GLU A CD  1 
ATOM   185  O  OE1 . GLU A 1 40  ? 6.564   18.758  7.997   1.00 23.79 ? 314 GLU A OE1 1 
ATOM   186  O  OE2 . GLU A 1 40  ? 6.591   18.057  10.065  1.00 20.91 ? 314 GLU A OE2 1 
ATOM   187  N  N   A VAL A 1 41  ? 2.641   15.087  7.262   0.50 15.62 ? 315 VAL A N   1 
ATOM   188  N  N   B VAL A 1 41  ? 2.622   15.155  7.242   0.50 14.77 ? 315 VAL A N   1 
ATOM   189  C  CA  A VAL A 1 41  ? 2.210   13.862  7.953   0.50 15.80 ? 315 VAL A CA  1 
ATOM   190  C  CA  B VAL A 1 41  ? 2.029   13.948  7.816   0.50 14.56 ? 315 VAL A CA  1 
ATOM   191  C  C   A VAL A 1 41  ? 2.653   12.595  7.196   0.50 15.40 ? 315 VAL A C   1 
ATOM   192  C  C   B VAL A 1 41  ? 2.707   12.698  7.214   0.50 14.57 ? 315 VAL A C   1 
ATOM   193  O  O   A VAL A 1 41  ? 2.788   11.534  7.798   0.50 15.68 ? 315 VAL A O   1 
ATOM   194  O  O   B VAL A 1 41  ? 3.098   11.798  7.948   0.50 14.27 ? 315 VAL A O   1 
ATOM   195  C  CB  A VAL A 1 41  ? 0.695   13.844  8.262   0.50 16.16 ? 315 VAL A CB  1 
ATOM   196  C  CB  B VAL A 1 41  ? 0.481   13.935  7.584   0.50 13.78 ? 315 VAL A CB  1 
ATOM   197  C  CG1 A VAL A 1 41  ? 0.323   15.031  9.158   0.50 18.33 ? 315 VAL A CG1 1 
ATOM   198  C  CG1 B VAL A 1 41  ? -0.095  12.573  7.886   0.50 15.41 ? 315 VAL A CG1 1 
ATOM   199  C  CG2 A VAL A 1 41  ? -0.130  13.809  7.009   0.50 17.27 ? 315 VAL A CG2 1 
ATOM   200  C  CG2 B VAL A 1 41  ? -0.233  15.002  8.423   0.50 14.24 ? 315 VAL A CG2 1 
ATOM   201  N  N   . ALA A 1 42  ? 2.909   12.713  5.898   1.00 14.81 ? 316 ALA A N   1 
ATOM   202  C  CA  . ALA A 1 42  ? 3.415   11.553  5.116   1.00 14.74 ? 316 ALA A CA  1 
ATOM   203  C  C   . ALA A 1 42  ? 4.888   11.289  5.299   1.00 15.46 ? 316 ALA A C   1 
ATOM   204  O  O   . ALA A 1 42  ? 5.361   10.208  4.966   1.00 14.96 ? 316 ALA A O   1 
ATOM   205  C  CB  . ALA A 1 42  ? 3.134   11.784  3.633   1.00 15.58 ? 316 ALA A CB  1 
ATOM   206  N  N   . GLN A 1 43  ? 5.633   12.285  5.795   1.00 15.88 ? 317 GLN A N   1 
ATOM   207  C  CA  . GLN A 1 43  ? 7.087   12.228  5.689   1.00 17.07 ? 317 GLN A CA  1 
ATOM   208  C  C   . GLN A 1 43  ? 7.723   10.903  6.218   1.00 16.12 ? 317 GLN A C   1 
ATOM   209  O  O   . GLN A 1 43  ? 8.579   10.311  5.546   1.00 15.86 ? 317 GLN A O   1 
ATOM   210  C  CB  . GLN A 1 43  ? 7.715   13.470  6.304   1.00 17.61 ? 317 GLN A CB  1 
ATOM   211  C  CG  . GLN A 1 43  ? 9.238   13.572  6.087   1.00 20.89 ? 317 GLN A CG  1 
ATOM   212  C  CD  . GLN A 1 43  ? 9.699   13.605  4.612   1.00 25.64 ? 317 GLN A CD  1 
ATOM   213  O  OE1 . GLN A 1 43  ? 8.981   14.044  3.708   1.00 30.54 ? 317 GLN A OE1 1 
ATOM   214  N  NE2 . GLN A 1 43  ? 10.941  13.167  4.388   1.00 29.26 ? 317 GLN A NE2 1 
ATOM   215  N  N   . PRO A 1 44  ? 7.332   10.406  7.409   1.00 15.89 ? 318 PRO A N   1 
ATOM   216  C  CA  . PRO A 1 44  ? 8.014   9.184   7.851   1.00 15.99 ? 318 PRO A CA  1 
ATOM   217  C  C   . PRO A 1 44  ? 7.779   8.009   6.935   1.00 15.30 ? 318 PRO A C   1 
ATOM   218  O  O   . PRO A 1 44  ? 8.664   7.208   6.779   1.00 14.66 ? 318 PRO A O   1 
ATOM   219  C  CB  . PRO A 1 44  ? 7.418   8.898   9.237   1.00 16.94 ? 318 PRO A CB  1 
ATOM   220  C  CG  . PRO A 1 44  ? 6.759   10.135  9.635   1.00 18.38 ? 318 PRO A CG  1 
ATOM   221  C  CD  . PRO A 1 44  ? 6.373   10.880  8.420   1.00 16.84 ? 318 PRO A CD  1 
ATOM   222  N  N   . ALA A 1 45  ? 6.594   7.933   6.321   1.00 14.38 ? 319 ALA A N   1 
ATOM   223  C  CA  . ALA A 1 45  ? 6.296   6.860   5.367   1.00 14.03 ? 319 ALA A CA  1 
ATOM   224  C  C   . ALA A 1 45  ? 7.168   6.985   4.121   1.00 15.31 ? 319 ALA A C   1 
ATOM   225  O  O   . ALA A 1 45  ? 7.654   5.992   3.575   1.00 15.07 ? 319 ALA A O   1 
ATOM   226  C  CB  . ALA A 1 45  ? 4.817   6.835   5.021   1.00 14.87 ? 319 ALA A CB  1 
ATOM   227  N  N   . LEU A 1 46  ? 7.362   8.202   3.674   1.00 15.33 ? 320 LEU A N   1 
ATOM   228  C  CA  . LEU A 1 46  ? 8.248   8.473   2.534   1.00 16.53 ? 320 LEU A CA  1 
ATOM   229  C  C   . LEU A 1 46  ? 9.697   8.078   2.843   1.00 16.98 ? 320 LEU A C   1 
ATOM   230  O  O   . LEU A 1 46  ? 10.462  7.729   1.929   1.00 19.22 ? 320 LEU A O   1 
ATOM   231  C  CB  . LEU A 1 46  ? 8.154   9.942   2.118   1.00 16.35 ? 320 LEU A CB  1 
ATOM   232  C  CG  . LEU A 1 46  ? 6.762   10.386  1.664   1.00 17.60 ? 320 LEU A CG  1 
ATOM   233  C  CD1 . LEU A 1 46  ? 6.705   11.894  1.452   1.00 18.33 ? 320 LEU A CD1 1 
ATOM   234  C  CD2 . LEU A 1 46  ? 6.278   9.633   0.416   1.00 15.86 ? 320 LEU A CD2 1 
ATOM   235  N  N   . GLU A 1 47  ? 10.068  8.071   4.126   1.00 16.29 ? 321 GLU A N   1 
ATOM   236  C  CA  . GLU A 1 47  ? 11.405  7.663   4.579   1.00 16.88 ? 321 GLU A CA  1 
ATOM   237  C  C   . GLU A 1 47  ? 11.497  6.155   4.858   1.00 16.77 ? 321 GLU A C   1 
ATOM   238  O  O   . GLU A 1 47  ? 12.567  5.655   5.287   1.00 18.57 ? 321 GLU A O   1 
ATOM   239  C  CB  . GLU A 1 47  ? 11.733  8.452   5.852   1.00 16.90 ? 321 GLU A CB  1 
ATOM   240  C  CG  . GLU A 1 47  ? 11.922  9.927   5.587   1.00 19.49 ? 321 GLU A CG  1 
ATOM   241  C  CD  . GLU A 1 47  ? 12.033  10.808  6.836   1.00 25.02 ? 321 GLU A CD  1 
ATOM   242  O  OE1 . GLU A 1 47  ? 11.853  10.315  7.974   1.00 29.63 ? 321 GLU A OE1 1 
ATOM   243  O  OE2 . GLU A 1 47  ? 12.303  12.016  6.666   1.00 30.13 ? 321 GLU A OE2 1 
ATOM   244  N  N   . GLY A 1 48  ? 10.400  5.432   4.608   1.00 16.54 ? 322 GLY A N   1 
ATOM   245  C  CA  . GLY A 1 48  ? 10.352  3.990   4.801   1.00 16.53 ? 322 GLY A CA  1 
ATOM   246  C  C   . GLY A 1 48  ? 10.054  3.513   6.209   1.00 16.66 ? 322 GLY A C   1 
ATOM   247  O  O   . GLY A 1 48  ? 10.219  2.325   6.478   1.00 19.19 ? 322 GLY A O   1 
ATOM   248  N  N   . LYS A 1 49  ? 9.592   4.396   7.084   1.00 15.35 ? 323 LYS A N   1 
ATOM   249  C  CA  . LYS A 1 49  ? 9.253   4.040   8.463   1.00 15.72 ? 323 LYS A CA  1 
ATOM   250  C  C   . LYS A 1 49  ? 7.819   3.580   8.576   1.00 14.81 ? 323 LYS A C   1 
ATOM   251  O  O   . LYS A 1 49  ? 6.946   4.155   7.936   1.00 16.16 ? 323 LYS A O   1 
ATOM   252  C  CB  . LYS A 1 49  ? 9.447   5.264   9.370   1.00 16.19 ? 323 LYS A CB  1 
ATOM   253  C  CG  . LYS A 1 49  ? 10.923  5.713   9.396   1.00 19.97 ? 323 LYS A CG  1 
ATOM   254  C  CD  . LYS A 1 49  ? 11.141  7.127   9.766   1.00 25.30 ? 323 LYS A CD  1 
ATOM   255  C  CE  . LYS A 1 49  ? 12.656  7.478   9.717   1.00 26.40 ? 323 LYS A CE  1 
ATOM   256  N  NZ  . LYS A 1 49  ? 12.921  8.907   9.977   1.00 31.25 ? 323 LYS A NZ  1 
ATOM   257  N  N   . ASN A 1 50  ? 7.565   2.553   9.392   1.00 14.03 ? 324 ASN A N   1 
ATOM   258  C  CA  . ASN A 1 50  ? 6.208   2.144   9.716   1.00 13.33 ? 324 ASN A CA  1 
ATOM   259  C  C   . ASN A 1 50  ? 5.512   3.248   10.484  1.00 12.59 ? 324 ASN A C   1 
ATOM   260  O  O   . ASN A 1 50  ? 6.037   3.804   11.432  1.00 13.73 ? 324 ASN A O   1 
ATOM   261  C  CB  . ASN A 1 50  ? 6.217   0.887   10.573  1.00 12.69 ? 324 ASN A CB  1 
ATOM   262  C  CG  . ASN A 1 50  ? 6.810   -0.320  9.877   1.00 16.26 ? 324 ASN A CG  1 
ATOM   263  O  OD1 . ASN A 1 50  ? 6.914   -0.352  8.638   1.00 15.66 ? 324 ASN A OD1 1 
ATOM   264  N  ND2 . ASN A 1 50  ? 7.170   -1.349  10.667  1.00 20.91 ? 324 ASN A ND2 1 
ATOM   265  N  N   . ILE A 1 51  ? 4.314   3.566   10.090  1.00 13.89 ? 325 ILE A N   1 
ATOM   266  C  CA  . ILE A 1 51  ? 3.644   4.729   10.615  1.00 12.96 ? 325 ILE A CA  1 
ATOM   267  C  C   . ILE A 1 51  ? 2.147   4.668   10.394  1.00 13.85 ? 325 ILE A C   1 
ATOM   268  O  O   . ILE A 1 51  ? 1.667   3.967   9.474   1.00 13.65 ? 325 ILE A O   1 
ATOM   269  C  CB  . ILE A 1 51  ? 4.224   6.048   9.947   1.00 14.40 ? 325 ILE A CB  1 
ATOM   270  C  CG1 . ILE A 1 51  ? 4.157   7.239   10.898  1.00 17.39 ? 325 ILE A CG1 1 
ATOM   271  C  CG2 . ILE A 1 51  ? 3.532   6.383   8.638   1.00 16.55 ? 325 ILE A CG2 1 
ATOM   272  C  CD1 . ILE A 1 51  ? 5.209   7.164   11.951  1.00 20.13 ? 325 ILE A CD1 1 
ATOM   273  N  N   . ILE A 1 52  ? 1.420   5.436   11.212  1.00 14.84 ? 326 ILE A N   1 
ATOM   274  C  CA  A ILE A 1 52  ? -0.008  5.668   11.048  0.50 15.32 ? 326 ILE A CA  1 
ATOM   275  C  CA  B ILE A 1 52  ? -0.006  5.658   10.979  0.50 15.36 ? 326 ILE A CA  1 
ATOM   276  C  C   . ILE A 1 52  ? -0.186  7.112   10.540  1.00 15.81 ? 326 ILE A C   1 
ATOM   277  O  O   . ILE A 1 52  ? 0.444   8.037   11.081  1.00 16.52 ? 326 ILE A O   1 
ATOM   278  C  CB  A ILE A 1 52  ? -0.725  5.516   12.428  0.50 16.09 ? 326 ILE A CB  1 
ATOM   279  C  CB  B ILE A 1 52  ? -0.897  5.399   12.229  0.50 16.26 ? 326 ILE A CB  1 
ATOM   280  C  CG1 A ILE A 1 52  ? -0.747  4.062   12.888  0.50 17.85 ? 326 ILE A CG1 1 
ATOM   281  C  CG1 B ILE A 1 52  ? -0.624  4.029   12.851  0.50 17.85 ? 326 ILE A CG1 1 
ATOM   282  C  CG2 A ILE A 1 52  ? -2.123  6.114   12.374  0.50 15.09 ? 326 ILE A CG2 1 
ATOM   283  C  CG2 B ILE A 1 52  ? -2.386  5.581   11.837  0.50 15.71 ? 326 ILE A CG2 1 
ATOM   284  C  CD1 A ILE A 1 52  ? -1.008  3.921   14.356  0.50 18.65 ? 326 ILE A CD1 1 
ATOM   285  C  CD1 B ILE A 1 52  ? -1.172  2.889   12.046  0.50 18.18 ? 326 ILE A CD1 1 
ATOM   286  N  N   . ILE A 1 53  ? -1.039  7.313   9.537   1.00 15.53 ? 327 ILE A N   1 
ATOM   287  C  CA  . ILE A 1 53  ? -1.383  8.675   9.081   1.00 17.21 ? 327 ILE A CA  1 
ATOM   288  C  C   . ILE A 1 53  ? -2.864  8.879   9.334   1.00 17.24 ? 327 ILE A C   1 
ATOM   289  O  O   . ILE A 1 53  ? -3.702  8.051   8.990   1.00 15.65 ? 327 ILE A O   1 
ATOM   290  C  CB  . ILE A 1 53  ? -1.043  8.893   7.637   1.00 17.97 ? 327 ILE A CB  1 
ATOM   291  C  CG1 . ILE A 1 53  ? 0.461   8.811   7.414   1.00 19.11 ? 327 ILE A CG1 1 
ATOM   292  C  CG2 . ILE A 1 53  ? -1.606  10.239  7.159   1.00 21.59 ? 327 ILE A CG2 1 
ATOM   293  C  CD1 . ILE A 1 53  ? 0.784   8.947   5.980   1.00 21.80 ? 327 ILE A CD1 1 
ATOM   294  N  N   . CYS A 1 54  ? -3.146  9.987   10.004  1.00 17.69 ? 328 CYS A N   1 
ATOM   295  C  CA  A CYS A 1 54  ? -4.496  10.358  10.350  0.60 18.50 ? 328 CYS A CA  1 
ATOM   296  C  CA  B CYS A 1 54  ? -4.494  10.376  10.372  0.40 18.56 ? 328 CYS A CA  1 
ATOM   297  C  C   . CYS A 1 54  ? -4.815  11.651  9.609   1.00 17.87 ? 328 CYS A C   1 
ATOM   298  O  O   . CYS A 1 54  ? -4.132  12.658  9.783   1.00 19.23 ? 328 CYS A O   1 
ATOM   299  C  CB  A CYS A 1 54  ? -4.600  10.525  11.858  0.60 18.71 ? 328 CYS A CB  1 
ATOM   300  C  CB  B CYS A 1 54  ? -4.563  10.635  11.874  0.40 18.79 ? 328 CYS A CB  1 
ATOM   301  S  SG  A CYS A 1 54  ? -6.218  11.110  12.393  0.60 23.39 ? 328 CYS A SG  1 
ATOM   302  S  SG  B CYS A 1 54  ? -4.033  9.265   12.905  0.40 23.27 ? 328 CYS A SG  1 
ATOM   303  N  N   . LEU A 1 55  ? -5.836  11.619  8.748   1.00 18.38 ? 329 LEU A N   1 
ATOM   304  C  CA  . LEU A 1 55  ? -6.204  12.808  7.974   1.00 19.18 ? 329 LEU A CA  1 
ATOM   305  C  C   . LEU A 1 55  ? -7.689  13.023  8.085   1.00 18.55 ? 329 LEU A C   1 
ATOM   306  O  O   . LEU A 1 55  ? -8.396  12.064  8.337   1.00 19.12 ? 329 LEU A O   1 
ATOM   307  C  CB  . LEU A 1 55  ? -5.797  12.644  6.546   1.00 19.67 ? 329 LEU A CB  1 
ATOM   308  C  CG  . LEU A 1 55  ? -4.310  12.905  6.386   1.00 22.73 ? 329 LEU A CG  1 
ATOM   309  C  CD1 . LEU A 1 55  ? -3.917  12.417  5.048   1.00 24.84 ? 329 LEU A CD1 1 
ATOM   310  C  CD2 . LEU A 1 55  ? -3.940  14.355  6.613   1.00 25.75 ? 329 LEU A CD2 1 
ATOM   311  N  N   . PRO A 1 56  ? -8.142  14.285  7.942   1.00 19.52 ? 330 PRO A N   1 
ATOM   312  C  CA  . PRO A 1 56  ? -9.516  14.675  8.188   1.00 19.97 ? 330 PRO A CA  1 
ATOM   313  C  C   . PRO A 1 56  ? -10.542 14.304  7.127   1.00 19.71 ? 330 PRO A C   1 
ATOM   314  O  O   . PRO A 1 56  ? -11.728 14.429  7.420   1.00 21.62 ? 330 PRO A O   1 
ATOM   315  C  CB  . PRO A 1 56  ? -9.432  16.176  8.362   1.00 19.79 ? 330 PRO A CB  1 
ATOM   316  C  CG  . PRO A 1 56  ? -8.324  16.616  7.562   1.00 20.16 ? 330 PRO A CG  1 
ATOM   317  C  CD  . PRO A 1 56  ? -7.302  15.457  7.672   1.00 20.10 ? 330 PRO A CD  1 
ATOM   318  N  N   . THR A 1 57  ? -10.106 13.889  5.932   1.00 17.10 ? 331 THR A N   1 
ATOM   319  C  CA  . THR A 1 57  ? -11.030 13.488  4.851   1.00 16.45 ? 331 THR A CA  1 
ATOM   320  C  C   . THR A 1 57  ? -10.626 12.196  4.152   1.00 15.96 ? 331 THR A C   1 
ATOM   321  O  O   . THR A 1 57  ? -9.442  11.838  4.131   1.00 15.98 ? 331 THR A O   1 
ATOM   322  C  CB  . THR A 1 57  ? -11.130 14.592  3.747   1.00 17.32 ? 331 THR A CB  1 
ATOM   323  O  OG1 . THR A 1 57  ? -9.857  14.710  3.086   1.00 16.62 ? 331 THR A OG1 1 
ATOM   324  C  CG2 . THR A 1 57  ? -11.561 15.925  4.340   1.00 15.38 ? 331 THR A CG2 1 
ATOM   325  N  N   . GLY A 1 58  ? -11.591 11.454  3.610   1.00 15.57 ? 332 GLY A N   1 
ATOM   326  C  CA  . GLY A 1 58  ? -11.328 10.258  2.853   1.00 15.41 ? 332 GLY A CA  1 
ATOM   327  C  C   . GLY A 1 58  ? -10.518 10.528  1.588   1.00 14.93 ? 332 GLY A C   1 
ATOM   328  O  O   . GLY A 1 58  ? -9.570  9.819   1.284   1.00 16.33 ? 332 GLY A O   1 
ATOM   329  N  N   . SER A 1 59  ? -10.903 11.585  0.870   1.00 15.87 ? 333 SER A N   1 
ATOM   330  C  CA  . SER A 1 59  ? -10.208 11.975  -0.357  1.00 14.65 ? 333 SER A CA  1 
ATOM   331  C  C   . SER A 1 59  ? -8.758  12.314  -0.061  1.00 14.93 ? 333 SER A C   1 
ATOM   332  O  O   . SER A 1 59  ? -7.863  11.947  -0.813  1.00 15.19 ? 333 SER A O   1 
ATOM   333  C  CB  . SER A 1 59  ? -10.925 13.153  -1.019  1.00 14.35 ? 333 SER A CB  1 
ATOM   334  O  OG  . SER A 1 59  ? -11.279 14.154  -0.097  1.00 16.12 ? 333 SER A OG  1 
ATOM   335  N  N   . GLY A 1 60  ? -8.512  13.006  1.044   1.00 13.28 ? 334 GLY A N   1 
ATOM   336  C  CA  . GLY A 1 60  ? -7.152  13.303  1.442   1.00 13.54 ? 334 GLY A CA  1 
ATOM   337  C  C   . GLY A 1 60  ? -6.332  12.089  1.807   1.00 15.30 ? 334 GLY A C   1 
ATOM   338  O  O   . GLY A 1 60  ? -5.193  11.929  1.369   1.00 15.75 ? 334 GLY A O   1 
ATOM   339  N  N   . LYS A 1 61  ? -6.916  11.203  2.595   1.00 14.82 ? 335 LYS A N   1 
ATOM   340  C  CA  . LYS A 1 61  ? -6.292  9.946   2.975   1.00 16.04 ? 335 LYS A CA  1 
ATOM   341  C  C   . LYS A 1 61  ? -5.918  9.137   1.751   1.00 15.68 ? 335 LYS A C   1 
ATOM   342  O  O   . LYS A 1 61  ? -4.797  8.599   1.651   1.00 15.36 ? 335 LYS A O   1 
ATOM   343  C  CB  . LYS A 1 61  ? -7.282  9.174   3.846   1.00 18.06 ? 335 LYS A CB  1 
ATOM   344  C  CG  . LYS A 1 61  ? -6.827  7.873   4.354   1.00 22.58 ? 335 LYS A CG  1 
ATOM   345  C  CD  . LYS A 1 61  ? -8.022  7.133   4.978   1.00 27.67 ? 335 LYS A CD  1 
ATOM   346  C  CE  . LYS A 1 61  ? -8.847  6.421   3.918   1.00 31.63 ? 335 LYS A CE  1 
ATOM   347  N  NZ  . LYS A 1 61  ? -9.898  5.591   4.549   1.00 34.36 ? 335 LYS A NZ  1 
ATOM   348  N  N   . THR A 1 62  ? -6.845  9.058   0.801   1.00 15.08 ? 336 THR A N   1 
ATOM   349  C  CA  . THR A 1 62  ? -6.634  8.296   -0.423  1.00 15.74 ? 336 THR A CA  1 
ATOM   350  C  C   . THR A 1 62  ? -5.487  8.871   -1.260  1.00 14.55 ? 336 THR A C   1 
ATOM   351  O  O   . THR A 1 62  ? -4.612  8.152   -1.728  1.00 14.53 ? 336 THR A O   1 
ATOM   352  C  CB  . THR A 1 62  ? -7.922  8.146   -1.211  1.00 17.46 ? 336 THR A CB  1 
ATOM   353  O  OG1 . THR A 1 62  ? -8.880  7.433   -0.405  1.00 21.98 ? 336 THR A OG1 1 
ATOM   354  C  CG2 . THR A 1 62  ? -7.661  7.412   -2.507  1.00 20.49 ? 336 THR A CG2 1 
ATOM   355  N  N   . ARG A 1 63  ? -5.496  10.180  -1.450  1.00 14.11 ? 337 ARG A N   1 
ATOM   356  C  CA  . ARG A 1 63  ? -4.450  10.838  -2.232  1.00 13.38 ? 337 ARG A CA  1 
ATOM   357  C  C   . ARG A 1 63  ? -3.088  10.631  -1.602  1.00 12.91 ? 337 ARG A C   1 
ATOM   358  O  O   . ARG A 1 63  ? -2.120  10.366  -2.285  1.00 13.51 ? 337 ARG A O   1 
ATOM   359  C  CB  . ARG A 1 63  ? -4.766  12.334  -2.422  1.00 13.52 ? 337 ARG A CB  1 
ATOM   360  C  CG  . ARG A 1 63  ? -5.936  12.570  -3.420  1.00 14.67 ? 337 ARG A CG  1 
ATOM   361  C  CD  . ARG A 1 63  ? -6.449  14.047  -3.414  1.00 17.86 ? 337 ARG A CD  1 
ATOM   362  N  NE  . ARG A 1 63  ? -5.327  14.949  -3.660  1.00 19.82 ? 337 ARG A NE  1 
ATOM   363  C  CZ  . ARG A 1 63  ? -4.719  15.123  -4.833  1.00 21.01 ? 337 ARG A CZ  1 
ATOM   364  N  NH1 . ARG A 1 63  ? -5.199  14.566  -5.952  1.00 16.98 ? 337 ARG A NH1 1 
ATOM   365  N  NH2 . ARG A 1 63  ? -3.630  15.897  -4.904  1.00 21.96 ? 337 ARG A NH2 1 
ATOM   366  N  N   . VAL A 1 64  ? -3.001  10.738  -0.285  1.00 13.38 ? 338 VAL A N   1 
ATOM   367  C  CA  . VAL A 1 64  ? -1.744  10.498  0.428   1.00 14.07 ? 338 VAL A CA  1 
ATOM   368  C  C   . VAL A 1 64  ? -1.282  9.038   0.247   1.00 14.31 ? 338 VAL A C   1 
ATOM   369  O  O   . VAL A 1 64  ? -0.120  8.776   -0.049  1.00 14.35 ? 338 VAL A O   1 
ATOM   370  C  CB  . VAL A 1 64  ? -1.918  10.913  1.894   1.00 14.89 ? 338 VAL A CB  1 
ATOM   371  C  CG1 . VAL A 1 64  ? -0.737  10.411  2.683   1.00 18.40 ? 338 VAL A CG1 1 
ATOM   372  C  CG2 . VAL A 1 64  ? -2.022  12.428  2.008   1.00 15.95 ? 338 VAL A CG2 1 
ATOM   373  N  N   . ALA A 1 65  ? -2.215  8.093   0.341   1.00 14.35 ? 339 ALA A N   1 
ATOM   374  C  CA  . ALA A 1 65  ? -1.905  6.672   0.133   1.00 14.99 ? 339 ALA A CA  1 
ATOM   375  C  C   . ALA A 1 65  ? -1.327  6.417   -1.267  1.00 14.93 ? 339 ALA A C   1 
ATOM   376  O  O   . ALA A 1 65  ? -0.344  5.687   -1.432  1.00 15.72 ? 339 ALA A O   1 
ATOM   377  C  CB  . ALA A 1 65  ? -3.139  5.826   0.337   1.00 16.81 ? 339 ALA A CB  1 
ATOM   378  N  N   . VAL A 1 66  ? -1.957  6.999   -2.282  1.00 14.01 ? 340 VAL A N   1 
ATOM   379  C  CA  . VAL A 1 66  ? -1.533  6.783   -3.654  1.00 14.38 ? 340 VAL A CA  1 
ATOM   380  C  C   . VAL A 1 66  ? -0.138  7.422   -3.843  1.00 14.22 ? 340 VAL A C   1 
ATOM   381  O  O   . VAL A 1 66  ? 0.761   6.840   -4.464  1.00 14.38 ? 340 VAL A O   1 
ATOM   382  C  CB  . VAL A 1 66  ? -2.542  7.349   -4.638  1.00 14.78 ? 340 VAL A CB  1 
ATOM   383  C  CG1 . VAL A 1 66  ? -2.030  7.259   -6.110  1.00 15.81 ? 340 VAL A CG1 1 
ATOM   384  C  CG2 . VAL A 1 66  ? -3.917  6.665   -4.522  1.00 14.99 ? 340 VAL A CG2 1 
ATOM   385  N  N   . TYR A 1 67  ? 0.053   8.617   -3.293  1.00 13.85 ? 341 TYR A N   1 
ATOM   386  C  CA  . TYR A 1 67  ? 1.348   9.298   -3.395  1.00 12.99 ? 341 TYR A CA  1 
ATOM   387  C  C   . TYR A 1 67  ? 2.467   8.443   -2.760  1.00 13.18 ? 341 TYR A C   1 
ATOM   388  O  O   . TYR A 1 67  ? 3.555   8.250   -3.330  1.00 12.44 ? 341 TYR A O   1 
ATOM   389  C  CB  . TYR A 1 67  ? 1.287   10.664  -2.704  1.00 13.36 ? 341 TYR A CB  1 
ATOM   390  C  CG  . TYR A 1 67  ? 2.537   11.475  -2.848  1.00 13.72 ? 341 TYR A CG  1 
ATOM   391  C  CD1 . TYR A 1 67  ? 2.654   12.420  -3.855  1.00 14.73 ? 341 TYR A CD1 1 
ATOM   392  C  CD2 . TYR A 1 67  ? 3.593   11.312  -1.989  1.00 15.86 ? 341 TYR A CD2 1 
ATOM   393  C  CE1 . TYR A 1 67  ? 3.799   13.160  -4.003  1.00 16.39 ? 341 TYR A CE1 1 
ATOM   394  C  CE2 . TYR A 1 67  ? 4.754   12.077  -2.127  1.00 16.72 ? 341 TYR A CE2 1 
ATOM   395  C  CZ  . TYR A 1 67  ? 4.846   12.986  -3.135  1.00 17.69 ? 341 TYR A CZ  1 
ATOM   396  O  OH  . TYR A 1 67  ? 6.021   13.738  -3.274  1.00 20.53 ? 341 TYR A OH  1 
ATOM   397  N  N   . ILE A 1 68  ? 2.191   7.933   -1.570  1.00 13.03 ? 342 ILE A N   1 
ATOM   398  C  CA  . ILE A 1 68  ? 3.168   7.124   -0.865  1.00 13.22 ? 342 ILE A CA  1 
ATOM   399  C  C   . ILE A 1 68  ? 3.450   5.820   -1.644  1.00 13.18 ? 342 ILE A C   1 
ATOM   400  O  O   . ILE A 1 68  ? 4.610   5.412   -1.777  1.00 13.90 ? 342 ILE A O   1 
ATOM   401  C  CB  . ILE A 1 68  ? 2.709   6.819   0.564   1.00 13.11 ? 342 ILE A CB  1 
ATOM   402  C  CG1 . ILE A 1 68  ? 2.763   8.093   1.433   1.00 14.94 ? 342 ILE A CG1 1 
ATOM   403  C  CG2 . ILE A 1 68  ? 3.570   5.691   1.167   1.00 15.17 ? 342 ILE A CG2 1 
ATOM   404  C  CD1 . ILE A 1 68  ? 1.975   8.014   2.739   1.00 16.53 ? 342 ILE A CD1 1 
ATOM   405  N  N   . ALA A 1 69  ? 2.418   5.174   -2.170  1.00 13.71 ? 343 ALA A N   1 
ATOM   406  C  CA  . ALA A 1 69  ? 2.615   3.967   -2.968  1.00 13.66 ? 343 ALA A CA  1 
ATOM   407  C  C   . ALA A 1 69  ? 3.503   4.210   -4.193  1.00 13.91 ? 343 ALA A C   1 
ATOM   408  O  O   . ALA A 1 69  ? 4.426   3.432   -4.466  1.00 14.13 ? 343 ALA A O   1 
ATOM   409  C  CB  . ALA A 1 69  ? 1.306   3.402   -3.412  1.00 13.88 ? 343 ALA A CB  1 
ATOM   410  N  N   . LYS A 1 70  ? 3.247   5.305   -4.906  1.00 13.87 ? 344 LYS A N   1 
ATOM   411  C  CA  . LYS A 1 70  ? 4.028   5.653   -6.090  1.00 14.63 ? 344 LYS A CA  1 
ATOM   412  C  C   . LYS A 1 70  ? 5.481   5.930   -5.708  1.00 13.85 ? 344 LYS A C   1 
ATOM   413  O  O   . LYS A 1 70  ? 6.404   5.406   -6.309  1.00 14.57 ? 344 LYS A O   1 
ATOM   414  C  CB  . LYS A 1 70  ? 3.419   6.843   -6.846  1.00 15.55 ? 344 LYS A CB  1 
ATOM   415  C  CG  . LYS A 1 70  ? 4.171   7.206   -8.120  1.00 17.60 ? 344 LYS A CG  1 
ATOM   416  C  CD  . LYS A 1 70  ? 3.621   8.424   -8.818  1.00 22.17 ? 344 LYS A CD  1 
ATOM   417  C  CE  . LYS A 1 70  ? 4.310   8.613   -10.158 1.00 23.73 ? 344 LYS A CE  1 
ATOM   418  N  NZ  . LYS A 1 70  ? 5.799   8.860   -10.089 1.00 24.21 ? 344 LYS A NZ  1 
ATOM   419  N  N   . ASP A 1 71  ? 5.682   6.736   -4.682  1.00 13.65 ? 345 ASP A N   1 
ATOM   420  C  CA  . ASP A 1 71  ? 7.023   7.070   -4.198  1.00 13.98 ? 345 ASP A CA  1 
ATOM   421  C  C   . ASP A 1 71  ? 7.787   5.798   -3.830  1.00 13.80 ? 345 ASP A C   1 
ATOM   422  O  O   . ASP A 1 71  ? 8.948   5.642   -4.164  1.00 13.39 ? 345 ASP A O   1 
ATOM   423  C  CB  . ASP A 1 71  ? 6.909   8.008   -2.979  1.00 14.96 ? 345 ASP A CB  1 
ATOM   424  C  CG  . ASP A 1 71  ? 8.237   8.373   -2.421  1.00 18.96 ? 345 ASP A CG  1 
ATOM   425  O  OD1 . ASP A 1 71  ? 8.870   9.268   -3.004  1.00 21.63 ? 345 ASP A OD1 1 
ATOM   426  O  OD2 . ASP A 1 71  ? 8.666   7.738   -1.427  1.00 19.79 ? 345 ASP A OD2 1 
ATOM   427  N  N   . HIS A 1 72  ? 7.109   4.916   -3.119  1.00 13.02 ? 346 HIS A N   1 
ATOM   428  C  CA  . HIS A 1 72  ? 7.674   3.667   -2.652  1.00 13.24 ? 346 HIS A CA  1 
ATOM   429  C  C   . HIS A 1 72  ? 8.145   2.822   -3.841  1.00 12.57 ? 346 HIS A C   1 
ATOM   430  O  O   . HIS A 1 72  ? 9.281   2.355   -3.883  1.00 12.72 ? 346 HIS A O   1 
ATOM   431  C  CB  . HIS A 1 72  ? 6.627   2.907   -1.830  1.00 13.75 ? 346 HIS A CB  1 
ATOM   432  C  CG  . HIS A 1 72  ? 7.071   1.540   -1.419  1.00 13.10 ? 346 HIS A CG  1 
ATOM   433  N  ND1 . HIS A 1 72  ? 7.813   1.318   -0.279  1.00 15.16 ? 346 HIS A ND1 1 
ATOM   434  C  CD2 . HIS A 1 72  ? 6.873   0.327   -1.985  1.00 13.21 ? 346 HIS A CD2 1 
ATOM   435  C  CE1 . HIS A 1 72  ? 8.080   0.023   -0.186  1.00 14.84 ? 346 HIS A CE1 1 
ATOM   436  N  NE2 . HIS A 1 72  ? 7.505   -0.602  -1.201  1.00 14.40 ? 346 HIS A NE2 1 
ATOM   437  N  N   . LEU A 1 73  ? 7.235   2.592   -4.775  1.00 12.76 ? 347 LEU A N   1 
ATOM   438  C  CA  . LEU A 1 73  ? 7.559   1.744   -5.930  1.00 13.23 ? 347 LEU A CA  1 
ATOM   439  C  C   . LEU A 1 73  ? 8.615   2.370   -6.821  1.00 13.64 ? 347 LEU A C   1 
ATOM   440  O  O   . LEU A 1 73  ? 9.474   1.651   -7.325  1.00 14.28 ? 347 LEU A O   1 
ATOM   441  C  CB  . LEU A 1 73  ? 6.303   1.401   -6.747  1.00 13.88 ? 347 LEU A CB  1 
ATOM   442  C  CG  . LEU A 1 73  ? 5.331   0.462   -6.045  1.00 14.05 ? 347 LEU A CG  1 
ATOM   443  C  CD1 . LEU A 1 73  ? 3.971   0.421   -6.795  1.00 16.80 ? 347 LEU A CD1 1 
ATOM   444  C  CD2 . LEU A 1 73  ? 5.904   -0.952  -5.892  1.00 15.84 ? 347 LEU A CD2 1 
ATOM   445  N  N   . ASP A 1 74  ? 8.574   3.693   -6.979  1.00 14.44 ? 348 ASP A N   1 
ATOM   446  C  CA  . ASP A 1 74  ? 9.591   4.381   -7.783  1.00 15.10 ? 348 ASP A CA  1 
ATOM   447  C  C   . ASP A 1 74  ? 10.991  4.202   -7.181  1.00 15.52 ? 348 ASP A C   1 
ATOM   448  O  O   . ASP A 1 74  ? 11.970  3.937   -7.896  1.00 15.62 ? 348 ASP A O   1 
ATOM   449  C  CB  . ASP A 1 74  ? 9.245   5.859   -7.879  1.00 15.26 ? 348 ASP A CB  1 
ATOM   450  C  CG  . ASP A 1 74  ? 8.073   6.157   -8.831  1.00 17.47 ? 348 ASP A CG  1 
ATOM   451  O  OD1 . ASP A 1 74  ? 7.518   5.255   -9.514  1.00 19.40 ? 348 ASP A OD1 1 
ATOM   452  O  OD2 . ASP A 1 74  ? 7.683   7.350   -8.887  1.00 20.86 ? 348 ASP A OD2 1 
ATOM   453  N  N   . LYS A 1 75  ? 11.083  4.301   -5.859  1.00 15.18 ? 349 LYS A N   1 
ATOM   454  C  CA  A LYS A 1 75  ? 12.350  4.130   -5.167  0.50 15.74 ? 349 LYS A CA  1 
ATOM   455  C  CA  B LYS A 1 75  ? 12.352  4.133   -5.176  0.50 15.36 ? 349 LYS A CA  1 
ATOM   456  C  C   . LYS A 1 75  ? 12.866  2.698   -5.263  1.00 15.78 ? 349 LYS A C   1 
ATOM   457  O  O   . LYS A 1 75  ? 14.062  2.467   -5.421  1.00 16.15 ? 349 LYS A O   1 
ATOM   458  C  CB  A LYS A 1 75  ? 12.223  4.522   -3.697  0.50 16.16 ? 349 LYS A CB  1 
ATOM   459  C  CB  B LYS A 1 75  ? 12.227  4.560   -3.721  0.50 15.46 ? 349 LYS A CB  1 
ATOM   460  C  CG  A LYS A 1 75  ? 12.192  6.019   -3.460  0.50 18.67 ? 349 LYS A CG  1 
ATOM   461  C  CG  B LYS A 1 75  ? 12.227  6.063   -3.554  0.50 16.49 ? 349 LYS A CG  1 
ATOM   462  C  CD  A LYS A 1 75  ? 12.437  6.353   -1.986  0.50 21.78 ? 349 LYS A CD  1 
ATOM   463  C  CD  B LYS A 1 75  ? 11.571  6.493   -2.243  0.50 16.46 ? 349 LYS A CD  1 
ATOM   464  C  CE  A LYS A 1 75  ? 12.131  7.810   -1.646  0.50 22.69 ? 349 LYS A CE  1 
ATOM   465  C  CE  B LYS A 1 75  ? 11.750  7.990   -2.011  0.50 17.89 ? 349 LYS A CE  1 
ATOM   466  N  NZ  A LYS A 1 75  ? 12.220  8.741   -2.820  0.50 24.28 ? 349 LYS A NZ  1 
ATOM   467  N  NZ  B LYS A 1 75  ? 11.169  8.451   -0.712  0.50 17.10 ? 349 LYS A NZ  1 
ATOM   468  N  N   . LYS A 1 76  ? 11.969  1.729   -5.144  1.00 14.39 ? 350 LYS A N   1 
ATOM   469  C  CA  . LYS A 1 76  ? 12.350  0.333   -5.261  1.00 14.89 ? 350 LYS A CA  1 
ATOM   470  C  C   . LYS A 1 76  ? 12.886  0.061   -6.669  1.00 16.15 ? 350 LYS A C   1 
ATOM   471  O  O   . LYS A 1 76  ? 13.892  -0.608  -6.816  1.00 16.88 ? 350 LYS A O   1 
ATOM   472  C  CB  . LYS A 1 76  ? 11.169  -0.595  -4.950  1.00 15.37 ? 350 LYS A CB  1 
ATOM   473  C  CG  . LYS A 1 76  ? 10.764  -0.560  -3.474  1.00 17.22 ? 350 LYS A CG  1 
ATOM   474  C  CD  . LYS A 1 76  ? 11.800  -1.199  -2.557  1.00 19.41 ? 350 LYS A CD  1 
ATOM   475  C  CE  . LYS A 1 76  ? 11.290  -1.263  -1.107  1.00 20.58 ? 350 LYS A CE  1 
ATOM   476  N  NZ  . LYS A 1 76  ? 12.250  -1.981  -0.214  1.00 24.29 ? 350 LYS A NZ  1 
ATOM   477  N  N   . LYS A 1 77  ? 12.212  0.581   -7.684  1.00 16.29 ? 351 LYS A N   1 
ATOM   478  C  CA  . LYS A 1 77  ? 12.660  0.405   -9.079  1.00 18.25 ? 351 LYS A CA  1 
ATOM   479  C  C   . LYS A 1 77  ? 14.069  0.999   -9.238  1.00 18.13 ? 351 LYS A C   1 
ATOM   480  O  O   . LYS A 1 77  ? 15.000  0.339   -9.786  1.00 18.55 ? 351 LYS A O   1 
ATOM   481  C  CB  . LYS A 1 77  ? 11.642  1.037   -10.035 1.00 19.20 ? 351 LYS A CB  1 
ATOM   482  C  CG  . LYS A 1 77  ? 11.978  0.937   -11.515 1.00 22.80 ? 351 LYS A CG  1 
ATOM   483  C  CD  . LYS A 1 77  ? 12.163  -0.490  -11.974 1.00 28.08 ? 351 LYS A CD  1 
ATOM   484  C  CE  . LYS A 1 77  ? 12.384  -0.541  -13.502 1.00 31.05 ? 351 LYS A CE  1 
ATOM   485  N  NZ  . LYS A 1 77  ? 13.443  -1.485  -13.981 1.00 32.64 ? 351 LYS A NZ  1 
ATOM   486  N  N   . LYS A 1 78  ? 14.269  2.221   -8.743  1.00 18.53 ? 352 LYS A N   1 
ATOM   487  C  CA  . LYS A 1 78  ? 15.570  2.892   -8.854  1.00 20.18 ? 352 LYS A CA  1 
ATOM   488  C  C   . LYS A 1 78  ? 16.693  2.105   -8.163  1.00 20.19 ? 352 LYS A C   1 
ATOM   489  O  O   . LYS A 1 78  ? 17.844  2.064   -8.662  1.00 20.94 ? 352 LYS A O   1 
ATOM   490  C  CB  . LYS A 1 78  ? 15.470  4.309   -8.283  1.00 19.91 ? 352 LYS A CB  1 
ATOM   491  C  CG  . LYS A 1 78  ? 16.737  5.135   -8.365  1.00 24.85 ? 352 LYS A CG  1 
ATOM   492  C  CD  . LYS A 1 78  ? 16.456  6.554   -8.850  1.00 28.43 ? 352 LYS A CD  1 
ATOM   493  C  CE  . LYS A 1 78  ? 17.620  7.517   -8.565  1.00 31.50 ? 352 LYS A CE  1 
ATOM   494  N  NZ  . LYS A 1 78  ? 17.447  8.166   -7.221  1.00 33.49 ? 352 LYS A NZ  1 
ATOM   495  N  N   . ALA A 1 79  ? 16.367  1.484   -7.028  1.00 21.01 ? 353 ALA A N   1 
ATOM   496  C  CA  . ALA A 1 79  ? 17.319  0.697   -6.239  1.00 21.33 ? 353 ALA A CA  1 
ATOM   497  C  C   . ALA A 1 79  ? 17.466  -0.767  -6.675  1.00 21.78 ? 353 ALA A C   1 
ATOM   498  O  O   . ALA A 1 79  ? 18.246  -1.506  -6.061  1.00 22.99 ? 353 ALA A O   1 
ATOM   499  C  CB  . ALA A 1 79  ? 16.956  0.762   -4.770  1.00 21.48 ? 353 ALA A CB  1 
ATOM   500  N  N   . SER A 1 80  ? 16.763  -1.157  -7.742  1.00 21.74 ? 354 SER A N   1 
ATOM   501  C  CA  . SER A 1 80  ? 16.677  -2.540  -8.197  1.00 21.96 ? 354 SER A CA  1 
ATOM   502  C  C   . SER A 1 80  ? 16.313  -3.520  -7.075  1.00 21.76 ? 354 SER A C   1 
ATOM   503  O  O   . SER A 1 80  ? 16.914  -4.588  -6.944  1.00 22.35 ? 354 SER A O   1 
ATOM   504  C  CB  . SER A 1 80  ? 17.989  -2.955  -8.874  1.00 21.97 ? 354 SER A CB  1 
ATOM   505  O  OG  . SER A 1 80  ? 18.178  -2.165  -10.020 1.00 24.80 ? 354 SER A OG  1 
ATOM   506  N  N   . GLU A 1 81  ? 15.323  -3.144  -6.275  1.00 20.30 ? 355 GLU A N   1 
ATOM   507  C  CA  . GLU A 1 81  ? 14.829  -3.961  -5.174  1.00 19.92 ? 355 GLU A CA  1 
ATOM   508  C  C   . GLU A 1 81  ? 13.379  -4.345  -5.456  1.00 19.31 ? 355 GLU A C   1 
ATOM   509  O  O   . GLU A 1 81  ? 12.701  -3.631  -6.183  1.00 18.72 ? 355 GLU A O   1 
ATOM   510  C  CB  . GLU A 1 81  ? 14.888  -3.191  -3.863  1.00 20.43 ? 355 GLU A CB  1 
ATOM   511  C  CG  . GLU A 1 81  ? 16.292  -2.889  -3.389  1.00 25.02 ? 355 GLU A CG  1 
ATOM   512  C  CD  . GLU A 1 81  ? 16.343  -1.927  -2.219  1.00 28.98 ? 355 GLU A CD  1 
ATOM   513  O  OE1 . GLU A 1 81  ? 15.292  -1.384  -1.810  1.00 34.35 ? 355 GLU A OE1 1 
ATOM   514  O  OE2 . GLU A 1 81  ? 17.469  -1.684  -1.709  1.00 34.33 ? 355 GLU A OE2 1 
ATOM   515  N  N   . PRO A 1 82  ? 12.914  -5.468  -4.888  1.00 19.08 ? 356 PRO A N   1 
ATOM   516  C  CA  . PRO A 1 82  ? 11.512  -5.890  -5.104  1.00 18.24 ? 356 PRO A CA  1 
ATOM   517  C  C   . PRO A 1 82  ? 10.569  -4.819  -4.608  1.00 16.99 ? 356 PRO A C   1 
ATOM   518  O  O   . PRO A 1 82  ? 10.764  -4.262  -3.516  1.00 18.32 ? 356 PRO A O   1 
ATOM   519  C  CB  . PRO A 1 82  ? 11.353  -7.129  -4.211  1.00 19.92 ? 356 PRO A CB  1 
ATOM   520  C  CG  . PRO A 1 82  ? 12.656  -7.532  -3.839  1.00 17.24 ? 356 PRO A CG  1 
ATOM   521  C  CD  . PRO A 1 82  ? 13.650  -6.429  -4.048  1.00 19.36 ? 356 PRO A CD  1 
ATOM   522  N  N   . GLY A 1 83  ? 9.541   -4.527  -5.399  1.00 13.97 ? 357 GLY A N   1 
ATOM   523  C  CA  . GLY A 1 83  ? 8.506   -3.568  -5.037  1.00 13.97 ? 357 GLY A CA  1 
ATOM   524  C  C   . GLY A 1 83  ? 7.138   -4.123  -5.355  1.00 13.53 ? 357 GLY A C   1 
ATOM   525  O  O   . GLY A 1 83  ? 6.827   -4.421  -6.519  1.00 13.60 ? 357 GLY A O   1 
ATOM   526  N  N   . LYS A 1 84  ? 6.274   -4.199  -4.351  1.00 12.82 ? 358 LYS A N   1 
ATOM   527  C  CA  . LYS A 1 84  ? 4.918   -4.658  -4.505  1.00 12.09 ? 358 LYS A CA  1 
ATOM   528  C  C   . LYS A 1 84  ? 4.087   -4.144  -3.331  1.00 12.37 ? 358 LYS A C   1 
ATOM   529  O  O   . LYS A 1 84  ? 4.498   -4.314  -2.177  1.00 12.78 ? 358 LYS A O   1 
ATOM   530  C  CB  . LYS A 1 84  ? 4.885   -6.185  -4.537  1.00 13.64 ? 358 LYS A CB  1 
ATOM   531  C  CG  . LYS A 1 84  ? 3.533   -6.759  -4.954  1.00 13.20 ? 358 LYS A CG  1 
ATOM   532  C  CD  . LYS A 1 84  ? 3.473   -8.309  -4.868  1.00 14.36 ? 358 LYS A CD  1 
ATOM   533  C  CE  . LYS A 1 84  ? 4.498   -8.980  -5.780  1.00 13.13 ? 358 LYS A CE  1 
ATOM   534  N  NZ  . LYS A 1 84  ? 4.251   -8.641  -7.217  1.00 13.43 ? 358 LYS A NZ  1 
ATOM   535  N  N   . VAL A 1 85  ? 2.951   -3.555  -3.626  1.00 12.66 ? 359 VAL A N   1 
ATOM   536  C  CA  . VAL A 1 85  ? 2.082   -2.934  -2.625  1.00 13.18 ? 359 VAL A CA  1 
ATOM   537  C  C   . VAL A 1 85  ? 0.780   -3.701  -2.529  1.00 13.69 ? 359 VAL A C   1 
ATOM   538  O  O   . VAL A 1 85  ? 0.158   -4.045  -3.569  1.00 13.56 ? 359 VAL A O   1 
ATOM   539  C  CB  . VAL A 1 85  ? 1.760   -1.483  -3.005  1.00 12.49 ? 359 VAL A CB  1 
ATOM   540  C  CG1 . VAL A 1 85  ? 0.897   -0.818  -1.935  1.00 14.61 ? 359 VAL A CG1 1 
ATOM   541  C  CG2 . VAL A 1 85  ? 3.021   -0.697  -3.179  1.00 14.66 ? 359 VAL A CG2 1 
ATOM   542  N  N   . ILE A 1 86  ? 0.307   -3.952  -1.313  1.00 13.38 ? 360 ILE A N   1 
ATOM   543  C  CA  . ILE A 1 86  ? -1.045  -4.410  -1.102  1.00 13.89 ? 360 ILE A CA  1 
ATOM   544  C  C   . ILE A 1 86  ? -1.782  -3.419  -0.215  1.00 13.94 ? 360 ILE A C   1 
ATOM   545  O  O   . ILE A 1 86  ? -1.207  -2.894  0.736   1.00 14.14 ? 360 ILE A O   1 
ATOM   546  C  CB  . ILE A 1 86  ? -1.157  -5.844  -0.550  1.00 13.80 ? 360 ILE A CB  1 
ATOM   547  C  CG1 . ILE A 1 86  ? -2.612  -6.316  -0.554  1.00 15.20 ? 360 ILE A CG1 1 
ATOM   548  C  CG2 . ILE A 1 86  ? -0.433  -6.000  0.787   1.00 14.93 ? 360 ILE A CG2 1 
ATOM   549  C  CD1 . ILE A 1 86  ? -2.675  -7.827  -0.394  1.00 16.53 ? 360 ILE A CD1 1 
ATOM   550  N  N   . VAL A 1 87  ? -2.975  -3.061  -0.656  1.00 13.20 ? 361 VAL A N   1 
ATOM   551  C  CA  . VAL A 1 87  ? -3.868  -2.151  0.086   1.00 14.13 ? 361 VAL A CA  1 
ATOM   552  C  C   . VAL A 1 87  ? -5.047  -2.961  0.609   1.00 14.75 ? 361 VAL A C   1 
ATOM   553  O  O   . VAL A 1 87  ? -5.754  -3.636  -0.156  1.00 14.79 ? 361 VAL A O   1 
ATOM   554  C  CB  . VAL A 1 87  ? -4.365  -1.042  -0.839  1.00 15.06 ? 361 VAL A CB  1 
ATOM   555  C  CG1 . VAL A 1 87  ? -5.272  -0.072  -0.074  1.00 16.56 ? 361 VAL A CG1 1 
ATOM   556  C  CG2 . VAL A 1 87  ? -3.195  -0.350  -1.541  1.00 16.95 ? 361 VAL A CG2 1 
ATOM   557  N  N   . LEU A 1 88  ? -5.250  -2.950  1.925   1.00 14.47 ? 362 LEU A N   1 
ATOM   558  C  CA  . LEU A 1 88  ? -6.286  -3.752  2.574   1.00 14.32 ? 362 LEU A CA  1 
ATOM   559  C  C   . LEU A 1 88  ? -7.419  -2.867  3.060   1.00 15.40 ? 362 LEU A C   1 
ATOM   560  O  O   . LEU A 1 88  ? -7.190  -1.883  3.775   1.00 15.28 ? 362 LEU A O   1 
ATOM   561  C  CB  . LEU A 1 88  ? -5.718  -4.532  3.775   1.00 15.46 ? 362 LEU A CB  1 
ATOM   562  C  CG  . LEU A 1 88  ? -4.508  -5.406  3.517   1.00 15.65 ? 362 LEU A CG  1 
ATOM   563  C  CD1 . LEU A 1 88  ? -4.014  -6.032  4.820   1.00 18.27 ? 362 LEU A CD1 1 
ATOM   564  C  CD2 . LEU A 1 88  ? -4.959  -6.474  2.492   1.00 17.05 ? 362 LEU A CD2 1 
ATOM   565  N  N   . VAL A 1 89  ? -8.622  -3.258  2.684   1.00 15.80 ? 363 VAL A N   1 
ATOM   566  C  CA  . VAL A 1 89  ? -9.837  -2.591  3.133   1.00 17.72 ? 363 VAL A CA  1 
ATOM   567  C  C   . VAL A 1 89  ? -10.738 -3.591  3.805   1.00 19.67 ? 363 VAL A C   1 
ATOM   568  O  O   . VAL A 1 89  ? -10.529 -4.791  3.728   1.00 19.44 ? 363 VAL A O   1 
ATOM   569  C  CB  . VAL A 1 89  ? -10.572 -1.906  1.964   1.00 18.11 ? 363 VAL A CB  1 
ATOM   570  C  CG1 . VAL A 1 89  ? -9.683  -0.822  1.374   1.00 21.12 ? 363 VAL A CG1 1 
ATOM   571  C  CG2 . VAL A 1 89  ? -10.994 -2.926  0.909   1.00 19.29 ? 363 VAL A CG2 1 
ATOM   572  N  N   . ASN A 1 90  ? -11.800 -3.107  4.440   1.00 23.06 ? 364 ASN A N   1 
ATOM   573  C  CA  . ASN A 1 90  ? -12.690 -4.027  5.150   1.00 26.38 ? 364 ASN A CA  1 
ATOM   574  C  C   . ASN A 1 90  ? -14.094 -4.152  4.562   1.00 27.59 ? 364 ASN A C   1 
ATOM   575  O  O   . ASN A 1 90  ? -14.985 -4.746  5.195   1.00 29.20 ? 364 ASN A O   1 
ATOM   576  C  CB  . ASN A 1 90  ? -12.723 -3.675  6.630   1.00 27.47 ? 364 ASN A CB  1 
ATOM   577  C  CG  . ASN A 1 90  ? -12.651 -2.205  6.855   1.00 30.64 ? 364 ASN A CG  1 
ATOM   578  O  OD1 . ASN A 1 90  ? -13.606 -1.485  6.559   1.00 36.52 ? 364 ASN A OD1 1 
ATOM   579  N  ND2 . ASN A 1 90  ? -11.494 -1.725  7.343   1.00 35.73 ? 364 ASN A ND2 1 
ATOM   580  N  N   . LYS A 1 91  ? -14.309 -3.623  3.359   1.00 28.21 ? 365 LYS A N   1 
ATOM   581  C  CA  . LYS A 1 91  ? -15.601 -3.780  2.670   1.00 29.07 ? 365 LYS A CA  1 
ATOM   582  C  C   . LYS A 1 91  ? -15.367 -4.028  1.183   1.00 28.87 ? 365 LYS A C   1 
ATOM   583  O  O   . LYS A 1 91  ? -14.532 -3.373  0.575   1.00 28.32 ? 365 LYS A O   1 
ATOM   584  C  CB  . LYS A 1 91  ? -16.478 -2.534  2.883   1.00 29.45 ? 365 LYS A CB  1 
ATOM   585  C  CG  . LYS A 1 91  ? -17.185 -2.441  4.243   1.00 31.32 ? 365 LYS A CG  1 
ATOM   586  C  CD  . LYS A 1 91  ? -18.499 -3.226  4.264   1.00 33.70 ? 365 LYS A CD  1 
ATOM   587  C  CE  . LYS A 1 91  ? -19.320 -2.927  5.523   1.00 35.13 ? 365 LYS A CE  1 
ATOM   588  N  NZ  . LYS A 1 91  ? -20.693 -3.542  5.524   1.00 36.57 ? 365 LYS A NZ  1 
ATOM   589  N  N   . VAL A 1 92  ? -16.114 -4.964  0.594   1.00 28.74 ? 366 VAL A N   1 
ATOM   590  C  CA  . VAL A 1 92  ? -15.942 -5.328  -0.820  1.00 28.63 ? 366 VAL A CA  1 
ATOM   591  C  C   . VAL A 1 92  ? -16.099 -4.121  -1.759  1.00 28.13 ? 366 VAL A C   1 
ATOM   592  O  O   . VAL A 1 92  ? -15.345 -3.978  -2.716  1.00 27.35 ? 366 VAL A O   1 
ATOM   593  C  CB  . VAL A 1 92  ? -16.925 -6.469  -1.263  1.00 29.32 ? 366 VAL A CB  1 
ATOM   594  C  CG1 . VAL A 1 92  ? -16.701 -7.740  -0.419  1.00 29.62 ? 366 VAL A CG1 1 
ATOM   595  C  CG2 . VAL A 1 92  ? -18.360 -6.018  -1.195  1.00 31.31 ? 366 VAL A CG2 1 
ATOM   596  N  N   . LEU A 1 93  ? -17.074 -3.244  -1.485  1.00 26.52 ? 367 LEU A N   1 
ATOM   597  C  CA  . LEU A 1 93  ? -17.260 -2.036  -2.308  1.00 25.96 ? 367 LEU A CA  1 
ATOM   598  C  C   . LEU A 1 93  ? -16.076 -1.083  -2.305  1.00 25.06 ? 367 LEU A C   1 
ATOM   599  O  O   . LEU A 1 93  ? -15.828 -0.412  -3.302  1.00 25.17 ? 367 LEU A O   1 
ATOM   600  C  CB  . LEU A 1 93  ? -18.519 -1.261  -1.880  1.00 26.47 ? 367 LEU A CB  1 
ATOM   601  C  CG  . LEU A 1 93  ? -19.079 -0.254  -2.897  1.00 28.49 ? 367 LEU A CG  1 
ATOM   602  C  CD1 . LEU A 1 93  ? -19.450 -0.942  -4.213  1.00 31.42 ? 367 LEU A CD1 1 
ATOM   603  C  CD2 . LEU A 1 93  ? -20.302 0.448   -2.315  1.00 28.86 ? 367 LEU A CD2 1 
ATOM   604  N  N   . LEU A 1 94  ? -15.320 -1.039  -1.208  1.00 23.31 ? 368 LEU A N   1 
ATOM   605  C  CA  . LEU A 1 94  ? -14.151 -0.194  -1.129  1.00 23.24 ? 368 LEU A CA  1 
ATOM   606  C  C   . LEU A 1 94  ? -13.065 -0.710  -2.064  1.00 21.21 ? 368 LEU A C   1 
ATOM   607  O  O   . LEU A 1 94  ? -12.235 0.061   -2.542  1.00 21.37 ? 368 LEU A O   1 
ATOM   608  C  CB  . LEU A 1 94  ? -13.605 -0.140  0.306   1.00 23.84 ? 368 LEU A CB  1 
ATOM   609  C  CG  . LEU A 1 94  ? -14.557 0.406   1.379   1.00 26.52 ? 368 LEU A CG  1 
ATOM   610  C  CD1 . LEU A 1 94  ? -13.815 0.625   2.704   1.00 28.56 ? 368 LEU A CD1 1 
ATOM   611  C  CD2 . LEU A 1 94  ? -15.219 1.690   0.925   1.00 29.18 ? 368 LEU A CD2 1 
ATOM   612  N  N   . VAL A 1 95  ? -13.047 -2.025  -2.305  1.00 20.13 ? 369 VAL A N   1 
ATOM   613  C  CA  . VAL A 1 95  ? -12.027 -2.590  -3.199  1.00 19.23 ? 369 VAL A CA  1 
ATOM   614  C  C   . VAL A 1 95  ? -12.207 -1.997  -4.606  1.00 18.87 ? 369 VAL A C   1 
ATOM   615  O  O   . VAL A 1 95  ? -11.256 -1.449  -5.182  1.00 18.42 ? 369 VAL A O   1 
ATOM   616  C  CB  . VAL A 1 95  ? -12.062 -4.129  -3.242  1.00 18.53 ? 369 VAL A CB  1 
ATOM   617  C  CG1 . VAL A 1 95  ? -11.150 -4.659  -4.359  1.00 19.19 ? 369 VAL A CG1 1 
ATOM   618  C  CG2 . VAL A 1 95  ? -11.624 -4.717  -1.895  1.00 19.89 ? 369 VAL A CG2 1 
ATOM   619  N  N   . GLU A 1 96  ? -13.417 -2.125  -5.170  1.00 20.63 ? 370 GLU A N   1 
ATOM   620  C  CA  . GLU A 1 96  ? -13.673 -1.591  -6.508  1.00 21.52 ? 370 GLU A CA  1 
ATOM   621  C  C   . GLU A 1 96  ? -13.469 -0.081  -6.574  1.00 21.46 ? 370 GLU A C   1 
ATOM   622  O  O   . GLU A 1 96  ? -12.939 0.418   -7.546  1.00 20.63 ? 370 GLU A O   1 
ATOM   623  C  CB  . GLU A 1 96  ? -15.062 -1.995  -7.015  1.00 23.01 ? 370 GLU A CB  1 
ATOM   624  C  CG  . GLU A 1 96  ? -15.279 -1.741  -8.529  1.00 26.59 ? 370 GLU A CG  1 
ATOM   625  C  CD  . GLU A 1 96  ? -14.735 -2.844  -9.436  1.00 31.69 ? 370 GLU A CD  1 
ATOM   626  O  OE1 . GLU A 1 96  ? -13.667 -3.422  -9.150  1.00 37.01 ? 370 GLU A OE1 1 
ATOM   627  O  OE2 . GLU A 1 96  ? -15.398 -3.131  -10.461 1.00 37.78 ? 370 GLU A OE2 1 
ATOM   628  N  N   . GLN A 1 97  ? -13.832 0.633   -5.519  1.00 22.42 ? 371 GLN A N   1 
ATOM   629  C  CA  A GLN A 1 97  ? -13.630 2.087   -5.477  0.50 23.23 ? 371 GLN A CA  1 
ATOM   630  C  CA  B GLN A 1 97  ? -13.634 2.088   -5.467  0.50 23.39 ? 371 GLN A CA  1 
ATOM   631  C  C   . GLN A 1 97  ? -12.176 2.495   -5.576  1.00 23.36 ? 371 GLN A C   1 
ATOM   632  O  O   . GLN A 1 97  ? -11.793 3.290   -6.443  1.00 23.51 ? 371 GLN A O   1 
ATOM   633  C  CB  A GLN A 1 97  ? -14.148 2.674   -4.175  0.50 24.22 ? 371 GLN A CB  1 
ATOM   634  C  CB  B GLN A 1 97  ? -14.204 2.668   -4.165  0.50 24.43 ? 371 GLN A CB  1 
ATOM   635  C  CG  A GLN A 1 97  ? -15.616 2.652   -4.009  0.50 25.62 ? 371 GLN A CG  1 
ATOM   636  C  CG  B GLN A 1 97  ? -15.399 3.542   -4.346  0.50 26.66 ? 371 GLN A CG  1 
ATOM   637  C  CD  A GLN A 1 97  ? -16.028 3.404   -2.770  0.50 27.49 ? 371 GLN A CD  1 
ATOM   638  C  CD  B GLN A 1 97  ? -16.002 3.977   -3.022  0.50 28.96 ? 371 GLN A CD  1 
ATOM   639  O  OE1 A GLN A 1 97  ? -15.186 3.998   -2.086  0.50 27.61 ? 371 GLN A OE1 1 
ATOM   640  O  OE1 B GLN A 1 97  ? -16.116 3.180   -2.084  0.50 30.74 ? 371 GLN A OE1 1 
ATOM   641  N  NE2 A GLN A 1 97  ? -17.322 3.399   -2.473  0.50 27.38 ? 371 GLN A NE2 1 
ATOM   642  N  NE2 B GLN A 1 97  ? -16.383 5.246   -2.934  0.50 28.98 ? 371 GLN A NE2 1 
ATOM   643  N  N   . LEU A 1 98  ? -11.359 1.955   -4.676  1.00 21.99 ? 372 LEU A N   1 
ATOM   644  C  CA  . LEU A 1 98  ? -9.967  2.347   -4.633  1.00 22.30 ? 372 LEU A CA  1 
ATOM   645  C  C   . LEU A 1 98  ? -9.281  1.912   -5.895  1.00 21.55 ? 372 LEU A C   1 
ATOM   646  O  O   . LEU A 1 98  ? -8.363  2.573   -6.366  1.00 23.57 ? 372 LEU A O   1 
ATOM   647  C  CB  . LEU A 1 98  ? -9.252  1.766   -3.416  1.00 22.83 ? 372 LEU A CB  1 
ATOM   648  C  CG  . LEU A 1 98  ? -9.457  2.418   -2.061  1.00 24.87 ? 372 LEU A CG  1 
ATOM   649  C  CD1 . LEU A 1 98  ? -8.629  1.726   -0.967  1.00 23.64 ? 372 LEU A CD1 1 
ATOM   650  C  CD2 . LEU A 1 98  ? -9.063  3.901   -2.174  1.00 24.95 ? 372 LEU A CD2 1 
ATOM   651  N  N   . PHE A 1 99  ? -9.686  0.765   -6.438  1.00 20.07 ? 373 PHE A N   1 
ATOM   652  C  CA  . PHE A 1 99  ? -9.053  0.276   -7.651  1.00 19.64 ? 373 PHE A CA  1 
ATOM   653  C  C   . PHE A 1 99  ? -9.414  1.209   -8.824  1.00 20.46 ? 373 PHE A C   1 
ATOM   654  O  O   . PHE A 1 99  ? -8.549  1.851   -9.401  1.00 20.36 ? 373 PHE A O   1 
ATOM   655  C  CB  . PHE A 1 99  ? -9.495  -1.185  -7.878  1.00 18.80 ? 373 PHE A CB  1 
ATOM   656  C  CG  . PHE A 1 99  ? -9.205  -1.742  -9.249  1.00 18.64 ? 373 PHE A CG  1 
ATOM   657  C  CD1 . PHE A 1 99  ? -8.056  -1.404  -9.950  1.00 19.23 ? 373 PHE A CD1 1 
ATOM   658  C  CD2 . PHE A 1 99  ? -10.096 -2.646  -9.811  1.00 20.85 ? 373 PHE A CD2 1 
ATOM   659  C  CE1 . PHE A 1 99  ? -7.819  -1.944  -11.192 1.00 19.79 ? 373 PHE A CE1 1 
ATOM   660  C  CE2 . PHE A 1 99  ? -9.835  -3.212  -11.055 1.00 19.04 ? 373 PHE A CE2 1 
ATOM   661  C  CZ  . PHE A 1 99  ? -8.718  -2.841  -11.747 1.00 20.31 ? 373 PHE A CZ  1 
ATOM   662  N  N   . ARG A 1 100 ? -10.692 1.296   -9.141  1.00 20.71 ? 374 ARG A N   1 
ATOM   663  C  CA  . ARG A 1 100 ? -11.118 1.898   -10.404 1.00 22.09 ? 374 ARG A CA  1 
ATOM   664  C  C   . ARG A 1 100 ? -11.147 3.420   -10.352 1.00 21.54 ? 374 ARG A C   1 
ATOM   665  O  O   . ARG A 1 100 ? -10.984 4.078   -11.375 1.00 22.32 ? 374 ARG A O   1 
ATOM   666  C  CB  . ARG A 1 100 ? -12.521 1.410   -10.783 1.00 23.27 ? 374 ARG A CB  1 
ATOM   667  C  CG  . ARG A 1 100 ? -12.662 -0.094  -10.908 1.00 27.56 ? 374 ARG A CG  1 
ATOM   668  C  CD  . ARG A 1 100 ? -12.166 -0.647  -12.231 1.00 32.39 ? 374 ARG A CD  1 
ATOM   669  N  NE  . ARG A 1 100 ? -12.731 -1.986  -12.484 1.00 36.01 ? 374 ARG A NE  1 
ATOM   670  C  CZ  . ARG A 1 100 ? -12.321 -2.823  -13.437 1.00 38.72 ? 374 ARG A CZ  1 
ATOM   671  N  NH1 . ARG A 1 100 ? -11.341 -2.487  -14.267 1.00 40.33 ? 374 ARG A NH1 1 
ATOM   672  N  NH2 . ARG A 1 100 ? -12.882 -4.020  -13.553 1.00 39.72 ? 374 ARG A NH2 1 
ATOM   673  N  N   . LYS A 1 101 ? -11.368 3.973   -9.171  1.00 20.67 ? 375 LYS A N   1 
ATOM   674  C  CA  . LYS A 1 101 ? -11.526 5.434   -9.022  1.00 20.81 ? 375 LYS A CA  1 
ATOM   675  C  C   . LYS A 1 101 ? -10.291 6.152   -8.480  1.00 19.84 ? 375 LYS A C   1 
ATOM   676  O  O   . LYS A 1 101 ? -10.241 7.384   -8.494  1.00 19.32 ? 375 LYS A O   1 
ATOM   677  C  CB  . LYS A 1 101 ? -12.756 5.754   -8.170  1.00 21.48 ? 375 LYS A CB  1 
ATOM   678  C  CG  . LYS A 1 101 ? -14.049 5.087   -8.669  1.00 24.85 ? 375 LYS A CG  1 
ATOM   679  C  CD  . LYS A 1 101 ? -14.231 5.223   -10.193 1.00 28.72 ? 375 LYS A CD  1 
ATOM   680  C  CE  . LYS A 1 101 ? -15.510 4.537   -10.708 1.00 32.28 ? 375 LYS A CE  1 
ATOM   681  N  NZ  . LYS A 1 101 ? -15.490 4.301   -12.203 1.00 35.85 ? 375 LYS A NZ  1 
ATOM   682  N  N   . GLU A 1 102 ? -9.286  5.403   -8.032  1.00 18.16 ? 376 GLU A N   1 
ATOM   683  C  CA  . GLU A 1 102 ? -8.116  6.037   -7.431  1.00 17.62 ? 376 GLU A CA  1 
ATOM   684  C  C   . GLU A 1 102 ? -6.800  5.460   -7.963  1.00 17.45 ? 376 GLU A C   1 
ATOM   685  O  O   . GLU A 1 102 ? -6.126  6.088   -8.759  1.00 17.10 ? 376 GLU A O   1 
ATOM   686  C  CB  . GLU A 1 102 ? -8.202  5.951   -5.913  1.00 17.80 ? 376 GLU A CB  1 
ATOM   687  C  CG  . GLU A 1 102 ? -9.506  6.503   -5.298  1.00 18.99 ? 376 GLU A CG  1 
ATOM   688  C  CD  . GLU A 1 102 ? -9.749  8.001   -5.502  1.00 20.20 ? 376 GLU A CD  1 
ATOM   689  O  OE1 . GLU A 1 102 ? -8.805  8.787   -5.738  1.00 22.50 ? 376 GLU A OE1 1 
ATOM   690  O  OE2 . GLU A 1 102 ? -10.911 8.381   -5.366  1.00 21.68 ? 376 GLU A OE2 1 
ATOM   691  N  N   . PHE A 1 103 ? -6.432  4.256   -7.544  1.00 16.82 ? 377 PHE A N   1 
ATOM   692  C  CA  . PHE A 1 103 ? -5.093  3.763   -7.857  1.00 17.47 ? 377 PHE A CA  1 
ATOM   693  C  C   . PHE A 1 103 ? -4.886  3.534   -9.352  1.00 17.36 ? 377 PHE A C   1 
ATOM   694  O  O   . PHE A 1 103 ? -3.834  3.871   -9.909  1.00 17.49 ? 377 PHE A O   1 
ATOM   695  C  CB  . PHE A 1 103 ? -4.813  2.484   -7.053  1.00 17.82 ? 377 PHE A CB  1 
ATOM   696  C  CG  . PHE A 1 103 ? -4.404  2.740   -5.622  1.00 16.90 ? 377 PHE A CG  1 
ATOM   697  C  CD1 . PHE A 1 103 ? -3.057  2.875   -5.256  1.00 17.67 ? 377 PHE A CD1 1 
ATOM   698  C  CD2 . PHE A 1 103 ? -5.345  2.851   -4.617  1.00 19.19 ? 377 PHE A CD2 1 
ATOM   699  C  CE1 . PHE A 1 103 ? -2.704  3.094   -3.942  1.00 17.68 ? 377 PHE A CE1 1 
ATOM   700  C  CE2 . PHE A 1 103 ? -4.937  3.092   -3.279  1.00 18.84 ? 377 PHE A CE2 1 
ATOM   701  C  CZ  . PHE A 1 103 ? -3.633  3.196   -2.975  1.00 17.81 ? 377 PHE A CZ  1 
ATOM   702  N  N   . GLN A 1 104 ? -5.898  2.996   -10.025 1.00 17.81 ? 378 GLN A N   1 
ATOM   703  C  CA  . GLN A 1 104 ? -5.812  2.786   -11.474 1.00 18.90 ? 378 GLN A CA  1 
ATOM   704  C  C   . GLN A 1 104 ? -5.673  4.102   -12.252 1.00 17.87 ? 378 GLN A C   1 
ATOM   705  O  O   . GLN A 1 104 ? -4.695  4.299   -12.961 1.00 18.46 ? 378 GLN A O   1 
ATOM   706  C  CB  . GLN A 1 104 ? -6.973  1.912   -11.952 1.00 19.77 ? 378 GLN A CB  1 
ATOM   707  C  CG  . GLN A 1 104 ? -6.998  1.627   -13.425 1.00 22.20 ? 378 GLN A CG  1 
ATOM   708  C  CD  . GLN A 1 104 ? -5.960  0.665   -13.886 1.00 24.54 ? 378 GLN A CD  1 
ATOM   709  O  OE1 . GLN A 1 104 ? -4.932  0.472   -13.256 1.00 26.28 ? 378 GLN A OE1 1 
ATOM   710  N  NE2 . GLN A 1 104 ? -6.224  0.043   -15.039 1.00 27.21 ? 378 GLN A NE2 1 
ATOM   711  N  N   . PRO A 1 105 ? -6.607  5.047   -12.067 1.00 17.72 ? 379 PRO A N   1 
ATOM   712  C  CA  . PRO A 1 105 ? -6.457  6.314   -12.792 1.00 17.81 ? 379 PRO A CA  1 
ATOM   713  C  C   . PRO A 1 105 ? -5.166  7.067   -12.481 1.00 17.69 ? 379 PRO A C   1 
ATOM   714  O  O   . PRO A 1 105 ? -4.587  7.668   -13.384 1.00 18.92 ? 379 PRO A O   1 
ATOM   715  C  CB  . PRO A 1 105 ? -7.714  7.103   -12.410 1.00 18.39 ? 379 PRO A CB  1 
ATOM   716  C  CG  . PRO A 1 105 ? -8.284  6.425   -11.252 1.00 19.37 ? 379 PRO A CG  1 
ATOM   717  C  CD  . PRO A 1 105 ? -7.845  4.994   -11.291 1.00 18.05 ? 379 PRO A CD  1 
ATOM   718  N  N   . PHE A 1 106 ? -4.683  7.024   -11.235 1.00 16.49 ? 380 PHE A N   1 
ATOM   719  C  CA  . PHE A 1 106 ? -3.443  7.705   -10.906 1.00 17.54 ? 380 PHE A CA  1 
ATOM   720  C  C   . PHE A 1 106 ? -2.177  7.026   -11.423 1.00 17.86 ? 380 PHE A C   1 
ATOM   721  O  O   . PHE A 1 106 ? -1.249  7.708   -11.835 1.00 19.54 ? 380 PHE A O   1 
ATOM   722  C  CB  . PHE A 1 106 ? -3.303  7.871   -9.371  1.00 16.97 ? 380 PHE A CB  1 
ATOM   723  C  CG  . PHE A 1 106 ? -4.046  9.078   -8.800  1.00 16.21 ? 380 PHE A CG  1 
ATOM   724  C  CD1 . PHE A 1 106 ? -5.082  8.908   -7.898  1.00 17.63 ? 380 PHE A CD1 1 
ATOM   725  C  CD2 . PHE A 1 106 ? -3.675  10.359  -9.145  1.00 18.63 ? 380 PHE A CD2 1 
ATOM   726  C  CE1 . PHE A 1 106 ? -5.731  9.989   -7.347  1.00 20.28 ? 380 PHE A CE1 1 
ATOM   727  C  CE2 . PHE A 1 106 ? -4.341  11.456  -8.616  1.00 17.84 ? 380 PHE A CE2 1 
ATOM   728  C  CZ  . PHE A 1 106 ? -5.372  11.258  -7.730  1.00 18.23 ? 380 PHE A CZ  1 
ATOM   729  N  N   . LEU A 1 107 ? -2.102  5.684   -11.353 1.00 16.86 ? 381 LEU A N   1 
ATOM   730  C  CA  . LEU A 1 107 ? -0.817  4.953   -11.526 1.00 17.07 ? 381 LEU A CA  1 
ATOM   731  C  C   . LEU A 1 107 ? -0.741  3.961   -12.691 1.00 17.25 ? 381 LEU A C   1 
ATOM   732  O  O   . LEU A 1 107 ? 0.318   3.359   -12.885 1.00 16.97 ? 381 LEU A O   1 
ATOM   733  C  CB  . LEU A 1 107 ? -0.467  4.212   -10.241 1.00 17.23 ? 381 LEU A CB  1 
ATOM   734  C  CG  . LEU A 1 107 ? -0.472  5.099   -9.006  1.00 17.73 ? 381 LEU A CG  1 
ATOM   735  C  CD1 . LEU A 1 107 ? -0.156  4.285   -7.785  1.00 19.68 ? 381 LEU A CD1 1 
ATOM   736  C  CD2 . LEU A 1 107 ? 0.544   6.228   -9.166  1.00 18.80 ? 381 LEU A CD2 1 
ATOM   737  N  N   . LYS A 1 108 ? -1.819  3.789   -13.464 1.00 17.36 ? 382 LYS A N   1 
ATOM   738  C  CA  . LYS A 1 108 ? -1.841  2.773   -14.552 1.00 19.10 ? 382 LYS A CA  1 
ATOM   739  C  C   . LYS A 1 108 ? -0.755  2.979   -15.606 1.00 19.22 ? 382 LYS A C   1 
ATOM   740  O  O   . LYS A 1 108 ? -0.337  2.023   -16.270 1.00 19.68 ? 382 LYS A O   1 
ATOM   741  C  CB  . LYS A 1 108 ? -3.215  2.724   -15.216 1.00 19.33 ? 382 LYS A CB  1 
ATOM   742  C  CG  . LYS A 1 108 ? -3.567  3.983   -15.943 1.00 20.60 ? 382 LYS A CG  1 
ATOM   743  C  CD  . LYS A 1 108 ? -4.990  3.921   -16.529 1.00 24.82 ? 382 LYS A CD  1 
ATOM   744  C  CE  . LYS A 1 108 ? -5.522  5.306   -16.863 1.00 29.25 ? 382 LYS A CE  1 
ATOM   745  N  NZ  . LYS A 1 108 ? -4.825  5.907   -18.034 1.00 32.97 ? 382 LYS A NZ  1 
ATOM   746  N  N   . LYS A 1 109 ? -0.279  4.212   -15.750 1.00 19.93 ? 383 LYS A N   1 
ATOM   747  C  CA  . LYS A 1 109 ? 0.828   4.501   -16.684 1.00 21.09 ? 383 LYS A CA  1 
ATOM   748  C  C   . LYS A 1 109 ? 2.084   3.721   -16.360 1.00 20.58 ? 383 LYS A C   1 
ATOM   749  O  O   . LYS A 1 109 ? 2.848   3.338   -17.257 1.00 20.28 ? 383 LYS A O   1 
ATOM   750  C  CB  . LYS A 1 109 ? 1.153   5.984   -16.590 1.00 22.33 ? 383 LYS A CB  1 
ATOM   751  C  CG  . LYS A 1 109 ? 2.256   6.471   -17.476 1.00 26.53 ? 383 LYS A CG  1 
ATOM   752  C  CD  . LYS A 1 109 ? 2.331   8.010   -17.528 1.00 30.58 ? 383 LYS A CD  1 
ATOM   753  C  CE  . LYS A 1 109 ? 0.970   8.690   -17.759 1.00 31.57 ? 383 LYS A CE  1 
ATOM   754  N  NZ  . LYS A 1 109 ? 0.233   8.968   -16.485 1.00 34.02 ? 383 LYS A NZ  1 
ATOM   755  N  N   . TRP A 1 110 ? 2.309   3.500   -15.060 1.00 19.94 ? 384 TRP A N   1 
ATOM   756  C  CA  . TRP A 1 110 ? 3.563   2.943   -14.578 1.00 20.18 ? 384 TRP A CA  1 
ATOM   757  C  C   . TRP A 1 110 ? 3.455   1.558   -13.950 1.00 18.68 ? 384 TRP A C   1 
ATOM   758  O  O   . TRP A 1 110 ? 4.433   0.800   -13.975 1.00 19.79 ? 384 TRP A O   1 
ATOM   759  C  CB  . TRP A 1 110 ? 4.179   3.861   -13.535 1.00 21.90 ? 384 TRP A CB  1 
ATOM   760  C  CG  . TRP A 1 110 ? 4.347   5.223   -14.014 1.00 23.67 ? 384 TRP A CG  1 
ATOM   761  C  CD1 . TRP A 1 110 ? 5.257   5.663   -14.923 1.00 26.11 ? 384 TRP A CD1 1 
ATOM   762  C  CD2 . TRP A 1 110 ? 3.578   6.355   -13.626 1.00 24.35 ? 384 TRP A CD2 1 
ATOM   763  N  NE1 . TRP A 1 110 ? 5.103   7.010   -15.126 1.00 26.16 ? 384 TRP A NE1 1 
ATOM   764  C  CE2 . TRP A 1 110 ? 4.072   7.461   -14.347 1.00 25.97 ? 384 TRP A CE2 1 
ATOM   765  C  CE3 . TRP A 1 110 ? 2.508   6.544   -12.751 1.00 25.64 ? 384 TRP A CE3 1 
ATOM   766  C  CZ2 . TRP A 1 110 ? 3.552   8.735   -14.198 1.00 24.72 ? 384 TRP A CZ2 1 
ATOM   767  C  CZ3 . TRP A 1 110 ? 1.997   7.808   -12.596 1.00 25.89 ? 384 TRP A CZ3 1 
ATOM   768  C  CH2 . TRP A 1 110 ? 2.511   8.889   -13.320 1.00 25.35 ? 384 TRP A CH2 1 
ATOM   769  N  N   . TYR A 1 111 ? 2.293   1.237   -13.380 1.00 17.14 ? 385 TYR A N   1 
ATOM   770  C  CA  . TYR A 1 111 ? 2.155   0.026   -12.569 1.00 15.91 ? 385 TYR A CA  1 
ATOM   771  C  C   . TYR A 1 111 ? 0.897   -0.751  -12.893 1.00 15.21 ? 385 TYR A C   1 
ATOM   772  O  O   . TYR A 1 111 ? -0.111  -0.171  -13.326 1.00 16.29 ? 385 TYR A O   1 
ATOM   773  C  CB  . TYR A 1 111 ? 2.190   0.376   -11.068 1.00 16.07 ? 385 TYR A CB  1 
ATOM   774  C  CG  . TYR A 1 111 ? 3.515   1.013   -10.679 1.00 14.41 ? 385 TYR A CG  1 
ATOM   775  C  CD1 . TYR A 1 111 ? 4.671   0.264   -10.696 1.00 16.19 ? 385 TYR A CD1 1 
ATOM   776  C  CD2 . TYR A 1 111 ? 3.618   2.361   -10.339 1.00 16.12 ? 385 TYR A CD2 1 
ATOM   777  C  CE1 . TYR A 1 111 ? 5.899   0.832   -10.397 1.00 17.20 ? 385 TYR A CE1 1 
ATOM   778  C  CE2 . TYR A 1 111 ? 4.861   2.940   -10.056 1.00 15.92 ? 385 TYR A CE2 1 
ATOM   779  C  CZ  . TYR A 1 111 ? 5.984   2.159   -10.062 1.00 16.32 ? 385 TYR A CZ  1 
ATOM   780  O  OH  . TYR A 1 111 ? 7.235   2.672   -9.803  1.00 17.91 ? 385 TYR A OH  1 
ATOM   781  N  N   . ARG A 1 112 ? 0.967   -2.060  -12.711 1.00 14.58 ? 386 ARG A N   1 
ATOM   782  C  CA  A ARG A 1 112 ? -0.162  -2.959  -12.880 0.50 14.42 ? 386 ARG A CA  1 
ATOM   783  C  CA  B ARG A 1 112 ? -0.174  -2.943  -12.873 0.50 14.20 ? 386 ARG A CA  1 
ATOM   784  C  C   . ARG A 1 112 ? -0.956  -2.969  -11.581 1.00 14.53 ? 386 ARG A C   1 
ATOM   785  O  O   . ARG A 1 112 ? -0.451  -3.409  -10.558 1.00 14.08 ? 386 ARG A O   1 
ATOM   786  C  CB  A ARG A 1 112 ? 0.298   -4.379  -13.248 0.50 15.09 ? 386 ARG A CB  1 
ATOM   787  C  CB  B ARG A 1 112 ? 0.254   -4.353  -13.247 0.50 14.80 ? 386 ARG A CB  1 
ATOM   788  C  CG  A ARG A 1 112 ? -0.753  -5.200  -13.964 0.50 17.85 ? 386 ARG A CG  1 
ATOM   789  C  CG  B ARG A 1 112 ? 1.060   -4.393  -14.531 0.50 16.32 ? 386 ARG A CG  1 
ATOM   790  C  CD  A ARG A 1 112 ? -0.275  -6.600  -14.375 0.50 19.98 ? 386 ARG A CD  1 
ATOM   791  C  CD  B ARG A 1 112 ? 1.675   -5.726  -14.747 0.50 20.71 ? 386 ARG A CD  1 
ATOM   792  N  NE  A ARG A 1 112 ? 0.403   -6.680  -15.683 0.50 22.75 ? 386 ARG A NE  1 
ATOM   793  N  NE  B ARG A 1 112 ? 0.659   -6.700  -15.119 0.50 24.40 ? 386 ARG A NE  1 
ATOM   794  C  CZ  A ARG A 1 112 ? 0.932   -7.800  -16.194 0.50 24.79 ? 386 ARG A CZ  1 
ATOM   795  C  CZ  B ARG A 1 112 ? 0.860   -7.740  -15.922 0.50 27.72 ? 386 ARG A CZ  1 
ATOM   796  N  NH1 A ARG A 1 112 ? 0.867   -8.951  -15.520 0.50 24.94 ? 386 ARG A NH1 1 
ATOM   797  N  NH1 B ARG A 1 112 ? -0.150  -8.557  -16.184 0.50 28.94 ? 386 ARG A NH1 1 
ATOM   798  N  NH2 A ARG A 1 112 ? 1.534   -7.788  -17.386 0.50 25.23 ? 386 ARG A NH2 1 
ATOM   799  N  NH2 B ARG A 1 112 ? 2.056   -7.979  -16.460 0.50 28.81 ? 386 ARG A NH2 1 
ATOM   800  N  N   . VAL A 1 113 ? -2.190  -2.480  -11.654 1.00 13.84 ? 387 VAL A N   1 
ATOM   801  C  CA  . VAL A 1 113 ? -3.099  -2.359  -10.512 1.00 13.97 ? 387 VAL A CA  1 
ATOM   802  C  C   . VAL A 1 113 ? -4.296  -3.281  -10.741 1.00 13.79 ? 387 VAL A C   1 
ATOM   803  O  O   . VAL A 1 113 ? -4.826  -3.395  -11.865 1.00 14.05 ? 387 VAL A O   1 
ATOM   804  C  CB  . VAL A 1 113 ? -3.605  -0.917  -10.356 1.00 15.12 ? 387 VAL A CB  1 
ATOM   805  C  CG1 . VAL A 1 113 ? -4.429  -0.770  -9.087  1.00 15.85 ? 387 VAL A CG1 1 
ATOM   806  C  CG2 . VAL A 1 113 ? -2.463  0.087   -10.394 1.00 15.78 ? 387 VAL A CG2 1 
ATOM   807  N  N   . ILE A 1 114 ? -4.721  -3.947  -9.670  1.00 13.83 ? 388 ILE A N   1 
ATOM   808  C  CA  . ILE A 1 114 ? -5.914  -4.761  -9.698  1.00 15.01 ? 388 ILE A CA  1 
ATOM   809  C  C   . ILE A 1 114 ? -6.595  -4.762  -8.348  1.00 15.27 ? 388 ILE A C   1 
ATOM   810  O  O   . ILE A 1 114 ? -5.928  -4.674  -7.317  1.00 16.21 ? 388 ILE A O   1 
ATOM   811  C  CB  . ILE A 1 114 ? -5.626  -6.207  -10.167 1.00 16.06 ? 388 ILE A CB  1 
ATOM   812  C  CG1 . ILE A 1 114 ? -6.919  -6.899  -10.606 1.00 18.71 ? 388 ILE A CG1 1 
ATOM   813  C  CG2 . ILE A 1 114 ? -4.935  -6.974  -9.088  1.00 18.50 ? 388 ILE A CG2 1 
ATOM   814  C  CD1 . ILE A 1 114 ? -6.688  -8.213  -11.440 1.00 24.09 ? 388 ILE A CD1 1 
ATOM   815  N  N   . GLY A 1 115 ? -7.923  -4.869  -8.372  1.00 15.94 ? 389 GLY A N   1 
ATOM   816  C  CA  . GLY A 1 115 ? -8.741  -5.109  -7.184  1.00 16.91 ? 389 GLY A CA  1 
ATOM   817  C  C   . GLY A 1 115 ? -9.286  -6.521  -7.185  1.00 17.88 ? 389 GLY A C   1 
ATOM   818  O  O   . GLY A 1 115 ? -9.721  -7.028  -8.248  1.00 20.98 ? 389 GLY A O   1 
ATOM   819  N  N   . LEU A 1 116 ? -9.246  -7.180  -6.035  1.00 19.17 ? 390 LEU A N   1 
ATOM   820  C  CA  . LEU A 1 116 ? -9.793  -8.540  -5.860  1.00 21.14 ? 390 LEU A CA  1 
ATOM   821  C  C   . LEU A 1 116 ? -10.633 -8.556  -4.588  1.00 22.71 ? 390 LEU A C   1 
ATOM   822  O  O   . LEU A 1 116 ? -10.122 -8.353  -3.489  1.00 20.55 ? 390 LEU A O   1 
ATOM   823  C  CB  . LEU A 1 116 ? -8.659  -9.562  -5.777  1.00 22.50 ? 390 LEU A CB  1 
ATOM   824  C  CG  . LEU A 1 116 ? -9.133  -11.024 -5.793  1.00 25.76 ? 390 LEU A CG  1 
ATOM   825  C  CD1 . LEU A 1 116 ? -8.216  -11.865 -6.639  1.00 27.31 ? 390 LEU A CD1 1 
ATOM   826  C  CD2 . LEU A 1 116 ? -9.240  -11.585 -4.371  1.00 29.04 ? 390 LEU A CD2 1 
ATOM   827  N  N   . SER A 1 117 ? -11.935 -8.769  -4.725  1.00 23.94 ? 391 SER A N   1 
ATOM   828  C  CA  . SER A 1 117 ? -12.797 -8.815  -3.532  1.00 26.55 ? 391 SER A CA  1 
ATOM   829  C  C   . SER A 1 117 ? -13.540 -10.121 -3.331  1.00 27.90 ? 391 SER A C   1 
ATOM   830  O  O   . SER A 1 117 ? -14.113 -10.329 -2.261  1.00 29.31 ? 391 SER A O   1 
ATOM   831  C  CB  . SER A 1 117 ? -13.823 -7.685  -3.584  1.00 27.20 ? 391 SER A CB  1 
ATOM   832  O  OG  . SER A 1 117 ? -14.640 -7.810  -4.722  1.00 29.00 ? 391 SER A OG  1 
ATOM   833  N  N   . GLY A 1 118 ? -13.544 -10.990 -4.342  1.00 28.59 ? 392 GLY A N   1 
ATOM   834  C  CA  . GLY A 1 118 ? -14.562 -12.053 -4.438  1.00 29.80 ? 392 GLY A CA  1 
ATOM   835  C  C   . GLY A 1 118 ? -15.909 -11.525 -4.915  1.00 30.16 ? 392 GLY A C   1 
ATOM   836  O  O   . GLY A 1 118 ? -16.556 -10.673 -4.269  1.00 30.43 ? 392 GLY A O   1 
ATOM   837  N  N   . LEU A 1 122 ? -14.877 -14.017 -11.271 1.00 35.08 ? 396 LEU A N   1 
ATOM   838  C  CA  . LEU A 1 122 ? -14.599 -15.136 -10.368 1.00 34.49 ? 396 LEU A CA  1 
ATOM   839  C  C   . LEU A 1 122 ? -13.387 -15.984 -10.786 1.00 33.25 ? 396 LEU A C   1 
ATOM   840  O  O   . LEU A 1 122 ? -12.907 -16.818 -10.001 1.00 33.92 ? 396 LEU A O   1 
ATOM   841  C  CB  . LEU A 1 122 ? -15.830 -16.039 -10.261 1.00 35.22 ? 396 LEU A CB  1 
ATOM   842  C  CG  . LEU A 1 122 ? -17.186 -15.401 -9.951  1.00 36.45 ? 396 LEU A CG  1 
ATOM   843  C  CD1 . LEU A 1 122 ? -17.774 -14.692 -11.172 1.00 37.40 ? 396 LEU A CD1 1 
ATOM   844  C  CD2 . LEU A 1 122 ? -18.144 -16.463 -9.440  1.00 37.68 ? 396 LEU A CD2 1 
ATOM   845  N  N   . LYS A 1 123 ? -12.889 -15.798 -12.009 1.00 30.92 ? 397 LYS A N   1 
ATOM   846  C  CA  . LYS A 1 123 ? -11.759 -16.604 -12.485 1.00 28.75 ? 397 LYS A CA  1 
ATOM   847  C  C   . LYS A 1 123 ? -10.411 -16.163 -11.882 1.00 26.51 ? 397 LYS A C   1 
ATOM   848  O  O   . LYS A 1 123 ? -9.453  -16.925 -11.910 1.00 23.64 ? 397 LYS A O   1 
ATOM   849  C  CB  . LYS A 1 123 ? -11.669 -16.557 -14.013 1.00 29.34 ? 397 LYS A CB  1 
ATOM   850  C  CG  . LYS A 1 123 ? -12.882 -17.134 -14.698 1.00 30.74 ? 397 LYS A CG  1 
ATOM   851  C  CD  . LYS A 1 123 ? -12.865 -16.913 -16.205 1.00 33.14 ? 397 LYS A CD  1 
ATOM   852  C  CE  . LYS A 1 123 ? -14.118 -17.509 -16.851 1.00 33.69 ? 397 LYS A CE  1 
ATOM   853  N  NZ  . LYS A 1 123 ? -14.537 -16.788 -18.094 1.00 35.54 ? 397 LYS A NZ  1 
ATOM   854  N  N   . ILE A 1 124 ? -10.357 -14.946 -11.362 1.00 25.07 ? 398 ILE A N   1 
ATOM   855  C  CA  . ILE A 1 124 ? -9.094  -14.339 -10.906 1.00 24.19 ? 398 ILE A CA  1 
ATOM   856  C  C   . ILE A 1 124 ? -8.714  -14.923 -9.555  1.00 23.21 ? 398 ILE A C   1 
ATOM   857  O  O   . ILE A 1 124 ? -9.558  -15.077 -8.692  1.00 23.44 ? 398 ILE A O   1 
ATOM   858  C  CB  . ILE A 1 124 ? -9.188  -12.793 -10.786 1.00 25.26 ? 398 ILE A CB  1 
ATOM   859  C  CG1 . ILE A 1 124 ? -9.865  -12.181 -12.025 1.00 28.30 ? 398 ILE A CG1 1 
ATOM   860  C  CG2 . ILE A 1 124 ? -7.846  -12.214 -10.615 1.00 26.02 ? 398 ILE A CG2 1 
ATOM   861  C  CD1 . ILE A 1 124 ? -10.222 -10.710 -11.864 1.00 30.00 ? 398 ILE A CD1 1 
ATOM   862  N  N   . SER A 1 125 ? -7.430  -15.230 -9.372  1.00 20.86 ? 399 SER A N   1 
ATOM   863  C  CA  . SER A 1 125 ? -6.941  -15.923 -8.182  1.00 20.14 ? 399 SER A CA  1 
ATOM   864  C  C   . SER A 1 125 ? -6.062  -14.953 -7.385  1.00 18.76 ? 399 SER A C   1 
ATOM   865  O  O   . SER A 1 125 ? -5.242  -14.254 -7.960  1.00 18.47 ? 399 SER A O   1 
ATOM   866  C  CB  . SER A 1 125 ? -6.127  -17.154 -8.612  1.00 20.21 ? 399 SER A CB  1 
ATOM   867  O  OG  . SER A 1 125 ? -5.012  -17.408 -7.808  1.00 24.29 ? 399 SER A OG  1 
ATOM   868  N  N   . PHE A 1 126 ? -6.228  -14.892 -6.065  1.00 16.84 ? 400 PHE A N   1 
ATOM   869  C  CA  . PHE A 1 126 ? -5.405  -13.979 -5.265  1.00 16.35 ? 400 PHE A CA  1 
ATOM   870  C  C   . PHE A 1 126 ? -3.897  -14.256 -5.354  1.00 16.29 ? 400 PHE A C   1 
ATOM   871  O  O   . PHE A 1 126 ? -3.124  -13.346 -5.617  1.00 16.07 ? 400 PHE A O   1 
ATOM   872  C  CB  . PHE A 1 126 ? -5.913  -13.962 -3.825  1.00 15.52 ? 400 PHE A CB  1 
ATOM   873  C  CG  . PHE A 1 126 ? -5.175  -13.020 -2.923  1.00 16.15 ? 400 PHE A CG  1 
ATOM   874  C  CD1 . PHE A 1 126 ? -5.281  -11.648 -3.076  1.00 19.25 ? 400 PHE A CD1 1 
ATOM   875  C  CD2 . PHE A 1 126 ? -4.381  -13.528 -1.905  1.00 16.39 ? 400 PHE A CD2 1 
ATOM   876  C  CE1 . PHE A 1 126 ? -4.582  -10.805 -2.225  1.00 20.20 ? 400 PHE A CE1 1 
ATOM   877  C  CE2 . PHE A 1 126 ? -3.688  -12.679 -1.037  1.00 17.87 ? 400 PHE A CE2 1 
ATOM   878  C  CZ  . PHE A 1 126 ? -3.772  -11.335 -1.215  1.00 18.92 ? 400 PHE A CZ  1 
ATOM   879  N  N   . PRO A 1 127 ? -3.469  -15.522 -5.180  1.00 16.22 ? 401 PRO A N   1 
ATOM   880  C  CA  . PRO A 1 127 ? -2.025  -15.764 -5.345  1.00 15.76 ? 401 PRO A CA  1 
ATOM   881  C  C   . PRO A 1 127 ? -1.517  -15.303 -6.718  1.00 15.99 ? 401 PRO A C   1 
ATOM   882  O  O   . PRO A 1 127 ? -0.392  -14.811 -6.826  1.00 15.55 ? 401 PRO A O   1 
ATOM   883  C  CB  . PRO A 1 127 ? -1.874  -17.263 -5.135  1.00 17.46 ? 401 PRO A CB  1 
ATOM   884  C  CG  . PRO A 1 127 ? -3.126  -17.716 -4.466  1.00 18.53 ? 401 PRO A CG  1 
ATOM   885  C  CD  . PRO A 1 127 ? -4.191  -16.719 -4.737  1.00 16.81 ? 401 PRO A CD  1 
ATOM   886  N  N   . GLU A 1 128 ? -2.340  -15.430 -7.753  1.00 15.54 ? 402 GLU A N   1 
ATOM   887  C  CA  . GLU A 1 128 ? -1.877  -15.081 -9.092  1.00 15.71 ? 402 GLU A CA  1 
ATOM   888  C  C   . GLU A 1 128 ? -1.869  -13.593 -9.307  1.00 15.97 ? 402 GLU A C   1 
ATOM   889  O  O   . GLU A 1 128 ? -0.993  -13.091 -10.009 1.00 16.39 ? 402 GLU A O   1 
ATOM   890  C  CB  . GLU A 1 128 ? -2.702  -15.763 -10.171 1.00 15.91 ? 402 GLU A CB  1 
ATOM   891  C  CG  . GLU A 1 128 ? -2.557  -17.274 -10.156 1.00 17.66 ? 402 GLU A CG  1 
ATOM   892  C  CD  . GLU A 1 128 ? -1.172  -17.752 -10.430 1.00 25.97 ? 402 GLU A CD  1 
ATOM   893  O  OE1 . GLU A 1 128 ? -0.471  -17.140 -11.277 1.00 28.66 ? 402 GLU A OE1 1 
ATOM   894  O  OE2 . GLU A 1 128 ? -0.779  -18.731 -9.771  1.00 32.94 ? 402 GLU A OE2 1 
ATOM   895  N  N   . VAL A 1 129 ? -2.795  -12.843 -8.687  1.00 15.79 ? 403 VAL A N   1 
ATOM   896  C  CA  . VAL A 1 129 ? -2.689  -11.386 -8.794  1.00 15.99 ? 403 VAL A CA  1 
ATOM   897  C  C   . VAL A 1 129 ? -1.443  -10.896 -8.054  1.00 14.77 ? 403 VAL A C   1 
ATOM   898  O  O   . VAL A 1 129 ? -0.794  -9.978  -8.524  1.00 16.49 ? 403 VAL A O   1 
ATOM   899  C  CB  . VAL A 1 129 ? -3.942  -10.557 -8.374  1.00 18.12 ? 403 VAL A CB  1 
ATOM   900  C  CG1 . VAL A 1 129 ? -5.165  -11.075 -9.062  1.00 15.70 ? 403 VAL A CG1 1 
ATOM   901  C  CG2 . VAL A 1 129 ? -4.126  -10.446 -6.917  1.00 18.81 ? 403 VAL A CG2 1 
ATOM   902  N  N   . VAL A 1 130 ? -1.119  -11.519 -6.917  1.00 15.30 ? 404 VAL A N   1 
ATOM   903  C  CA  . VAL A 1 130 ? 0.123   -11.173 -6.178  1.00 15.60 ? 404 VAL A CA  1 
ATOM   904  C  C   . VAL A 1 130 ? 1.346   -11.397 -7.061  1.00 15.75 ? 404 VAL A C   1 
ATOM   905  O  O   . VAL A 1 130 ? 2.228   -10.548 -7.126  1.00 17.06 ? 404 VAL A O   1 
ATOM   906  C  CB  . VAL A 1 130 ? 0.207   -11.899 -4.826  1.00 15.63 ? 404 VAL A CB  1 
ATOM   907  C  CG1 . VAL A 1 130 ? 1.590   -11.669 -4.158  1.00 16.88 ? 404 VAL A CG1 1 
ATOM   908  C  CG2 . VAL A 1 130 ? -0.923  -11.400 -3.911  1.00 16.71 ? 404 VAL A CG2 1 
ATOM   909  N  N   . LYS A 1 131 ? 1.373   -12.499 -7.813  1.00 14.63 ? 405 LYS A N   1 
ATOM   910  C  CA  . LYS A 1 131 ? 2.502   -12.749 -8.702  1.00 15.19 ? 405 LYS A CA  1 
ATOM   911  C  C   . LYS A 1 131 ? 2.626   -11.767 -9.851  1.00 15.76 ? 405 LYS A C   1 
ATOM   912  O  O   . LYS A 1 131 ? 3.753   -11.444 -10.268 1.00 18.20 ? 405 LYS A O   1 
ATOM   913  C  CB  . LYS A 1 131 ? 2.402   -14.151 -9.302  1.00 14.59 ? 405 LYS A CB  1 
ATOM   914  C  CG  . LYS A 1 131 ? 2.582   -15.271 -8.300  1.00 18.60 ? 405 LYS A CG  1 
ATOM   915  C  CD  . LYS A 1 131 ? 2.124   -16.566 -8.930  1.00 22.67 ? 405 LYS A CD  1 
ATOM   916  C  CE  . LYS A 1 131 ? 2.357   -17.738 -8.021  1.00 27.23 ? 405 LYS A CE  1 
ATOM   917  N  NZ  . LYS A 1 131 ? 1.900   -18.949 -8.736  1.00 29.36 ? 405 LYS A NZ  1 
ATOM   918  N  N   . SER A 1 132 ? 1.492   -11.352 -10.421 1.00 14.58 ? 406 SER A N   1 
ATOM   919  C  CA  . SER A 1 132 ? 1.478   -10.646 -11.698 1.00 15.84 ? 406 SER A CA  1 
ATOM   920  C  C   . SER A 1 132 ? 1.284   -9.141  -11.639 1.00 15.88 ? 406 SER A C   1 
ATOM   921  O  O   . SER A 1 132 ? 1.537   -8.456  -12.638 1.00 17.89 ? 406 SER A O   1 
ATOM   922  C  CB  . SER A 1 132 ? 0.426   -11.264 -12.647 1.00 16.83 ? 406 SER A CB  1 
ATOM   923  O  OG  . SER A 1 132 ? -0.857  -11.136 -12.059 1.00 18.64 ? 406 SER A OG  1 
ATOM   924  N  N   . CYS A 1 133 ? 0.880   -8.618  -10.487 1.00 14.82 ? 407 CYS A N   1 
ATOM   925  C  CA  . CYS A 1 133 ? 0.531   -7.191  -10.366 1.00 14.83 ? 407 CYS A CA  1 
ATOM   926  C  C   . CYS A 1 133 ? 1.454   -6.501  -9.380  1.00 15.19 ? 407 CYS A C   1 
ATOM   927  O  O   . CYS A 1 133 ? 2.167   -7.157  -8.619  1.00 15.80 ? 407 CYS A O   1 
ATOM   928  C  CB  . CYS A 1 133 ? -0.922  -7.027  -9.928  1.00 15.84 ? 407 CYS A CB  1 
ATOM   929  S  SG  . CYS A 1 133 ? -2.069  -7.587  -11.221 1.00 18.96 ? 407 CYS A SG  1 
ATOM   930  N  N   . ASP A 1 134 ? 1.451   -5.174  -9.433  1.00 13.25 ? 408 ASP A N   1 
ATOM   931  C  CA  . ASP A 1 134 ? 2.297   -4.334  -8.587  1.00 13.72 ? 408 ASP A CA  1 
ATOM   932  C  C   . ASP A 1 134 ? 1.578   -3.666  -7.453  1.00 13.78 ? 408 ASP A C   1 
ATOM   933  O  O   . ASP A 1 134 ? 2.192   -3.396  -6.398  1.00 12.93 ? 408 ASP A O   1 
ATOM   934  C  CB  . ASP A 1 134 ? 2.904   -3.222  -9.409  1.00 14.39 ? 408 ASP A CB  1 
ATOM   935  C  CG  . ASP A 1 134 ? 3.671   -3.734  -10.614 1.00 14.86 ? 408 ASP A CG  1 
ATOM   936  O  OD1 . ASP A 1 134 ? 4.476   -4.681  -10.460 1.00 15.58 ? 408 ASP A OD1 1 
ATOM   937  O  OD2 . ASP A 1 134 ? 3.437   -3.236  -11.753 1.00 16.40 ? 408 ASP A OD2 1 
ATOM   938  N  N   . ILE A 1 135 ? 0.310   -3.348  -7.663  1.00 12.92 ? 409 ILE A N   1 
ATOM   939  C  CA  . ILE A 1 135 ? -0.542  -2.775  -6.610  1.00 13.60 ? 409 ILE A CA  1 
ATOM   940  C  C   . ILE A 1 135 ? -1.816  -3.593  -6.568  1.00 13.94 ? 409 ILE A C   1 
ATOM   941  O  O   . ILE A 1 135 ? -2.554  -3.656  -7.561  1.00 14.46 ? 409 ILE A O   1 
ATOM   942  C  CB  . ILE A 1 135 ? -0.851  -1.297  -6.843  1.00 15.10 ? 409 ILE A CB  1 
ATOM   943  C  CG1 . ILE A 1 135 ? 0.452   -0.501  -6.933  1.00 16.06 ? 409 ILE A CG1 1 
ATOM   944  C  CG2 . ILE A 1 135 ? -1.741  -0.781  -5.696  1.00 15.67 ? 409 ILE A CG2 1 
ATOM   945  C  CD1 . ILE A 1 135 ? 0.251   0.951   -7.265  1.00 19.67 ? 409 ILE A CD1 1 
ATOM   946  N  N   . ILE A 1 136 ? -2.027  -4.283  -5.466  1.00 13.53 ? 410 ILE A N   1 
ATOM   947  C  CA  . ILE A 1 136 ? -3.170  -5.151  -5.272  1.00 13.14 ? 410 ILE A CA  1 
ATOM   948  C  C   . ILE A 1 136 ? -4.074  -4.544  -4.202  1.00 14.26 ? 410 ILE A C   1 
ATOM   949  O  O   . ILE A 1 136 ? -3.607  -4.249  -3.119  1.00 14.56 ? 410 ILE A O   1 
ATOM   950  C  CB  . ILE A 1 136 ? -2.724  -6.573  -4.838  1.00 12.90 ? 410 ILE A CB  1 
ATOM   951  C  CG1 . ILE A 1 136 ? -1.824  -7.217  -5.888  1.00 15.84 ? 410 ILE A CG1 1 
ATOM   952  C  CG2 . ILE A 1 136 ? -3.902  -7.463  -4.500  1.00 15.04 ? 410 ILE A CG2 1 
ATOM   953  C  CD1 . ILE A 1 136 ? -0.365  -7.073  -5.690  1.00 18.66 ? 410 ILE A CD1 1 
ATOM   954  N  N   . ILE A 1 137 ? -5.339  -4.370  -4.541  1.00 14.24 ? 411 ILE A N   1 
ATOM   955  C  CA  . ILE A 1 137 ? -6.346  -3.842  -3.598  1.00 14.36 ? 411 ILE A CA  1 
ATOM   956  C  C   . ILE A 1 137 ? -7.217  -5.029  -3.236  1.00 13.99 ? 411 ILE A C   1 
ATOM   957  O  O   . ILE A 1 137 ? -7.818  -5.664  -4.117  1.00 14.13 ? 411 ILE A O   1 
ATOM   958  C  CB  . ILE A 1 137 ? -7.141  -2.649  -4.163  1.00 15.50 ? 411 ILE A CB  1 
ATOM   959  C  CG1 . ILE A 1 137 ? -6.140  -1.564  -4.588  1.00 20.23 ? 411 ILE A CG1 1 
ATOM   960  C  CG2 . ILE A 1 137 ? -8.124  -2.146  -3.072  1.00 15.68 ? 411 ILE A CG2 1 
ATOM   961  C  CD1 . ILE A 1 137 ? -6.352  -1.054  -5.883  1.00 26.31 ? 411 ILE A CD1 1 
ATOM   962  N  N   . SER A 1 138 ? -7.277  -5.373  -1.953  1.00 14.01 ? 412 SER A N   1 
ATOM   963  C  CA  . SER A 1 138 ? -8.081  -6.496  -1.506  1.00 14.48 ? 412 SER A CA  1 
ATOM   964  C  C   . SER A 1 138 ? -8.600  -6.294  -0.100  1.00 15.65 ? 412 SER A C   1 
ATOM   965  O  O   . SER A 1 138 ? -8.495  -5.216  0.453   1.00 14.35 ? 412 SER A O   1 
ATOM   966  C  CB  . SER A 1 138 ? -7.292  -7.812  -1.656  1.00 15.59 ? 412 SER A CB  1 
ATOM   967  O  OG  . SER A 1 138 ? -8.154  -8.922  -1.552  1.00 18.08 ? 412 SER A OG  1 
ATOM   968  N  N   . THR A 1 139 ? -9.202  -7.324  0.467   1.00 17.78 ? 413 THR A N   1 
ATOM   969  C  CA  . THR A 1 139 ? -9.697  -7.237  1.830   1.00 18.42 ? 413 THR A CA  1 
ATOM   970  C  C   . THR A 1 139 ? -8.733  -7.889  2.780   1.00 18.68 ? 413 THR A C   1 
ATOM   971  O  O   . THR A 1 139 ? -7.971  -8.786  2.413   1.00 18.54 ? 413 THR A O   1 
ATOM   972  C  CB  . THR A 1 139 ? -11.044 -7.912  1.994   1.00 18.38 ? 413 THR A CB  1 
ATOM   973  O  OG1 . THR A 1 139 ? -10.943 -9.329  1.779   1.00 18.74 ? 413 THR A OG1 1 
ATOM   974  C  CG2 . THR A 1 139 ? -12.077 -7.330  1.035   1.00 19.10 ? 413 THR A CG2 1 
ATOM   975  N  N   . ALA A 1 140 ? -8.773  -7.432  4.025   1.00 19.83 ? 414 ALA A N   1 
ATOM   976  C  CA  . ALA A 1 140 ? -7.982  -8.047  5.070   1.00 20.35 ? 414 ALA A CA  1 
ATOM   977  C  C   . ALA A 1 140 ? -8.304  -9.522  5.175   1.00 20.85 ? 414 ALA A C   1 
ATOM   978  O  O   . ALA A 1 140 ? -7.417  -10.347 5.327   1.00 21.76 ? 414 ALA A O   1 
ATOM   979  C  CB  . ALA A 1 140 ? -8.246  -7.345  6.423   1.00 21.61 ? 414 ALA A CB  1 
ATOM   980  N  N   . GLN A 1 141 ? -9.585  -9.884  5.078   1.00 20.33 ? 415 GLN A N   1 
ATOM   981  C  CA  . GLN A 1 141 ? -9.963  -11.288 5.158   1.00 20.99 ? 415 GLN A CA  1 
ATOM   982  C  C   . GLN A 1 141 ? -9.316  -12.167 4.098   1.00 19.97 ? 415 GLN A C   1 
ATOM   983  O  O   . GLN A 1 141 ? -8.891  -13.261 4.392   1.00 19.89 ? 415 GLN A O   1 
ATOM   984  C  CB  . GLN A 1 141 ? -11.486 -11.453 5.080   1.00 21.73 ? 415 GLN A CB  1 
ATOM   985  C  CG  . GLN A 1 141 ? -11.922 -12.898 5.273   1.00 25.88 ? 415 GLN A CG  1 
ATOM   986  C  CD  . GLN A 1 141 ? -11.644 -13.420 6.688   1.00 31.67 ? 415 GLN A CD  1 
ATOM   987  O  OE1 . GLN A 1 141 ? -12.429 -13.174 7.617   1.00 35.79 ? 415 GLN A OE1 1 
ATOM   988  N  NE2 . GLN A 1 141 ? -10.543 -14.169 6.850   1.00 33.47 ? 415 GLN A NE2 1 
ATOM   989  N  N   . ILE A 1 142 ? -9.236  -11.683 2.864   1.00 18.68 ? 416 ILE A N   1 
ATOM   990  C  CA  . ILE A 1 142 ? -8.634  -12.468 1.777   1.00 18.82 ? 416 ILE A CA  1 
ATOM   991  C  C   . ILE A 1 142 ? -7.134  -12.657 2.032   1.00 18.76 ? 416 ILE A C   1 
ATOM   992  O  O   . ILE A 1 142 ? -6.619  -13.746 1.831   1.00 18.52 ? 416 ILE A O   1 
ATOM   993  C  CB  . ILE A 1 142 ? -8.891  -11.800 0.392   1.00 18.70 ? 416 ILE A CB  1 
ATOM   994  C  CG1 . ILE A 1 142 ? -10.331 -12.032 -0.060  1.00 19.60 ? 416 ILE A CG1 1 
ATOM   995  C  CG2 . ILE A 1 142 ? -7.936  -12.309 -0.694  1.00 19.75 ? 416 ILE A CG2 1 
ATOM   996  C  CD1 . ILE A 1 142 ? -10.752 -11.026 -1.088  1.00 21.13 ? 416 ILE A CD1 1 
ATOM   997  N  N   . LEU A 1 143 ? -6.436  -11.611 2.475   1.00 19.17 ? 417 LEU A N   1 
ATOM   998  C  CA  . LEU A 1 143 ? -5.017  -11.779 2.796   1.00 20.38 ? 417 LEU A CA  1 
ATOM   999  C  C   . LEU A 1 143 ? -4.844  -12.751 3.942   1.00 22.72 ? 417 LEU A C   1 
ATOM   1000 O  O   . LEU A 1 143 ? -4.041  -13.675 3.842   1.00 23.72 ? 417 LEU A O   1 
ATOM   1001 C  CB  . LEU A 1 143 ? -4.340  -10.459 3.130   1.00 19.99 ? 417 LEU A CB  1 
ATOM   1002 C  CG  . LEU A 1 143 ? -2.852  -10.598 3.547   1.00 20.15 ? 417 LEU A CG  1 
ATOM   1003 C  CD1 . LEU A 1 143 ? -1.989  -11.253 2.464   1.00 20.13 ? 417 LEU A CD1 1 
ATOM   1004 C  CD2 . LEU A 1 143 ? -2.280  -9.246  3.892   1.00 21.22 ? 417 LEU A CD2 1 
ATOM   1005 N  N   . GLU A 1 144 ? -5.593  -12.540 5.006   1.00 25.50 ? 418 GLU A N   1 
ATOM   1006 C  CA  . GLU A 1 144 ? -5.525  -13.397 6.184   1.00 28.59 ? 418 GLU A CA  1 
ATOM   1007 C  C   . GLU A 1 144 ? -5.776  -14.866 5.815   1.00 29.77 ? 418 GLU A C   1 
ATOM   1008 O  O   . GLU A 1 144 ? -5.055  -15.762 6.268   1.00 30.25 ? 418 GLU A O   1 
ATOM   1009 C  CB  . GLU A 1 144 ? -6.518  -12.893 7.219   1.00 29.41 ? 418 GLU A CB  1 
ATOM   1010 C  CG  . GLU A 1 144 ? -6.529  -13.656 8.530   1.00 33.19 ? 418 GLU A CG  1 
ATOM   1011 C  CD  . GLU A 1 144 ? -7.567  -13.120 9.482   1.00 36.88 ? 418 GLU A CD  1 
ATOM   1012 O  OE1 . GLU A 1 144 ? -7.533  -11.907 9.784   1.00 40.64 ? 418 GLU A OE1 1 
ATOM   1013 O  OE2 . GLU A 1 144 ? -8.423  -13.913 9.924   1.00 40.89 ? 418 GLU A OE2 1 
ATOM   1014 N  N   . ASN A 1 145 ? -6.760  -15.122 4.954   1.00 30.82 ? 419 ASN A N   1 
ATOM   1015 C  CA  . ASN A 1 145 ? -7.051  -16.499 4.530   1.00 32.26 ? 419 ASN A CA  1 
ATOM   1016 C  C   . ASN A 1 145 ? -5.906  -17.127 3.750   1.00 32.88 ? 419 ASN A C   1 
ATOM   1017 O  O   . ASN A 1 145 ? -5.631  -18.319 3.873   1.00 33.21 ? 419 ASN A O   1 
ATOM   1018 C  CB  . ASN A 1 145 ? -8.328  -16.552 3.688   1.00 32.49 ? 419 ASN A CB  1 
ATOM   1019 C  CG  . ASN A 1 145 ? -9.575  -16.203 4.485   1.00 35.06 ? 419 ASN A CG  1 
ATOM   1020 O  OD1 . ASN A 1 145 ? -9.542  -16.079 5.718   1.00 38.98 ? 419 ASN A OD1 1 
ATOM   1021 N  ND2 . ASN A 1 145 ? -10.690 -16.033 3.779   1.00 37.64 ? 419 ASN A ND2 1 
ATOM   1022 N  N   . SER A 1 146 ? -5.230  -16.309 2.951   1.00 33.67 ? 420 SER A N   1 
ATOM   1023 C  CA  . SER A 1 146 ? -4.131  -16.764 2.115   1.00 34.72 ? 420 SER A CA  1 
ATOM   1024 C  C   . SER A 1 146 ? -2.874  -17.024 2.941   1.00 35.83 ? 420 SER A C   1 
ATOM   1025 O  O   . SER A 1 146 ? -1.990  -17.765 2.504   1.00 35.70 ? 420 SER A O   1 
ATOM   1026 C  CB  . SER A 1 146 ? -3.836  -15.712 1.047   1.00 34.62 ? 420 SER A CB  1 
ATOM   1027 O  OG  . SER A 1 146 ? -3.142  -16.273 -0.039  1.00 35.65 ? 420 SER A OG  1 
ATOM   1028 N  N   . LEU A 1 147 ? -2.835  -16.425 4.135   1.00 37.30 ? 421 LEU A N   1 
ATOM   1029 C  CA  . LEU A 1 147 ? -1.691  -16.425 5.046   1.00 38.88 ? 421 LEU A CA  1 
ATOM   1030 C  C   . LEU A 1 147 ? -1.861  -17.504 6.131   1.00 40.40 ? 421 LEU A C   1 
ATOM   1031 O  O   . LEU A 1 147 ? -0.970  -18.346 6.306   1.00 41.14 ? 421 LEU A O   1 
ATOM   1032 C  CB  . LEU A 1 147 ? -1.600  -15.043 5.710   1.00 39.04 ? 421 LEU A CB  1 
ATOM   1033 C  CG  . LEU A 1 147 ? -0.330  -14.211 5.750   1.00 38.35 ? 421 LEU A CG  1 
ATOM   1034 C  CD1 . LEU A 1 147 ? 0.335   -14.081 4.390   1.00 36.03 ? 421 LEU A CD1 1 
ATOM   1035 C  CD2 . LEU A 1 147 ? -0.720  -12.848 6.303   1.00 38.42 ? 421 LEU A CD2 1 
ATOM   1036 N  N   . LEU A 1 148 ? -2.988  -17.453 6.862   1.00 41.70 ? 422 LEU A N   1 
ATOM   1037 C  CA  . LEU A 1 148 ? -3.307  -18.402 7.957   1.00 42.78 ? 422 LEU A CA  1 
ATOM   1038 C  C   . LEU A 1 148 ? -3.383  -19.845 7.478   1.00 43.18 ? 422 LEU A C   1 
ATOM   1039 O  O   . LEU A 1 148 ? -3.169  -20.768 8.270   1.00 43.69 ? 422 LEU A O   1 
ATOM   1040 C  CB  . LEU A 1 148 ? -4.647  -18.064 8.649   1.00 43.04 ? 422 LEU A CB  1 
ATOM   1041 C  CG  . LEU A 1 148 ? -4.685  -17.008 9.771   1.00 44.19 ? 422 LEU A CG  1 
ATOM   1042 C  CD1 . LEU A 1 148 ? -6.124  -16.588 10.065  1.00 44.85 ? 422 LEU A CD1 1 
ATOM   1043 C  CD2 . LEU A 1 148 ? -4.007  -17.511 11.052  1.00 44.50 ? 422 LEU A CD2 1 
ATOM   1044 N  N   . ASN A 1 149 ? -3.721  -20.039 6.203   1.00 43.53 ? 423 ASN A N   1 
ATOM   1045 C  CA  . ASN A 1 149 ? -3.758  -21.370 5.595   1.00 43.96 ? 423 ASN A CA  1 
ATOM   1046 C  C   . ASN A 1 149 ? -2.370  -22.011 5.510   1.00 44.36 ? 423 ASN A C   1 
ATOM   1047 O  O   . ASN A 1 149 ? -1.605  -21.744 4.575   1.00 45.01 ? 423 ASN A O   1 
ATOM   1048 C  CB  . ASN A 1 149 ? -4.386  -21.300 4.199   1.00 43.91 ? 423 ASN A CB  1 
ATOM   1049 N  N   . GLY A 1 157 ? 0.311   -20.180 -0.660  1.00 28.30 ? 431 GLY A N   1 
ATOM   1050 C  CA  . GLY A 1 157 ? 0.136   -19.377 -1.872  1.00 27.45 ? 431 GLY A CA  1 
ATOM   1051 C  C   . GLY A 1 157 ? 0.731   -17.973 -1.795  1.00 26.33 ? 431 GLY A C   1 
ATOM   1052 O  O   . GLY A 1 157 ? 1.251   -17.467 -2.801  1.00 27.56 ? 431 GLY A O   1 
ATOM   1053 N  N   . VAL A 1 158 ? 0.622   -17.342 -0.625  1.00 24.26 ? 432 VAL A N   1 
ATOM   1054 C  CA  . VAL A 1 158 ? 1.113   -15.965 -0.403  1.00 21.65 ? 432 VAL A CA  1 
ATOM   1055 C  C   . VAL A 1 158 ? 1.779   -15.857 0.983   1.00 21.29 ? 432 VAL A C   1 
ATOM   1056 O  O   . VAL A 1 158 ? 1.358   -16.493 1.935   1.00 21.29 ? 432 VAL A O   1 
ATOM   1057 C  CB  . VAL A 1 158 ? -0.053  -14.924 -0.540  1.00 22.14 ? 432 VAL A CB  1 
ATOM   1058 C  CG1 . VAL A 1 158 ? 0.346   -13.541 -0.112  1.00 21.52 ? 432 VAL A CG1 1 
ATOM   1059 C  CG2 . VAL A 1 158 ? -0.608  -14.882 -1.992  1.00 20.16 ? 432 VAL A CG2 1 
ATOM   1060 N  N   . GLN A 1 159 ? 2.831   -15.044 1.081   1.00 18.98 ? 433 GLN A N   1 
ATOM   1061 C  CA  . GLN A 1 159 ? 3.540   -14.779 2.344   1.00 18.76 ? 433 GLN A CA  1 
ATOM   1062 C  C   . GLN A 1 159 ? 3.663   -13.280 2.530   1.00 16.83 ? 433 GLN A C   1 
ATOM   1063 O  O   . GLN A 1 159 ? 3.639   -12.523 1.559   1.00 15.68 ? 433 GLN A O   1 
ATOM   1064 C  CB  . GLN A 1 159 ? 4.943   -15.368 2.294   1.00 18.50 ? 433 GLN A CB  1 
ATOM   1065 C  CG  . GLN A 1 159 ? 4.992   -16.830 2.000   1.00 23.48 ? 433 GLN A CG  1 
ATOM   1066 C  CD  . GLN A 1 159 ? 6.386   -17.315 2.052   1.00 28.76 ? 433 GLN A CD  1 
ATOM   1067 O  OE1 . GLN A 1 159 ? 7.155   -17.157 1.088   1.00 34.19 ? 433 GLN A OE1 1 
ATOM   1068 N  NE2 . GLN A 1 159 ? 6.759   -17.871 3.185   1.00 30.48 ? 433 GLN A NE2 1 
ATOM   1069 N  N   . LEU A 1 160 ? 3.766   -12.822 3.784   1.00 16.10 ? 434 LEU A N   1 
ATOM   1070 C  CA  . LEU A 1 160 ? 3.946   -11.400 4.037   1.00 15.89 ? 434 LEU A CA  1 
ATOM   1071 C  C   . LEU A 1 160 ? 5.140   -10.816 3.289   1.00 13.96 ? 434 LEU A C   1 
ATOM   1072 O  O   . LEU A 1 160 ? 5.093   -9.690  2.820   1.00 13.92 ? 434 LEU A O   1 
ATOM   1073 C  CB  . LEU A 1 160 ? 4.085   -11.058 5.541   1.00 18.54 ? 434 LEU A CB  1 
ATOM   1074 C  CG  . LEU A 1 160 ? 2.833   -10.912 6.383   1.00 22.53 ? 434 LEU A CG  1 
ATOM   1075 C  CD1 . LEU A 1 160 ? 3.267   -10.512 7.807   1.00 25.36 ? 434 LEU A CD1 1 
ATOM   1076 C  CD2 . LEU A 1 160 ? 1.799   -9.967  5.819   1.00 22.88 ? 434 LEU A CD2 1 
ATOM   1077 N  N   . SER A 1 161 ? 6.204   -11.609 3.181   1.00 14.30 ? 435 SER A N   1 
ATOM   1078 C  CA  . SER A 1 161 ? 7.426   -11.163 2.532   1.00 14.02 ? 435 SER A CA  1 
ATOM   1079 C  C   . SER A 1 161 ? 7.260   -10.846 1.063   1.00 13.81 ? 435 SER A C   1 
ATOM   1080 O  O   . SER A 1 161 ? 8.111   -10.167 0.480   1.00 13.56 ? 435 SER A O   1 
ATOM   1081 C  CB  . SER A 1 161 ? 8.563   -12.166 2.729   1.00 16.00 ? 435 SER A CB  1 
ATOM   1082 O  OG  . SER A 1 161 ? 8.281   -13.388 2.096   1.00 18.20 ? 435 SER A OG  1 
ATOM   1083 N  N   . ASP A 1 162 ? 6.163   -11.323 0.449   1.00 12.54 ? 436 ASP A N   1 
ATOM   1084 C  CA  . ASP A 1 162 ? 5.845   -11.012 -0.936  1.00 12.02 ? 436 ASP A CA  1 
ATOM   1085 C  C   . ASP A 1 162 ? 5.646   -9.516  -1.194  1.00 11.85 ? 436 ASP A C   1 
ATOM   1086 O  O   . ASP A 1 162 ? 5.741   -9.081  -2.354  1.00 12.03 ? 436 ASP A O   1 
ATOM   1087 C  CB  . ASP A 1 162 ? 4.599   -11.778 -1.431  1.00 11.95 ? 436 ASP A CB  1 
ATOM   1088 C  CG  . ASP A 1 162 ? 4.749   -13.281 -1.463  1.00 15.59 ? 436 ASP A CG  1 
ATOM   1089 O  OD1 . ASP A 1 162 ? 5.886   -13.813 -1.458  1.00 18.40 ? 436 ASP A OD1 1 
ATOM   1090 O  OD2 . ASP A 1 162 ? 3.685   -13.961 -1.554  1.00 17.83 ? 436 ASP A OD2 1 
ATOM   1091 N  N   . PHE A 1 163 ? 5.263   -8.751  -0.164  1.00 10.42 ? 437 PHE A N   1 
ATOM   1092 C  CA  . PHE A 1 163 ? 4.960   -7.352  -0.299  1.00 10.45 ? 437 PHE A CA  1 
ATOM   1093 C  C   . PHE A 1 163 ? 6.054   -6.502  0.315   1.00 11.20 ? 437 PHE A C   1 
ATOM   1094 O  O   . PHE A 1 163 ? 6.591   -6.842  1.374   1.00 13.77 ? 437 PHE A O   1 
ATOM   1095 C  CB  . PHE A 1 163 ? 3.645   -7.078  0.432   1.00 10.69 ? 437 PHE A CB  1 
ATOM   1096 C  CG  . PHE A 1 163 ? 2.538   -7.982  0.001   1.00 9.99  ? 437 PHE A CG  1 
ATOM   1097 C  CD1 . PHE A 1 163 ? 1.926   -7.823  -1.245  1.00 10.95 ? 437 PHE A CD1 1 
ATOM   1098 C  CD2 . PHE A 1 163 ? 2.202   -9.090  0.760   1.00 10.14 ? 437 PHE A CD2 1 
ATOM   1099 C  CE1 . PHE A 1 163 ? 0.961   -8.710  -1.657  1.00 10.81 ? 437 PHE A CE1 1 
ATOM   1100 C  CE2 . PHE A 1 163 ? 1.233   -9.975  0.353   1.00 13.03 ? 437 PHE A CE2 1 
ATOM   1101 C  CZ  . PHE A 1 163 ? 0.595   -9.766  -0.846  1.00 12.62 ? 437 PHE A CZ  1 
ATOM   1102 N  N   . SER A 1 164 ? 6.377   -5.400  -0.340  1.00 10.03 ? 438 SER A N   1 
ATOM   1103 C  CA  . SER A 1 164 ? 7.310   -4.441  0.197   1.00 10.83 ? 438 SER A CA  1 
ATOM   1104 C  C   . SER A 1 164 ? 6.590   -3.330  0.985   1.00 10.40 ? 438 SER A C   1 
ATOM   1105 O  O   . SER A 1 164 ? 7.234   -2.653  1.814   1.00 11.44 ? 438 SER A O   1 
ATOM   1106 C  CB  . SER A 1 164 ? 8.203   -3.863  -0.895  1.00 11.35 ? 438 SER A CB  1 
ATOM   1107 O  OG  . SER A 1 164 ? 7.460   -3.201  -1.863  1.00 11.98 ? 438 SER A OG  1 
ATOM   1108 N  N   . LEU A 1 165 ? 5.280   -3.164  0.779   1.00 10.32 ? 439 LEU A N   1 
ATOM   1109 C  CA  . LEU A 1 165 ? 4.468   -2.154  1.466   1.00 9.87  ? 439 LEU A CA  1 
ATOM   1110 C  C   . LEU A 1 165 ? 3.074   -2.703  1.635   1.00 11.10 ? 439 LEU A C   1 
ATOM   1111 O  O   . LEU A 1 165 ? 2.485   -3.196  0.653   1.00 11.50 ? 439 LEU A O   1 
ATOM   1112 C  CB  . LEU A 1 165 ? 4.442   -0.818  0.710   1.00 10.06 ? 439 LEU A CB  1 
ATOM   1113 C  CG  . LEU A 1 165 ? 3.541   0.300   1.231   1.00 11.16 ? 439 LEU A CG  1 
ATOM   1114 C  CD1 . LEU A 1 165 ? 4.045   0.739   2.618   1.00 11.69 ? 439 LEU A CD1 1 
ATOM   1115 C  CD2 . LEU A 1 165 ? 3.497   1.475   0.278   1.00 12.71 ? 439 LEU A CD2 1 
ATOM   1116 N  N   . ILE A 1 166 ? 2.546   -2.638  2.856   1.00 10.68 ? 440 ILE A N   1 
ATOM   1117 C  CA  . ILE A 1 166 ? 1.166   -2.977  3.151   1.00 10.23 ? 440 ILE A CA  1 
ATOM   1118 C  C   . ILE A 1 166 ? 0.506   -1.714  3.673   1.00 10.74 ? 440 ILE A C   1 
ATOM   1119 O  O   . ILE A 1 166 ? 0.986   -1.109  4.618   1.00 11.78 ? 440 ILE A O   1 
ATOM   1120 C  CB  . ILE A 1 166 ? 1.002   -4.114  4.170   1.00 11.30 ? 440 ILE A CB  1 
ATOM   1121 C  CG1 . ILE A 1 166 ? 1.621   -5.393  3.668   1.00 15.14 ? 440 ILE A CG1 1 
ATOM   1122 C  CG2 . ILE A 1 166 ? -0.487  -4.309  4.517   1.00 14.16 ? 440 ILE A CG2 1 
ATOM   1123 C  CD1 . ILE A 1 166 ? 1.502   -6.617  4.662   1.00 20.36 ? 440 ILE A CD1 1 
ATOM   1124 N  N   . ILE A 1 167 ? -0.559  -1.282  2.998   1.00 10.12 ? 441 ILE A N   1 
ATOM   1125 C  CA  . ILE A 1 167 ? -1.374  -0.111  3.391   1.00 10.57 ? 441 ILE A CA  1 
ATOM   1126 C  C   . ILE A 1 167 ? -2.665  -0.649  3.973   1.00 12.09 ? 441 ILE A C   1 
ATOM   1127 O  O   . ILE A 1 167 ? -3.423  -1.368  3.314   1.00 11.93 ? 441 ILE A O   1 
ATOM   1128 C  CB  . ILE A 1 167 ? -1.644  0.779   2.199   1.00 10.40 ? 441 ILE A CB  1 
ATOM   1129 C  CG1 . ILE A 1 167 ? -0.325  1.236   1.558   1.00 11.96 ? 441 ILE A CG1 1 
ATOM   1130 C  CG2 . ILE A 1 167 ? -2.472  1.993   2.645   1.00 12.21 ? 441 ILE A CG2 1 
ATOM   1131 C  CD1 . ILE A 1 167 ? -0.468  2.181   0.353   1.00 13.22 ? 441 ILE A CD1 1 
ATOM   1132 N  N   . ILE A 1 168 ? -2.940  -0.286  5.239   1.00 13.36 ? 442 ILE A N   1 
ATOM   1133 C  CA  . ILE A 1 168 ? -4.105  -0.775  5.968   1.00 15.42 ? 442 ILE A CA  1 
ATOM   1134 C  C   . ILE A 1 168 ? -5.057  0.375   6.176   1.00 17.65 ? 442 ILE A C   1 
ATOM   1135 O  O   . ILE A 1 168 ? -4.736  1.335   6.891   1.00 17.17 ? 442 ILE A O   1 
ATOM   1136 C  CB  . ILE A 1 168 ? -3.686  -1.435  7.336   1.00 16.18 ? 442 ILE A CB  1 
ATOM   1137 C  CG1 . ILE A 1 168 ? -2.708  -2.594  7.109   1.00 20.29 ? 442 ILE A CG1 1 
ATOM   1138 C  CG2 . ILE A 1 168 ? -4.975  -1.836  8.109   1.00 20.33 ? 442 ILE A CG2 1 
ATOM   1139 C  CD1 . ILE A 1 168 ? -2.044  -3.132  8.402   1.00 25.52 ? 442 ILE A CD1 1 
ATOM   1140 N  N   . ASP A 1 169 ? -6.219  0.268   5.556   1.00 18.99 ? 443 ASP A N   1 
ATOM   1141 C  CA  . ASP A 1 169 ? -7.275  1.234   5.755   1.00 23.17 ? 443 ASP A CA  1 
ATOM   1142 C  C   . ASP A 1 169 ? -7.959  1.013   7.097   1.00 24.72 ? 443 ASP A C   1 
ATOM   1143 O  O   . ASP A 1 169 ? -8.046  -0.123  7.593   1.00 25.85 ? 443 ASP A O   1 
ATOM   1144 C  CB  . ASP A 1 169 ? -8.279  1.128   4.623   1.00 23.88 ? 443 ASP A CB  1 
ATOM   1145 C  CG  . ASP A 1 169 ? -9.182  2.306   4.582   1.00 26.21 ? 443 ASP A CG  1 
ATOM   1146 O  OD1 . ASP A 1 169 ? -8.706  3.392   5.038   1.00 28.61 ? 443 ASP A OD1 1 
ATOM   1147 O  OD2 . ASP A 1 169 ? -10.329 2.141   4.100   1.00 26.31 ? 443 ASP A OD2 1 
ATOM   1148 N  N   . GLU A 1 170 ? -8.400  2.116   7.693   1.00 26.49 ? 444 GLU A N   1 
ATOM   1149 C  CA  . GLU A 1 170 ? -8.993  2.166   9.009   1.00 28.87 ? 444 GLU A CA  1 
ATOM   1150 C  C   . GLU A 1 170 ? -8.278  1.317   10.020  1.00 28.81 ? 444 GLU A C   1 
ATOM   1151 O  O   . GLU A 1 170 ? -8.831  0.382   10.608  1.00 30.50 ? 444 GLU A O   1 
ATOM   1152 C  CB  . GLU A 1 170 ? -10.512 1.941   8.953   1.00 29.15 ? 444 GLU A CB  1 
ATOM   1153 C  CG  . GLU A 1 170 ? -11.209 3.112   8.288   1.00 31.95 ? 444 GLU A CG  1 
ATOM   1154 C  CD  . GLU A 1 170 ? -10.844 4.480   8.911   1.00 34.59 ? 444 GLU A CD  1 
ATOM   1155 O  OE1 . GLU A 1 170 ? -11.090 5.513   8.249   1.00 37.30 ? 444 GLU A OE1 1 
ATOM   1156 O  OE2 . GLU A 1 170 ? -10.314 4.522   10.049  1.00 37.17 ? 444 GLU A OE2 1 
ATOM   1157 N  N   . CYS A 1 171 ? -7.038  1.720   10.249  1.00 28.69 ? 445 CYS A N   1 
ATOM   1158 C  CA  A CYS A 1 171 ? -6.120  1.023   11.120  0.50 28.75 ? 445 CYS A CA  1 
ATOM   1159 C  CA  B CYS A 1 171 ? -6.137  0.995   11.133  0.50 28.85 ? 445 CYS A CA  1 
ATOM   1160 C  C   . CYS A 1 171 ? -6.340  1.442   12.574  1.00 29.24 ? 445 CYS A C   1 
ATOM   1161 O  O   . CYS A 1 171 ? -7.394  1.213   13.132  1.00 30.09 ? 445 CYS A O   1 
ATOM   1162 C  CB  A CYS A 1 171 ? -4.686  1.331   10.677  0.50 28.53 ? 445 CYS A CB  1 
ATOM   1163 C  CB  B CYS A 1 171 ? -4.699  1.276   10.747  0.50 28.64 ? 445 CYS A CB  1 
ATOM   1164 S  SG  A CYS A 1 171 ? -3.414  0.389   11.499  0.50 27.68 ? 445 CYS A SG  1 
ATOM   1165 S  SG  B CYS A 1 171 ? -4.258  2.895   11.329  0.50 28.26 ? 445 CYS A SG  1 
ATOM   1166 N  N   . VAL A 1 179 ? -9.730  -9.811  9.636   1.00 35.85 ? 453 VAL A N   1 
ATOM   1167 C  CA  . VAL A 1 179 ? -9.403  -8.434  10.051  1.00 35.72 ? 453 VAL A CA  1 
ATOM   1168 C  C   . VAL A 1 179 ? -8.040  -8.380  10.771  1.00 34.64 ? 453 VAL A C   1 
ATOM   1169 O  O   . VAL A 1 179 ? -7.310  -9.395  10.856  1.00 36.73 ? 453 VAL A O   1 
ATOM   1170 C  CB  . VAL A 1 179 ? -10.626 -7.756  10.831  1.00 35.72 ? 453 VAL A CB  1 
ATOM   1171 C  CG1 . VAL A 1 179 ? -11.347 -8.770  11.744  1.00 37.61 ? 453 VAL A CG1 1 
ATOM   1172 C  CG2 . VAL A 1 179 ? -10.229 -6.508  11.637  1.00 35.20 ? 453 VAL A CG2 1 
ATOM   1173 N  N   . TYR A 1 180 ? -7.653  -7.199  11.244  1.00 33.32 ? 454 TYR A N   1 
ATOM   1174 C  CA  . TYR A 1 180 ? -6.224  -6.896  11.342  1.00 31.39 ? 454 TYR A CA  1 
ATOM   1175 C  C   . TYR A 1 180 ? -5.447  -7.512  12.491  1.00 29.60 ? 454 TYR A C   1 
ATOM   1176 O  O   . TYR A 1 180 ? -4.228  -7.625  12.374  1.00 28.18 ? 454 TYR A O   1 
ATOM   1177 C  CB  . TYR A 1 180 ? -5.981  -5.377  11.291  1.00 32.23 ? 454 TYR A CB  1 
ATOM   1178 C  CG  . TYR A 1 180 ? -6.583  -4.752  10.063  1.00 32.50 ? 454 TYR A CG  1 
ATOM   1179 C  CD1 . TYR A 1 180 ? -6.304  -5.265  8.800   1.00 33.89 ? 454 TYR A CD1 1 
ATOM   1180 C  CD2 . TYR A 1 180 ? -7.438  -3.662  10.155  1.00 32.93 ? 454 TYR A CD2 1 
ATOM   1181 C  CE1 . TYR A 1 180 ? -6.861  -4.715  7.661   1.00 34.40 ? 454 TYR A CE1 1 
ATOM   1182 C  CE2 . TYR A 1 180 ? -8.007  -3.103  9.017   1.00 32.88 ? 454 TYR A CE2 1 
ATOM   1183 C  CZ  . TYR A 1 180 ? -7.714  -3.638  7.766   1.00 34.32 ? 454 TYR A CZ  1 
ATOM   1184 O  OH  . TYR A 1 180 ? -8.258  -3.082  6.627   1.00 34.11 ? 454 TYR A OH  1 
ATOM   1185 N  N   . ASN A 1 181 ? -6.108  -7.925  13.572  1.00 27.32 ? 455 ASN A N   1 
ATOM   1186 C  CA  . ASN A 1 181 ? -5.386  -8.536  14.698  1.00 26.35 ? 455 ASN A CA  1 
ATOM   1187 C  C   . ASN A 1 181 ? -4.497  -9.691  14.271  1.00 25.31 ? 455 ASN A C   1 
ATOM   1188 O  O   . ASN A 1 181 ? -3.327  -9.772  14.683  1.00 23.66 ? 455 ASN A O   1 
ATOM   1189 C  CB  . ASN A 1 181 ? -6.341  -9.027  15.798  1.00 26.43 ? 455 ASN A CB  1 
ATOM   1190 C  CG  . ASN A 1 181 ? -6.783  -7.920  16.722  1.00 27.72 ? 455 ASN A CG  1 
ATOM   1191 O  OD1 . ASN A 1 181 ? -7.563  -8.139  17.648  1.00 31.20 ? 455 ASN A OD1 1 
ATOM   1192 N  ND2 . ASN A 1 181 ? -6.299  -6.723  16.473  1.00 28.90 ? 455 ASN A ND2 1 
ATOM   1193 N  N   . ASN A 1 182 ? -5.036  -10.602 13.469  1.00 23.76 ? 456 ASN A N   1 
ATOM   1194 C  CA  . ASN A 1 182 ? -4.248  -11.750 13.043  1.00 24.32 ? 456 ASN A CA  1 
ATOM   1195 C  C   . ASN A 1 182 ? -3.077  -11.366 12.136  1.00 23.56 ? 456 ASN A C   1 
ATOM   1196 O  O   . ASN A 1 182 ? -1.977  -11.902 12.288  1.00 23.90 ? 456 ASN A O   1 
ATOM   1197 C  CB  . ASN A 1 182 ? -5.124  -12.787 12.344  1.00 24.30 ? 456 ASN A CB  1 
ATOM   1198 C  CG  . ASN A 1 182 ? -5.912  -13.625 13.313  1.00 26.82 ? 456 ASN A CG  1 
ATOM   1199 O  OD1 . ASN A 1 182 ? -7.121  -13.783 13.159  1.00 31.11 ? 456 ASN A OD1 1 
ATOM   1200 N  ND2 . ASN A 1 182 ? -5.228  -14.188 14.314  1.00 29.33 ? 456 ASN A ND2 1 
ATOM   1201 N  N   . ILE A 1 183 ? -3.308  -10.449 11.197  1.00 22.54 ? 457 ILE A N   1 
ATOM   1202 C  CA  . ILE A 1 183 ? -2.247  -10.001 10.281  1.00 22.03 ? 457 ILE A CA  1 
ATOM   1203 C  C   . ILE A 1 183 ? -1.109  -9.323  11.067  1.00 21.23 ? 457 ILE A C   1 
ATOM   1204 O  O   . ILE A 1 183 ? 0.082   -9.542  10.791  1.00 20.16 ? 457 ILE A O   1 
ATOM   1205 C  CB  . ILE A 1 183 ? -2.804  -9.046  9.168   1.00 22.32 ? 457 ILE A CB  1 
ATOM   1206 C  CG1 . ILE A 1 183 ? -3.726  -9.819  8.211   1.00 22.66 ? 457 ILE A CG1 1 
ATOM   1207 C  CG2 . ILE A 1 183 ? -1.674  -8.412  8.380   1.00 22.68 ? 457 ILE A CG2 1 
ATOM   1208 C  CD1 . ILE A 1 183 ? -4.782  -8.946  7.499   1.00 24.76 ? 457 ILE A CD1 1 
ATOM   1209 N  N   . MET A 1 184 ? -1.486  -8.529  12.059  1.00 21.90 ? 458 MET A N   1 
ATOM   1210 C  CA  . MET A 1 184 ? -0.515  -7.811  12.881  1.00 21.65 ? 458 MET A CA  1 
ATOM   1211 C  C   . MET A 1 184 ? 0.266   -8.751  13.777  1.00 21.51 ? 458 MET A C   1 
ATOM   1212 O  O   . MET A 1 184 ? 1.474   -8.585  13.929  1.00 20.29 ? 458 MET A O   1 
ATOM   1213 C  CB  . MET A 1 184 ? -1.214  -6.748  13.726  1.00 22.92 ? 458 MET A CB  1 
ATOM   1214 C  CG  . MET A 1 184 ? -1.632  -5.570  12.892  1.00 25.43 ? 458 MET A CG  1 
ATOM   1215 S  SD  . MET A 1 184 ? -2.364  -4.210  13.806  1.00 34.89 ? 458 MET A SD  1 
ATOM   1216 C  CE  . MET A 1 184 ? -2.652  -3.071  12.451  1.00 33.30 ? 458 MET A CE  1 
ATOM   1217 N  N   . ARG A 1 185 ? -0.411  -9.727  14.387  1.00 20.94 ? 459 ARG A N   1 
ATOM   1218 C  CA  . ARG A 1 185 ? 0.293   -10.763 15.157  1.00 21.21 ? 459 ARG A CA  1 
ATOM   1219 C  C   . ARG A 1 185 ? 1.298   -11.491 14.259  1.00 20.90 ? 459 ARG A C   1 
ATOM   1220 O  O   . ARG A 1 185 ? 2.457   -11.701 14.639  1.00 19.38 ? 459 ARG A O   1 
ATOM   1221 C  CB  . ARG A 1 185 ? -0.686  -11.778 15.764  1.00 22.20 ? 459 ARG A CB  1 
ATOM   1222 C  CG  . ARG A 1 185 ? 0.024   -13.014 16.340  1.00 24.30 ? 459 ARG A CG  1 
ATOM   1223 C  CD  . ARG A 1 185 ? -0.944  -14.100 16.771  1.00 30.70 ? 459 ARG A CD  1 
ATOM   1224 N  NE  . ARG A 1 185 ? -1.803  -14.543 15.671  1.00 34.95 ? 459 ARG A NE  1 
ATOM   1225 C  CZ  . ARG A 1 185 ? -1.409  -15.321 14.660  1.00 38.60 ? 459 ARG A CZ  1 
ATOM   1226 N  NH1 . ARG A 1 185 ? -0.156  -15.765 14.581  1.00 40.37 ? 459 ARG A NH1 1 
ATOM   1227 N  NH2 . ARG A 1 185 ? -2.281  -15.659 13.711  1.00 39.53 ? 459 ARG A NH2 1 
ATOM   1228 N  N   . HIS A 1 186 ? 0.861   -11.855 13.050  1.00 20.41 ? 460 HIS A N   1 
ATOM   1229 C  CA  . HIS A 1 186 ? 1.695   -12.565 12.108  1.00 20.33 ? 460 HIS A CA  1 
ATOM   1230 C  C   . HIS A 1 186 ? 2.969   -11.774 11.763  1.00 18.88 ? 460 HIS A C   1 
ATOM   1231 O  O   . HIS A 1 186 ? 4.061   -12.312 11.774  1.00 19.14 ? 460 HIS A O   1 
ATOM   1232 C  CB  . HIS A 1 186 ? 0.894   -12.879 10.853  1.00 21.08 ? 460 HIS A CB  1 
ATOM   1233 C  CG  . HIS A 1 186 ? 1.611   -13.751 9.875   1.00 23.54 ? 460 HIS A CG  1 
ATOM   1234 N  ND1 . HIS A 1 186 ? 1.560   -15.130 9.926   1.00 30.16 ? 460 HIS A ND1 1 
ATOM   1235 C  CD2 . HIS A 1 186 ? 2.378   -13.443 8.807   1.00 27.98 ? 460 HIS A CD2 1 
ATOM   1236 C  CE1 . HIS A 1 186 ? 2.290   -15.629 8.942   1.00 30.31 ? 460 HIS A CE1 1 
ATOM   1237 N  NE2 . HIS A 1 186 ? 2.792   -14.625 8.246   1.00 29.15 ? 460 HIS A NE2 1 
ATOM   1238 N  N   . TYR A 1 187 ? 2.786   -10.496 11.448  1.00 17.07 ? 461 TYR A N   1 
ATOM   1239 C  CA  . TYR A 1 187 ? 3.901   -9.573  11.282  1.00 15.37 ? 461 TYR A CA  1 
ATOM   1240 C  C   . TYR A 1 187 ? 4.837   -9.625  12.482  1.00 14.45 ? 461 TYR A C   1 
ATOM   1241 O  O   . TYR A 1 187 ? 6.023   -9.920  12.340  1.00 14.70 ? 461 TYR A O   1 
ATOM   1242 C  CB  . TYR A 1 187 ? 3.388   -8.146  11.075  1.00 15.54 ? 461 TYR A CB  1 
ATOM   1243 C  CG  . TYR A 1 187 ? 4.459   -7.166  10.652  1.00 15.41 ? 461 TYR A CG  1 
ATOM   1244 C  CD1 . TYR A 1 187 ? 4.794   -7.009  9.313   1.00 18.80 ? 461 TYR A CD1 1 
ATOM   1245 C  CD2 . TYR A 1 187 ? 5.135   -6.397  11.590  1.00 19.88 ? 461 TYR A CD2 1 
ATOM   1246 C  CE1 . TYR A 1 187 ? 5.772   -6.114  8.922   1.00 20.84 ? 461 TYR A CE1 1 
ATOM   1247 C  CE2 . TYR A 1 187 ? 6.113   -5.500  11.208  1.00 21.11 ? 461 TYR A CE2 1 
ATOM   1248 C  CZ  . TYR A 1 187 ? 6.429   -5.362  9.872   1.00 23.69 ? 461 TYR A CZ  1 
ATOM   1249 O  OH  . TYR A 1 187 ? 7.403   -4.470  9.488   1.00 25.06 ? 461 TYR A OH  1 
ATOM   1250 N  N   . LEU A 1 188 ? 4.300   -9.337  13.663  1.00 15.14 ? 462 LEU A N   1 
ATOM   1251 C  CA  . LEU A 1 188 ? 5.127   -9.280  14.869  1.00 15.49 ? 462 LEU A CA  1 
ATOM   1252 C  C   . LEU A 1 188 ? 5.855   -10.588 15.100  1.00 15.77 ? 462 LEU A C   1 
ATOM   1253 O  O   . LEU A 1 188 ? 7.032   -10.591 15.473  1.00 15.25 ? 462 LEU A O   1 
ATOM   1254 C  CB  . LEU A 1 188 ? 4.320   -8.835  16.102  1.00 16.70 ? 462 LEU A CB  1 
ATOM   1255 C  CG  . LEU A 1 188 ? 5.123   -8.541  17.398  1.00 18.93 ? 462 LEU A CG  1 
ATOM   1256 C  CD1 . LEU A 1 188 ? 6.231   -7.521  17.157  1.00 22.64 ? 462 LEU A CD1 1 
ATOM   1257 C  CD2 . LEU A 1 188 ? 4.187   -8.011  18.516  1.00 20.68 ? 462 LEU A CD2 1 
ATOM   1258 N  N   . MET A 1 189 ? 5.208   -11.713 14.862  1.00 14.69 ? 463 MET A N   1 
ATOM   1259 C  CA  . MET A 1 189 ? 5.880   -12.997 15.051  1.00 16.49 ? 463 MET A CA  1 
ATOM   1260 C  C   . MET A 1 189 ? 7.027   -13.188 14.066  1.00 16.90 ? 463 MET A C   1 
ATOM   1261 O  O   . MET A 1 189 ? 8.073   -13.744 14.439  1.00 16.02 ? 463 MET A O   1 
ATOM   1262 C  CB  . MET A 1 189 ? 4.872   -14.146 14.967  1.00 17.44 ? 463 MET A CB  1 
ATOM   1263 C  CG  . MET A 1 189 ? 3.848   -14.149 16.089  1.00 19.66 ? 463 MET A CG  1 
ATOM   1264 S  SD  . MET A 1 189 ? 4.614   -14.435 17.707  1.00 24.25 ? 463 MET A SD  1 
ATOM   1265 C  CE  . MET A 1 189 ? 4.724   -12.755 18.324  1.00 28.13 ? 463 MET A CE  1 
ATOM   1266 N  N   . GLN A 1 190 ? 6.867   -12.709 12.830  1.00 16.63 ? 464 GLN A N   1 
ATOM   1267 C  CA  . GLN A 1 190 ? 7.978   -12.795 11.878  1.00 16.91 ? 464 GLN A CA  1 
ATOM   1268 C  C   . GLN A 1 190 ? 9.131   -11.876 12.287  1.00 14.78 ? 464 GLN A C   1 
ATOM   1269 O  O   . GLN A 1 190 ? 10.306  -12.234 12.073  1.00 14.55 ? 464 GLN A O   1 
ATOM   1270 C  CB  . GLN A 1 190 ? 7.584   -12.527 10.434  1.00 18.54 ? 464 GLN A CB  1 
ATOM   1271 C  CG  . GLN A 1 190 ? 8.776   -12.831 9.480   1.00 21.99 ? 464 GLN A CG  1 
ATOM   1272 C  CD  . GLN A 1 190 ? 9.273   -14.296 9.487   1.00 27.97 ? 464 GLN A CD  1 
ATOM   1273 O  OE1 . GLN A 1 190 ? 8.486   -15.224 9.246   1.00 32.40 ? 464 GLN A OE1 1 
ATOM   1274 N  NE2 . GLN A 1 190 ? 10.590  -14.505 9.745   1.00 25.44 ? 464 GLN A NE2 1 
ATOM   1275 N  N   . LYS A 1 191 ? 8.837   -10.735 12.880  1.00 13.39 ? 465 LYS A N   1 
ATOM   1276 C  CA  . LYS A 1 191 ? 9.877   -9.871  13.422  1.00 14.33 ? 465 LYS A CA  1 
ATOM   1277 C  C   . LYS A 1 191 ? 10.683  -10.631 14.493  1.00 13.50 ? 465 LYS A C   1 
ATOM   1278 O  O   . LYS A 1 191 ? 11.897  -10.618 14.535  1.00 13.48 ? 465 LYS A O   1 
ATOM   1279 C  CB  . LYS A 1 191 ? 9.305   -8.561  13.978  1.00 15.26 ? 465 LYS A CB  1 
ATOM   1280 C  CG  . LYS A 1 191 ? 8.828   -7.589  12.914  1.00 19.89 ? 465 LYS A CG  1 
ATOM   1281 C  CD  . LYS A 1 191 ? 9.992   -6.876  12.266  1.00 25.36 ? 465 LYS A CD  1 
ATOM   1282 C  CE  . LYS A 1 191 ? 9.565   -5.843  11.220  1.00 30.64 ? 465 LYS A CE  1 
ATOM   1283 N  NZ  . LYS A 1 191 ? 10.651  -5.688  10.177  1.00 35.17 ? 465 LYS A NZ  1 
ATOM   1284 N  N   . LEU A 1 192 ? 9.991   -11.296 15.404  1.00 12.61 ? 466 LEU A N   1 
ATOM   1285 C  CA  A LEU A 1 192 ? 10.613  -12.092 16.454  0.50 12.60 ? 466 LEU A CA  1 
ATOM   1286 C  CA  B LEU A 1 192 ? 10.670  -12.033 16.444  0.50 12.15 ? 466 LEU A CA  1 
ATOM   1287 C  C   . LEU A 1 192 ? 11.462  -13.207 15.854  1.00 12.37 ? 466 LEU A C   1 
ATOM   1288 O  O   . LEU A 1 192 ? 12.566  -13.477 16.306  1.00 11.99 ? 466 LEU A O   1 
ATOM   1289 C  CB  A LEU A 1 192 ? 9.540   -12.717 17.361  0.50 12.62 ? 466 LEU A CB  1 
ATOM   1290 C  CB  B LEU A 1 192 ? 9.689   -12.480 17.528  0.50 11.58 ? 466 LEU A CB  1 
ATOM   1291 C  CG  A LEU A 1 192 ? 8.685   -11.755 18.174  0.50 13.63 ? 466 LEU A CG  1 
ATOM   1292 C  CG  B LEU A 1 192 ? 9.486   -11.482 18.674  0.50 11.49 ? 466 LEU A CG  1 
ATOM   1293 C  CD1 A LEU A 1 192 ? 7.576   -12.431 18.960  0.50 13.47 ? 466 LEU A CD1 1 
ATOM   1294 C  CD1 B LEU A 1 192 ? 8.860   -10.161 18.217  0.50 10.73 ? 466 LEU A CD1 1 
ATOM   1295 C  CD2 A LEU A 1 192 ? 9.575   -11.031 19.127  0.50 15.19 ? 466 LEU A CD2 1 
ATOM   1296 C  CD2 B LEU A 1 192 ? 8.619   -12.125 19.742  0.50 9.53  ? 466 LEU A CD2 1 
ATOM   1297 N  N   . LYS A 1 193 ? 10.903  -13.875 14.854  1.00 12.47 ? 467 LYS A N   1 
ATOM   1298 C  CA  . LYS A 1 193 ? 11.642  -14.950 14.170  1.00 14.45 ? 467 LYS A CA  1 
ATOM   1299 C  C   . LYS A 1 193 ? 12.892  -14.411 13.515  1.00 13.79 ? 467 LYS A C   1 
ATOM   1300 O  O   . LYS A 1 193 ? 13.947  -15.046 13.575  1.00 13.50 ? 467 LYS A O   1 
ATOM   1301 C  CB  . LYS A 1 193 ? 10.739  -15.649 13.170  1.00 15.92 ? 467 LYS A CB  1 
ATOM   1302 C  CG  . LYS A 1 193 ? 9.711   -16.507 13.876  1.00 21.56 ? 467 LYS A CG  1 
ATOM   1303 C  CD  . LYS A 1 193 ? 8.779   -17.248 12.914  1.00 27.54 ? 467 LYS A CD  1 
ATOM   1304 C  CE  . LYS A 1 193 ? 7.782   -18.117 13.682  1.00 31.48 ? 467 LYS A CE  1 
ATOM   1305 N  NZ  . LYS A 1 193 ? 6.894   -18.875 12.759  1.00 34.59 ? 467 LYS A NZ  1 
ATOM   1306 N  N   . ASN A 1 194 ? 12.816  -13.226 12.941  1.00 12.66 ? 468 ASN A N   1 
ATOM   1307 C  CA  . ASN A 1 194 ? 13.979  -12.600 12.346  1.00 12.87 ? 468 ASN A CA  1 
ATOM   1308 C  C   . ASN A 1 194 ? 15.044  -12.289 13.360  1.00 12.09 ? 468 ASN A C   1 
ATOM   1309 O  O   . ASN A 1 194 ? 16.221  -12.382 13.050  1.00 12.67 ? 468 ASN A O   1 
ATOM   1310 C  CB  . ASN A 1 194 ? 13.604  -11.319 11.605  1.00 13.77 ? 468 ASN A CB  1 
ATOM   1311 C  CG  . ASN A 1 194 ? 13.031  -11.597 10.225  1.00 14.85 ? 468 ASN A CG  1 
ATOM   1312 O  OD1 . ASN A 1 194 ? 13.084  -12.737 9.705   1.00 15.09 ? 468 ASN A OD1 1 
ATOM   1313 N  ND2 . ASN A 1 194 ? 12.507  -10.536 9.593   1.00 15.49 ? 468 ASN A ND2 1 
ATOM   1314 N  N   . ASN A 1 195 ? 14.662  -11.930 14.583  1.00 12.59 ? 469 ASN A N   1 
ATOM   1315 C  CA  . ASN A 1 195 ? 15.675  -11.727 15.582  1.00 12.30 ? 469 ASN A CA  1 
ATOM   1316 C  C   . ASN A 1 195 ? 16.468  -13.019 15.854  1.00 12.22 ? 469 ASN A C   1 
ATOM   1317 O  O   . ASN A 1 195 ? 17.675  -12.989 16.115  1.00 13.95 ? 469 ASN A O   1 
ATOM   1318 C  CB  . ASN A 1 195 ? 15.058  -11.157 16.873  1.00 11.88 ? 469 ASN A CB  1 
ATOM   1319 C  CG  . ASN A 1 195 ? 14.579  -9.732  16.726  1.00 14.48 ? 469 ASN A CG  1 
ATOM   1320 O  OD1 . ASN A 1 195 ? 14.906  -9.035  15.737  1.00 17.68 ? 469 ASN A OD1 1 
ATOM   1321 N  ND2 . ASN A 1 195 ? 13.757  -9.285  17.669  1.00 14.13 ? 469 ASN A ND2 1 
ATOM   1322 N  N   . ARG A 1 196 ? 15.780  -14.150 15.821  1.00 11.86 ? 470 ARG A N   1 
ATOM   1323 C  CA  . ARG A 1 196 ? 16.425  -15.451 16.015  1.00 11.98 ? 470 ARG A CA  1 
ATOM   1324 C  C   . ARG A 1 196 ? 17.319  -15.762 14.825  1.00 12.44 ? 470 ARG A C   1 
ATOM   1325 O  O   . ARG A 1 196 ? 18.446  -16.226 15.015  1.00 12.37 ? 470 ARG A O   1 
ATOM   1326 C  CB  . ARG A 1 196 ? 15.375  -16.545 16.243  1.00 12.80 ? 470 ARG A CB  1 
ATOM   1327 C  CG  . ARG A 1 196 ? 15.911  -17.936 16.348  1.00 15.57 ? 470 ARG A CG  1 
ATOM   1328 C  CD  . ARG A 1 196 ? 16.614  -18.199 17.579  1.00 16.49 ? 470 ARG A CD  1 
ATOM   1329 N  NE  . ARG A 1 196 ? 15.775  -18.188 18.787  1.00 14.11 ? 470 ARG A NE  1 
ATOM   1330 C  CZ  . ARG A 1 196 ? 16.292  -18.271 20.000  1.00 12.90 ? 470 ARG A CZ  1 
ATOM   1331 N  NH1 . ARG A 1 196 ? 17.596  -18.378 20.147  1.00 14.87 ? 470 ARG A NH1 1 
ATOM   1332 N  NH2 . ARG A 1 196 ? 15.503  -18.220 21.054  1.00 13.53 ? 470 ARG A NH2 1 
ATOM   1333 N  N   . LEU A 1 197 ? 16.821  -15.521 13.622  1.00 12.25 ? 471 LEU A N   1 
ATOM   1334 C  CA  . LEU A 1 197 ? 17.627  -15.781 12.439  1.00 12.05 ? 471 LEU A CA  1 
ATOM   1335 C  C   . LEU A 1 197 ? 18.919  -14.951 12.484  1.00 12.19 ? 471 LEU A C   1 
ATOM   1336 O  O   . LEU A 1 197 ? 19.993  -15.445 12.141  1.00 12.16 ? 471 LEU A O   1 
ATOM   1337 C  CB  . LEU A 1 197 ? 16.825  -15.522 11.165  1.00 11.80 ? 471 LEU A CB  1 
ATOM   1338 C  CG  . LEU A 1 197 ? 15.702  -16.515 10.882  1.00 11.58 ? 471 LEU A CG  1 
ATOM   1339 C  CD1 . LEU A 1 197 ? 14.808  -15.950 9.776   1.00 13.18 ? 471 LEU A CD1 1 
ATOM   1340 C  CD2 . LEU A 1 197 ? 16.216  -17.892 10.489  1.00 13.44 ? 471 LEU A CD2 1 
ATOM   1341 N  N   . LYS A 1 198 ? 18.829  -13.693 12.915  1.00 12.66 ? 472 LYS A N   1 
ATOM   1342 C  CA  . LYS A 1 198 ? 20.018  -12.849 12.994  1.00 14.92 ? 472 LYS A CA  1 
ATOM   1343 C  C   . LYS A 1 198 ? 21.008  -13.430 13.967  1.00 15.16 ? 472 LYS A C   1 
ATOM   1344 O  O   . LYS A 1 198 ? 22.218  -13.480 13.646  1.00 15.30 ? 472 LYS A O   1 
ATOM   1345 C  CB  . LYS A 1 198 ? 19.697  -11.411 13.416  1.00 17.28 ? 472 LYS A CB  1 
ATOM   1346 C  CG  . LYS A 1 198 ? 19.114  -10.603 12.407  1.00 22.61 ? 472 LYS A CG  1 
ATOM   1347 C  CD  . LYS A 1 198 ? 18.692  -9.240  12.996  1.00 29.24 ? 472 LYS A CD  1 
ATOM   1348 C  CE  . LYS A 1 198 ? 17.195  -8.982  12.828  1.00 32.35 ? 472 LYS A CE  1 
ATOM   1349 N  NZ  . LYS A 1 198 ? 16.646  -8.201  13.960  1.00 34.97 ? 472 LYS A NZ  1 
ATOM   1350 N  N   . LYS A 1 199 ? 20.533  -13.886 15.123  1.00 14.80 ? 473 LYS A N   1 
ATOM   1351 C  CA  . LYS A 1 199 ? 21.403  -14.512 16.132  1.00 15.76 ? 473 LYS A CA  1 
ATOM   1352 C  C   . LYS A 1 199 ? 22.110  -15.719 15.551  1.00 14.42 ? 473 LYS A C   1 
ATOM   1353 O  O   . LYS A 1 199 ? 23.297  -15.977 15.850  1.00 16.78 ? 473 LYS A O   1 
ATOM   1354 C  CB  . LYS A 1 199 ? 20.600  -14.951 17.354  1.00 17.21 ? 473 LYS A CB  1 
ATOM   1355 C  CG  . LYS A 1 199 ? 21.429  -15.632 18.427  1.00 22.44 ? 473 LYS A CG  1 
ATOM   1356 C  CD  . LYS A 1 199 ? 22.547  -14.684 18.901  1.00 27.99 ? 473 LYS A CD  1 
ATOM   1357 C  CE  . LYS A 1 199 ? 23.223  -15.146 20.173  1.00 32.24 ? 473 LYS A CE  1 
ATOM   1358 N  NZ  . LYS A 1 199 ? 24.137  -14.074 20.672  1.00 35.72 ? 473 LYS A NZ  1 
ATOM   1359 N  N   . GLU A 1 200 ? 21.383  -16.444 14.697  1.00 13.25 ? 474 GLU A N   1 
ATOM   1360 C  CA  . GLU A 1 200 ? 21.867  -17.679 14.078  1.00 12.63 ? 474 GLU A CA  1 
ATOM   1361 C  C   . GLU A 1 200 ? 22.725  -17.432 12.842  1.00 12.98 ? 474 GLU A C   1 
ATOM   1362 O  O   . GLU A 1 200 ? 23.114  -18.390 12.171  1.00 11.74 ? 474 GLU A O   1 
ATOM   1363 C  CB  . GLU A 1 200 ? 20.696  -18.613 13.721  1.00 12.68 ? 474 GLU A CB  1 
ATOM   1364 C  CG  . GLU A 1 200 ? 19.955  -19.108 14.984  1.00 14.30 ? 474 GLU A CG  1 
ATOM   1365 C  CD  . GLU A 1 200 ? 18.672  -19.869 14.688  1.00 17.08 ? 474 GLU A CD  1 
ATOM   1366 O  OE1 . GLU A 1 200 ? 18.225  -19.940 13.525  1.00 20.30 ? 474 GLU A OE1 1 
ATOM   1367 O  OE2 . GLU A 1 200 ? 18.130  -20.468 15.663  1.00 19.27 ? 474 GLU A OE2 1 
ATOM   1368 N  N   . ASN A 1 201 ? 22.963  -16.173 12.498  1.00 12.17 ? 475 ASN A N   1 
ATOM   1369 C  CA  . ASN A 1 201 ? 23.775  -15.825 11.336  1.00 12.40 ? 475 ASN A CA  1 
ATOM   1370 C  C   . ASN A 1 201 ? 23.163  -16.416 10.040  1.00 12.49 ? 475 ASN A C   1 
ATOM   1371 O  O   . ASN A 1 201 ? 23.859  -16.853 9.144   1.00 13.64 ? 475 ASN A O   1 
ATOM   1372 C  CB  . ASN A 1 201 ? 25.260  -16.249 11.524  1.00 12.93 ? 475 ASN A CB  1 
ATOM   1373 C  CG  . ASN A 1 201 ? 25.884  -15.677 12.817  1.00 18.05 ? 475 ASN A CG  1 
ATOM   1374 O  OD1 . ASN A 1 201 ? 26.118  -14.472 12.868  1.00 22.49 ? 475 ASN A OD1 1 
ATOM   1375 N  ND2 . ASN A 1 201 ? 26.015  -16.505 13.901  1.00 22.69 ? 475 ASN A ND2 1 
ATOM   1376 N  N   . LYS A 1 202 ? 21.826  -16.378 9.977   1.00 11.45 ? 476 LYS A N   1 
ATOM   1377 C  CA  . LYS A 1 202 ? 21.038  -16.778 8.814   1.00 11.55 ? 476 LYS A CA  1 
ATOM   1378 C  C   . LYS A 1 202 ? 20.351  -15.565 8.221   1.00 12.27 ? 476 LYS A C   1 
ATOM   1379 O  O   . LYS A 1 202 ? 20.053  -14.599 8.943   1.00 12.88 ? 476 LYS A O   1 
ATOM   1380 C  CB  . LYS A 1 202 ? 19.984  -17.816 9.189   1.00 11.85 ? 476 LYS A CB  1 
ATOM   1381 C  CG  . LYS A 1 202 ? 20.580  -19.133 9.642   1.00 11.81 ? 476 LYS A CG  1 
ATOM   1382 C  CD  . LYS A 1 202 ? 19.456  -20.062 10.106  1.00 14.80 ? 476 LYS A CD  1 
ATOM   1383 C  CE  . LYS A 1 202 ? 19.977  -21.384 10.556  1.00 15.82 ? 476 LYS A CE  1 
ATOM   1384 N  NZ  . LYS A 1 202 ? 18.854  -22.333 10.778  1.00 21.90 ? 476 LYS A NZ  1 
ATOM   1385 N  N   . PRO A 1 203 ? 20.043  -15.630 6.912   1.00 11.66 ? 477 PRO A N   1 
ATOM   1386 C  CA  . PRO A 1 203 ? 19.281  -14.500 6.336   1.00 13.30 ? 477 PRO A CA  1 
ATOM   1387 C  C   . PRO A 1 203 ? 17.934  -14.279 7.001   1.00 14.12 ? 477 PRO A C   1 
ATOM   1388 O  O   . PRO A 1 203 ? 17.226  -15.224 7.321   1.00 14.38 ? 477 PRO A O   1 
ATOM   1389 C  CB  . PRO A 1 203 ? 19.067  -14.913 4.891   1.00 13.38 ? 477 PRO A CB  1 
ATOM   1390 C  CG  . PRO A 1 203 ? 19.880  -16.026 4.627   1.00 14.58 ? 477 PRO A CG  1 
ATOM   1391 C  CD  . PRO A 1 203 ? 20.344  -16.664 5.907   1.00 12.56 ? 477 PRO A CD  1 
ATOM   1392 N  N   . VAL A 1 204 ? 17.591  -13.016 7.219   1.00 13.92 ? 478 VAL A N   1 
ATOM   1393 C  CA  . VAL A 1 204 ? 16.274  -12.678 7.727   1.00 14.62 ? 478 VAL A CA  1 
ATOM   1394 C  C   . VAL A 1 204 ? 15.264  -12.723 6.577   1.00 14.50 ? 478 VAL A C   1 
ATOM   1395 O  O   . VAL A 1 204 ? 15.642  -12.692 5.389   1.00 15.64 ? 478 VAL A O   1 
ATOM   1396 C  CB  . VAL A 1 204 ? 16.220  -11.310 8.399   1.00 15.30 ? 478 VAL A CB  1 
ATOM   1397 C  CG1 . VAL A 1 204 ? 17.132  -11.281 9.630   1.00 15.82 ? 478 VAL A CG1 1 
ATOM   1398 C  CG2 . VAL A 1 204 ? 16.554  -10.195 7.444   1.00 19.36 ? 478 VAL A CG2 1 
ATOM   1399 N  N   . ILE A 1 205 ? 13.992  -12.815 6.955   1.00 16.15 ? 479 ILE A N   1 
ATOM   1400 C  CA  . ILE A 1 205 ? 12.911  -12.809 5.960   1.00 16.21 ? 479 ILE A CA  1 
ATOM   1401 C  C   . ILE A 1 205 ? 12.455  -11.346 5.806   1.00 17.47 ? 479 ILE A C   1 
ATOM   1402 O  O   . ILE A 1 205 ? 12.099  -10.699 6.778   1.00 17.24 ? 479 ILE A O   1 
ATOM   1403 C  CB  . ILE A 1 205 ? 11.766  -13.675 6.411   1.00 17.76 ? 479 ILE A CB  1 
ATOM   1404 C  CG1 . ILE A 1 205 ? 12.206  -15.113 6.654   1.00 18.90 ? 479 ILE A CG1 1 
ATOM   1405 C  CG2 . ILE A 1 205 ? 10.594  -13.602 5.399   1.00 19.99 ? 479 ILE A CG2 1 
ATOM   1406 C  CD1 . ILE A 1 205 ? 13.018  -15.678 5.508   1.00 23.64 ? 479 ILE A CD1 1 
ATOM   1407 N  N   . PRO A 1 206 ? 12.456  -10.816 4.579   1.00 16.79 ? 480 PRO A N   1 
ATOM   1408 C  CA  . PRO A 1 206 ? 12.064  -9.435  4.337   1.00 16.81 ? 480 PRO A CA  1 
ATOM   1409 C  C   . PRO A 1 206 ? 10.616  -9.213  4.749   1.00 17.71 ? 480 PRO A C   1 
ATOM   1410 O  O   . PRO A 1 206 ? 9.747   -10.101 4.559   1.00 18.95 ? 480 PRO A O   1 
ATOM   1411 C  CB  . PRO A 1 206 ? 12.274  -9.273  2.823   1.00 17.47 ? 480 PRO A CB  1 
ATOM   1412 C  CG  . PRO A 1 206 ? 13.148  -10.315 2.443   1.00 18.34 ? 480 PRO A CG  1 
ATOM   1413 C  CD  . PRO A 1 206 ? 12.884  -11.464 3.332   1.00 17.11 ? 480 PRO A CD  1 
ATOM   1414 N  N   . LEU A 1 207 ? 10.359  -8.092  5.407   1.00 16.22 ? 481 LEU A N   1 
ATOM   1415 C  CA  . LEU A 1 207 ? 9.007   -7.777  5.824   1.00 16.51 ? 481 LEU A CA  1 
ATOM   1416 C  C   . LEU A 1 207 ? 8.609   -6.419  5.265   1.00 14.93 ? 481 LEU A C   1 
ATOM   1417 O  O   . LEU A 1 207 ? 9.429   -5.537  5.128   1.00 15.75 ? 481 LEU A O   1 
ATOM   1418 C  CB  . LEU A 1 207 ? 8.841   -7.792  7.343   1.00 17.77 ? 481 LEU A CB  1 
ATOM   1419 C  CG  . LEU A 1 207 ? 8.958   -9.183  7.961   1.00 20.47 ? 481 LEU A CG  1 
ATOM   1420 C  CD1 . LEU A 1 207 ? 8.912   -9.066  9.450   1.00 19.57 ? 481 LEU A CD1 1 
ATOM   1421 C  CD2 . LEU A 1 207 ? 7.836   -10.095 7.464   1.00 24.33 ? 481 LEU A CD2 1 
ATOM   1422 N  N   . PRO A 1 208 ? 7.346   -6.280  4.935   1.00 13.85 ? 482 PRO A N   1 
ATOM   1423 C  CA  . PRO A 1 208 ? 6.881   -5.013  4.395   1.00 13.12 ? 482 PRO A CA  1 
ATOM   1424 C  C   . PRO A 1 208 ? 6.935   -3.853  5.350   1.00 12.62 ? 482 PRO A C   1 
ATOM   1425 O  O   . PRO A 1 208 ? 6.802   -4.023  6.576   1.00 12.77 ? 482 PRO A O   1 
ATOM   1426 C  CB  . PRO A 1 208 ? 5.424   -5.304  4.046   1.00 13.59 ? 482 PRO A CB  1 
ATOM   1427 C  CG  . PRO A 1 208 ? 5.038   -6.435  4.869   1.00 15.10 ? 482 PRO A CG  1 
ATOM   1428 C  CD  . PRO A 1 208 ? 6.243   -7.255  5.036   1.00 14.39 ? 482 PRO A CD  1 
ATOM   1429 N  N   . GLN A 1 209 ? 7.108   -2.678  4.773   1.00 10.87 ? 483 GLN A N   1 
ATOM   1430 C  CA  . GLN A 1 209 ? 6.723   -1.431  5.429   1.00 10.71 ? 483 GLN A CA  1 
ATOM   1431 C  C   . GLN A 1 209 ? 5.238   -1.457  5.677   1.00 12.18 ? 483 GLN A C   1 
ATOM   1432 O  O   . GLN A 1 209 ? 4.475   -1.942  4.847   1.00 12.25 ? 483 GLN A O   1 
ATOM   1433 C  CB  . GLN A 1 209 ? 7.119   -0.255  4.552   1.00 11.59 ? 483 GLN A CB  1 
ATOM   1434 C  CG  . GLN A 1 209 ? 6.763   1.077   5.134   1.00 12.57 ? 483 GLN A CG  1 
ATOM   1435 C  CD  . GLN A 1 209 ? 7.144   2.228   4.215   1.00 14.36 ? 483 GLN A CD  1 
ATOM   1436 O  OE1 . GLN A 1 209 ? 8.025   2.094   3.354   1.00 16.59 ? 483 GLN A OE1 1 
ATOM   1437 N  NE2 . GLN A 1 209 ? 6.540   3.378   4.434   1.00 14.65 ? 483 GLN A NE2 1 
ATOM   1438 N  N   . ILE A 1 210 ? 4.820   -0.997  6.851   1.00 11.25 ? 484 ILE A N   1 
ATOM   1439 C  CA  A ILE A 1 210 ? 3.408   -0.885  7.221   0.50 11.65 ? 484 ILE A CA  1 
ATOM   1440 C  CA  B ILE A 1 210 ? 3.413   -0.903  7.184   0.50 11.70 ? 484 ILE A CA  1 
ATOM   1441 C  C   . ILE A 1 210 ? 2.983   0.571   7.217   1.00 11.89 ? 484 ILE A C   1 
ATOM   1442 O  O   . ILE A 1 210 ? 3.615   1.425   7.860   1.00 12.33 ? 484 ILE A O   1 
ATOM   1443 C  CB  A ILE A 1 210 ? 3.144   -1.374  8.667   0.50 12.74 ? 484 ILE A CB  1 
ATOM   1444 C  CB  B ILE A 1 210 ? 3.111   -1.581  8.547   0.50 12.07 ? 484 ILE A CB  1 
ATOM   1445 C  CG1 A ILE A 1 210 ? 3.465   -2.850  8.821   0.50 13.71 ? 484 ILE A CG1 1 
ATOM   1446 C  CG1 B ILE A 1 210 ? 3.655   -2.999  8.594   0.50 13.76 ? 484 ILE A CG1 1 
ATOM   1447 C  CG2 A ILE A 1 210 ? 1.697   -1.000  9.098   0.50 11.65 ? 484 ILE A CG2 1 
ATOM   1448 C  CG2 B ILE A 1 210 ? 1.620   -1.553  8.814   0.50 13.77 ? 484 ILE A CG2 1 
ATOM   1449 C  CD1 A ILE A 1 210 ? 3.380   -3.336  10.281  0.50 15.28 ? 484 ILE A CD1 1 
ATOM   1450 C  CD1 B ILE A 1 210 ? 2.959   -3.920  7.640   0.50 13.67 ? 484 ILE A CD1 1 
ATOM   1451 N  N   . LEU A 1 211 ? 1.898   0.881   6.521   1.00 11.28 ? 485 LEU A N   1 
ATOM   1452 C  CA  . LEU A 1 211 ? 1.271   2.223   6.527   1.00 11.34 ? 485 LEU A CA  1 
ATOM   1453 C  C   . LEU A 1 211 ? -0.159  2.043   6.967   1.00 11.89 ? 485 LEU A C   1 
ATOM   1454 O  O   . LEU A 1 211 ? -0.953  1.433   6.248   1.00 11.86 ? 485 LEU A O   1 
ATOM   1455 C  CB  . LEU A 1 211 ? 1.307   2.897   5.145   1.00 12.00 ? 485 LEU A CB  1 
ATOM   1456 C  CG  . LEU A 1 211 ? 0.593   4.209   4.972   1.00 11.65 ? 485 LEU A CG  1 
ATOM   1457 C  CD1 . LEU A 1 211 ? 1.217   5.284   5.926   1.00 14.92 ? 485 LEU A CD1 1 
ATOM   1458 C  CD2 . LEU A 1 211 ? 0.609   4.734   3.518   1.00 13.91 ? 485 LEU A CD2 1 
ATOM   1459 N  N   . GLY A 1 212 ? -0.499  2.546   8.155   1.00 10.94 ? 486 GLY A N   1 
ATOM   1460 C  CA  . GLY A 1 212 ? -1.876  2.549   8.567   1.00 10.83 ? 486 GLY A CA  1 
ATOM   1461 C  C   . GLY A 1 212 ? -2.543  3.877   8.257   1.00 11.27 ? 486 GLY A C   1 
ATOM   1462 O  O   . GLY A 1 212 ? -1.926  4.914   8.425   1.00 13.43 ? 486 GLY A O   1 
ATOM   1463 N  N   . LEU A 1 213 ? -3.782  3.836   7.815   1.00 12.22 ? 487 LEU A N   1 
ATOM   1464 C  CA  . LEU A 1 213 ? -4.524  5.055   7.536   1.00 13.83 ? 487 LEU A CA  1 
ATOM   1465 C  C   . LEU A 1 213 ? -5.753  5.146   8.400   1.00 16.22 ? 487 LEU A C   1 
ATOM   1466 O  O   . LEU A 1 213 ? -6.424  4.159   8.641   1.00 16.01 ? 487 LEU A O   1 
ATOM   1467 C  CB  . LEU A 1 213 ? -4.988  5.034   6.079   1.00 15.74 ? 487 LEU A CB  1 
ATOM   1468 C  CG  . LEU A 1 213 ? -3.866  4.888   5.059   1.00 17.56 ? 487 LEU A CG  1 
ATOM   1469 C  CD1 . LEU A 1 213 ? -4.559  4.797   3.708   1.00 23.14 ? 487 LEU A CD1 1 
ATOM   1470 C  CD2 . LEU A 1 213 ? -2.928  6.072   5.156   1.00 21.14 ? 487 LEU A CD2 1 
ATOM   1471 N  N   . THR A 1 214 ? -6.091  6.360   8.831   1.00 17.03 ? 488 THR A N   1 
ATOM   1472 C  CA  . THR A 1 214 ? -7.387  6.572   9.447   1.00 21.64 ? 488 THR A CA  1 
ATOM   1473 C  C   . THR A 1 214 ? -7.865  7.984   9.067   1.00 23.12 ? 488 THR A C   1 
ATOM   1474 O  O   . THR A 1 214 ? -7.075  8.888   8.951   1.00 22.07 ? 488 THR A O   1 
ATOM   1475 C  CB  . THR A 1 214 ? -7.282  6.301   10.949  1.00 21.38 ? 488 THR A CB  1 
ATOM   1476 O  OG1 . THR A 1 214 ? -8.531  6.602   11.583  1.00 27.79 ? 488 THR A OG1 1 
ATOM   1477 C  CG2 . THR A 1 214 ? -6.136  7.088   11.598  1.00 22.77 ? 488 THR A CG2 1 
ATOM   1478 N  N   . ALA A 1 215 ? -9.153  8.127   8.754   1.00 26.20 ? 489 ALA A N   1 
ATOM   1479 C  CA  . ALA A 1 215 ? -9.743  9.433   8.497   1.00 28.80 ? 489 ALA A CA  1 
ATOM   1480 C  C   . ALA A 1 215 ? -10.932 9.533   9.429   1.00 31.14 ? 489 ALA A C   1 
ATOM   1481 O  O   . ALA A 1 215 ? -11.896 8.808   9.222   1.00 32.56 ? 489 ALA A O   1 
ATOM   1482 C  CB  . ALA A 1 215 ? -10.212 9.563   7.026   1.00 28.92 ? 489 ALA A CB  1 
ATOM   1483 N  N   . SER A 1 216 ? -10.879 10.342  10.483  1.00 33.92 ? 490 SER A N   1 
ATOM   1484 C  CA  . SER A 1 216 ? -9.663  10.889  11.081  1.00 35.34 ? 490 SER A CA  1 
ATOM   1485 C  C   . SER A 1 216 ? -9.608  10.221  12.441  1.00 36.02 ? 490 SER A C   1 
ATOM   1486 O  O   . SER A 1 216 ? -9.001  9.165   12.576  1.00 36.44 ? 490 SER A O   1 
ATOM   1487 C  CB  . SER A 1 216 ? -9.756  12.420  11.227  1.00 35.91 ? 490 SER A CB  1 
ATOM   1488 O  OG  . SER A 1 216 ? -8.526  13.004  11.661  1.00 36.15 ? 490 SER A OG  1 
ATOM   1489 O  OXT . SER A 1 216 ? -10.214 10.682  13.416  1.00 37.05 ? 490 SER A OXT 1 
HETATM 1490 NA NA  . NA  B 2 .   ? -7.107  15.807  4.265   1.00 21.39 ? 600 NA  A NA  1 
HETATM 1491 O  O   . HOH C 3 .   ? 5.134   -5.978  -7.979  1.00 12.30 ? 1   HOH A O   1 
HETATM 1492 O  O   . HOH C 3 .   ? 4.698   3.690   6.530   1.00 14.56 ? 2   HOH A O   1 
HETATM 1493 O  O   . HOH C 3 .   ? 24.181  -17.713 6.543   1.00 14.42 ? 3   HOH A O   1 
HETATM 1494 O  O   . HOH C 3 .   ? 2.311   6.441   13.733  1.00 17.07 ? 4   HOH A O   1 
HETATM 1495 O  O   . HOH C 3 .   ? 16.256  -17.515 6.386   1.00 17.43 ? 5   HOH A O   1 
HETATM 1496 O  O   . HOH C 3 .   ? 9.901   -2.465  2.167   1.00 19.92 ? 6   HOH A O   1 
HETATM 1497 O  O   . HOH C 3 .   ? 12.138  -4.502  -1.276  1.00 19.93 ? 7   HOH A O   1 
HETATM 1498 O  O   . HOH C 3 .   ? 6.915   6.010   0.000   1.00 18.51 ? 8   HOH A O   1 
HETATM 1499 O  O   . HOH C 3 .   ? -9.364  16.131  0.207   1.00 19.53 ? 9   HOH A O   1 
HETATM 1500 O  O   . HOH C 3 .   ? 9.845   1.374   10.872  1.00 21.78 ? 10  HOH A O   1 
HETATM 1501 O  O   . HOH C 3 .   ? -2.939  -1.107  -14.099 1.00 23.26 ? 11  HOH A O   1 
HETATM 1502 O  O   . HOH C 3 .   ? 8.296   -13.563 -0.666  1.00 22.09 ? 12  HOH A O   1 
HETATM 1503 O  O   . HOH C 3 .   ? 21.143  -12.235 9.528   1.00 19.32 ? 13  HOH A O   1 
HETATM 1504 O  O   . HOH C 3 .   ? -5.045  21.983  -13.625 1.00 22.35 ? 14  HOH A O   1 
HETATM 1505 O  O   . HOH C 3 .   ? 10.122  0.626   2.492   1.00 22.41 ? 15  HOH A O   1 
HETATM 1506 O  O   . HOH C 3 .   ? -6.721  16.230  -0.801  1.00 21.17 ? 16  HOH A O   1 
HETATM 1507 O  O   . HOH C 3 .   ? 8.571   -0.023  13.413  1.00 25.28 ? 17  HOH A O   1 
HETATM 1508 O  O   . HOH C 3 .   ? 19.052  -25.036 11.513  1.00 21.21 ? 18  HOH A O   1 
HETATM 1509 O  O   . HOH C 3 .   ? 3.944   -14.786 5.940   1.00 29.00 ? 19  HOH A O   1 
HETATM 1510 O  O   . HOH C 3 .   ? 8.291   3.769   1.177   1.00 17.59 ? 20  HOH A O   1 
HETATM 1511 O  O   . HOH C 3 .   ? 8.908   -7.753  2.309   1.00 21.66 ? 21  HOH A O   1 
HETATM 1512 O  O   . HOH C 3 .   ? -6.175  -3.657  -14.134 1.00 29.57 ? 22  HOH A O   1 
HETATM 1513 O  O   . HOH C 3 .   ? 9.207   -7.616  -0.695  1.00 20.14 ? 23  HOH A O   1 
HETATM 1514 O  O   . HOH C 3 .   ? 4.592   9.995   -5.542  1.00 25.64 ? 24  HOH A O   1 
HETATM 1515 O  O   . HOH C 3 .   ? 13.040  -8.025  10.949  1.00 24.65 ? 25  HOH A O   1 
HETATM 1516 O  O   . HOH C 3 .   ? 7.027   -2.725  -8.867  1.00 25.10 ? 26  HOH A O   1 
HETATM 1517 O  O   . HOH C 3 .   ? -1.980  -9.697  -14.270 1.00 23.48 ? 27  HOH A O   1 
HETATM 1518 O  O   . HOH C 3 .   ? -11.453 -0.078  4.934   1.00 28.05 ? 28  HOH A O   1 
HETATM 1519 O  O   . HOH C 3 .   ? 13.121  -8.108  13.712  1.00 26.27 ? 29  HOH A O   1 
HETATM 1520 O  O   . HOH C 3 .   ? 9.147   -1.023  -8.009  1.00 23.05 ? 30  HOH A O   1 
HETATM 1521 O  O   . HOH C 3 .   ? 15.929  4.303   -4.627  1.00 26.73 ? 31  HOH A O   1 
HETATM 1522 O  O   . HOH C 3 .   ? 15.762  -14.444 3.098   1.00 20.57 ? 32  HOH A O   1 
HETATM 1523 O  O   . HOH C 3 .   ? 6.714   -13.862 5.083   1.00 27.81 ? 33  HOH A O   1 
HETATM 1524 O  O   . HOH C 3 .   ? -1.011  11.468  11.424  1.00 27.76 ? 34  HOH A O   1 
HETATM 1525 O  O   . HOH C 3 .   ? 18.951  -10.785 17.166  1.00 32.78 ? 35  HOH A O   1 
HETATM 1526 O  O   . HOH C 3 .   ? 26.470  -13.814 10.474  1.00 24.23 ? 36  HOH A O   1 
HETATM 1527 O  O   . HOH C 3 .   ? 9.533   -0.198  7.311   1.00 25.57 ? 37  HOH A O   1 
HETATM 1528 O  O   . HOH C 3 .   ? 10.426  -2.281  5.305   1.00 29.72 ? 38  HOH A O   1 
HETATM 1529 O  O   . HOH C 3 .   ? 23.464  -12.298 11.003  1.00 30.40 ? 39  HOH A O   1 
HETATM 1530 O  O   . HOH C 3 .   ? -3.750  16.931  -2.019  1.00 24.67 ? 40  HOH A O   1 
HETATM 1531 O  O   . HOH C 3 .   ? -10.497 22.303  -20.427 1.00 26.22 ? 41  HOH A O   1 
HETATM 1532 O  O   . HOH C 3 .   ? 10.706  -5.586  2.439   1.00 26.29 ? 42  HOH A O   1 
HETATM 1533 O  O   . HOH C 3 .   ? 11.314  -2.796  -8.228  1.00 25.07 ? 43  HOH A O   1 
HETATM 1534 O  O   . HOH C 3 .   ? -11.877 -8.021  5.430   1.00 30.13 ? 44  HOH A O   1 
HETATM 1535 O  O   . HOH C 3 .   ? 4.427   -8.660  -10.247 1.00 22.15 ? 45  HOH A O   1 
HETATM 1536 O  O   . HOH C 3 .   ? 12.017  4.851   -10.487 1.00 33.15 ? 46  HOH A O   1 
HETATM 1537 O  O   . HOH C 3 .   ? -2.821  16.671  -17.908 1.00 30.39 ? 47  HOH A O   1 
HETATM 1538 O  O   . HOH C 3 .   ? -1.129  6.859   -14.633 1.00 30.64 ? 48  HOH A O   1 
HETATM 1539 O  O   . HOH C 3 .   ? 8.934   -3.591  8.487   1.00 30.43 ? 49  HOH A O   1 
HETATM 1540 O  O   . HOH C 3 .   ? 12.673  -6.421  5.550   1.00 30.43 ? 50  HOH A O   1 
HETATM 1541 O  O   . HOH C 3 .   ? 4.336   -6.614  -12.518 1.00 32.53 ? 51  HOH A O   1 
HETATM 1542 O  O   . HOH C 3 .   ? 11.438  -14.430 1.119   1.00 23.71 ? 52  HOH A O   1 
HETATM 1543 O  O   . HOH C 3 .   ? 12.689  7.333   -6.900  1.00 37.62 ? 53  HOH A O   1 
HETATM 1544 O  O   . HOH C 3 .   ? 24.975  -13.957 16.054  1.00 39.44 ? 54  HOH A O   1 
HETATM 1545 O  O   . HOH C 3 .   ? 6.038   -16.386 -1.501  1.00 37.86 ? 55  HOH A O   1 
HETATM 1546 O  O   . HOH C 3 .   ? 4.756   -3.366  -13.973 1.00 34.60 ? 56  HOH A O   1 
HETATM 1547 O  O   . HOH C 3 .   ? 5.939   16.371  12.106  1.00 35.49 ? 57  HOH A O   1 
HETATM 1548 O  O   . HOH C 3 .   ? -10.254 3.322   -13.964 1.00 40.90 ? 58  HOH A O   1 
HETATM 1549 O  O   . HOH C 3 .   ? -2.222  17.245  -15.320 1.00 32.04 ? 59  HOH A O   1 
HETATM 1550 O  O   . HOH C 3 .   ? 17.368  -11.155 4.078   1.00 35.26 ? 60  HOH A O   1 
HETATM 1551 O  O   . HOH C 3 .   ? 28.125  -13.640 14.381  1.00 49.15 ? 61  HOH A O   1 
HETATM 1552 O  O   . HOH C 3 .   ? 10.991  2.256   -1.464  1.00 29.32 ? 62  HOH A O   1 
HETATM 1553 O  O   . HOH C 3 .   ? 3.585   16.586  -3.182  1.00 32.97 ? 63  HOH A O   1 
HETATM 1554 O  O   . HOH C 3 .   ? -13.281 -10.635 1.898   1.00 29.40 ? 64  HOH A O   1 
HETATM 1555 O  O   . HOH C 3 .   ? 7.527   10.687  -4.992  1.00 38.69 ? 65  HOH A O   1 
HETATM 1556 O  O   . HOH C 3 .   ? 12.834  -6.745  7.614   1.00 42.89 ? 66  HOH A O   1 
HETATM 1557 O  O   . HOH C 3 .   ? 19.864  -11.047 7.217   1.00 31.00 ? 67  HOH A O   1 
HETATM 1558 O  O   . HOH C 3 .   ? -11.384 9.119   -2.404  1.00 35.24 ? 68  HOH A O   1 
HETATM 1559 O  O   . HOH C 3 .   ? 11.581  -17.602 9.550   1.00 35.31 ? 69  HOH A O   1 
HETATM 1560 O  O   . HOH C 3 .   ? -4.851  15.079  10.610  1.00 30.10 ? 70  HOH A O   1 
HETATM 1561 O  O   . HOH C 3 .   ? 7.016   -3.295  -11.302 1.00 31.63 ? 71  HOH A O   1 
HETATM 1562 O  O   . HOH C 3 .   ? 10.463  8.488   -5.360  1.00 38.93 ? 72  HOH A O   1 
HETATM 1563 O  O   . HOH C 3 .   ? -7.474  -15.860 0.136   1.00 36.83 ? 73  HOH A O   1 
HETATM 1564 O  O   . HOH C 3 .   ? -8.341  -16.320 -4.787  1.00 35.32 ? 74  HOH A O   1 
HETATM 1565 O  O   . HOH C 3 .   ? 13.141  -19.000 18.347  1.00 30.68 ? 75  HOH A O   1 
HETATM 1566 O  O   . HOH C 3 .   ? 8.869   9.186   -7.431  1.00 32.32 ? 76  HOH A O   1 
HETATM 1567 O  O   . HOH C 3 .   ? 8.197   13.455  -1.770  1.00 36.44 ? 77  HOH A O   1 
HETATM 1568 O  O   . HOH C 3 .   ? 9.659   -18.542 0.806   1.00 33.12 ? 78  HOH A O   1 
HETATM 1569 O  O   . HOH C 3 .   ? 3.545   11.874  -7.358  1.00 36.33 ? 79  HOH A O   1 
HETATM 1570 O  O   . HOH C 3 .   ? 15.557  -19.965 13.752  1.00 38.45 ? 80  HOH A O   1 
HETATM 1571 O  O   . HOH C 3 .   ? -10.381 -6.353  -13.097 1.00 36.96 ? 81  HOH A O   1 
HETATM 1572 O  O   . HOH C 3 .   ? 19.104  -20.491 18.185  1.00 30.88 ? 82  HOH A O   1 
HETATM 1573 O  O   . HOH C 3 .   ? -8.333  17.326  2.446   1.00 35.45 ? 83  HOH A O   1 
HETATM 1574 O  O   . HOH C 3 .   ? 19.996  -1.720  -3.865  1.00 50.86 ? 84  HOH A O   1 
HETATM 1575 O  O   . HOH C 3 .   ? 11.467  -6.687  0.131   1.00 24.88 ? 85  HOH A O   1 
HETATM 1576 O  O   . HOH C 3 .   ? -8.287  4.604   -15.269 1.00 32.26 ? 86  HOH A O   1 
HETATM 1577 O  O   . HOH C 3 .   ? 12.021  -18.108 16.414  1.00 30.85 ? 87  HOH A O   1 
HETATM 1578 O  O   . HOH C 3 .   ? 14.007  -18.899 7.600   1.00 27.64 ? 88  HOH A O   1 
HETATM 1579 O  O   . HOH C 3 .   ? 11.434  -4.384  5.744   1.00 22.34 ? 89  HOH A O   1 
HETATM 1580 O  O   . HOH C 3 .   ? 16.078  -11.407 1.460   0.50 27.17 ? 90  HOH A O   1 
HETATM 1581 O  O   . HOH C 3 .   ? 11.110  -16.777 2.389   1.00 34.97 ? 91  HOH A O   1 
HETATM 1582 O  O   . HOH C 3 .   ? 2.329   -17.460 4.766   1.00 39.99 ? 92  HOH A O   1 
HETATM 1583 O  O   . HOH C 3 .   ? 12.050  -19.366 11.865  1.00 39.50 ? 93  HOH A O   1 
HETATM 1584 O  O   . HOH C 3 .   ? -8.251  -10.639 13.413  1.00 45.53 ? 94  HOH A O   1 
HETATM 1585 O  O   . HOH C 3 .   ? 16.310  -21.830 19.083  1.00 43.50 ? 95  HOH A O   1 
HETATM 1586 O  O   . HOH C 3 .   ? 13.566  -17.968 13.953  1.00 34.24 ? 96  HOH A O   1 
HETATM 1587 O  O   . HOH C 3 .   ? 14.229  -6.044  -9.266  1.00 57.83 ? 97  HOH A O   1 
HETATM 1588 O  O   . HOH C 3 .   ? -0.976  29.227  -22.078 1.00 34.23 ? 98  HOH A O   1 
HETATM 1589 O  O   . HOH C 3 .   ? 7.212   -2.076  13.766  1.00 45.85 ? 99  HOH A O   1 
HETATM 1590 O  O   . HOH C 3 .   ? 1.407   -18.757 -12.052 1.00 36.03 ? 100 HOH A O   1 
HETATM 1591 O  O   . HOH C 3 .   ? 11.796  0.657   5.014   1.00 36.95 ? 101 HOH A O   1 
HETATM 1592 O  O   . HOH C 3 .   ? 19.953  -11.427 4.935   1.00 41.44 ? 102 HOH A O   1 
HETATM 1593 O  O   . HOH C 3 .   ? 14.945  6.724   5.234   1.00 45.99 ? 103 HOH A O   1 
HETATM 1594 O  O   . HOH C 3 .   ? 13.805  1.809   -1.579  1.00 37.83 ? 104 HOH A O   1 
HETATM 1595 O  O   . HOH C 3 .   ? 14.961  -4.692  7.385   1.00 47.90 ? 105 HOH A O   1 
HETATM 1596 O  O   . HOH C 3 .   ? 6.897   14.507  9.632   1.00 40.32 ? 106 HOH A O   1 
HETATM 1597 O  O   . HOH C 3 .   ? -19.121 -3.531  0.520   1.00 40.82 ? 107 HOH A O   1 
HETATM 1598 O  O   . HOH C 3 .   ? 2.190   -16.564 -13.058 1.00 52.21 ? 108 HOH A O   1 
HETATM 1599 O  O   . HOH C 3 .   ? -12.903 6.731   -4.754  1.00 46.36 ? 109 HOH A O   1 
HETATM 1600 O  O   . HOH C 3 .   ? 16.303  -21.443 11.771  1.00 41.84 ? 110 HOH A O   1 
HETATM 1601 O  O   . HOH C 3 .   ? 14.977  -7.045  6.010   1.00 37.93 ? 111 HOH A O   1 
HETATM 1602 O  O   . HOH C 3 .   ? -4.533  -19.838 -7.202  1.00 42.90 ? 112 HOH A O   1 
HETATM 1603 O  O   . HOH C 3 .   ? -5.328  -17.285 -1.369  1.00 46.54 ? 113 HOH A O   1 
HETATM 1604 O  O   . HOH C 3 .   ? 18.627  4.048   -5.055  1.00 44.35 ? 114 HOH A O   1 
HETATM 1605 O  O   . HOH C 3 .   ? -1.585  11.598  -13.697 1.00 38.41 ? 115 HOH A O   1 
HETATM 1606 O  O   . HOH C 3 .   ? 15.589  -7.986  10.405  1.00 47.82 ? 116 HOH A O   1 
HETATM 1607 O  O   . HOH C 3 .   ? -1.018  -0.580  -16.018 1.00 57.24 ? 117 HOH A O   1 
HETATM 1608 O  O   . HOH C 3 .   ? 10.783  4.411   0.789   1.00 47.29 ? 118 HOH A O   1 
HETATM 1609 O  O   . HOH C 3 .   ? 20.817  -9.749  8.601   1.00 40.70 ? 119 HOH A O   1 
HETATM 1610 O  O   . HOH C 3 .   ? -0.866  15.192  -14.372 1.00 41.57 ? 120 HOH A O   1 
HETATM 1611 O  O   . HOH C 3 .   ? 11.938  11.117  0.242   1.00 51.39 ? 121 HOH A O   1 
HETATM 1612 O  O   . HOH C 3 .   ? -18.490 2.225   -5.345  1.00 72.88 ? 122 HOH A O   1 
HETATM 1613 O  O   . HOH C 3 .   ? 15.241  7.017   -5.430  1.00 40.39 ? 123 HOH A O   1 
HETATM 1614 O  O   . HOH C 3 .   ? -7.790  28.305  -11.454 1.00 54.74 ? 124 HOH A O   1 
HETATM 1615 O  O   . HOH C 3 .   ? -0.641  10.209  -11.194 1.00 39.90 ? 125 HOH A O   1 
HETATM 1616 O  O   . HOH C 3 .   ? 3.394   20.624  -0.735  1.00 40.14 ? 126 HOH A O   1 
HETATM 1617 O  O   . HOH C 3 .   ? 9.295   14.546  0.996   1.00 48.32 ? 127 HOH A O   1 
HETATM 1618 O  O   . HOH C 3 .   ? 11.976  5.920   13.415  1.00 45.60 ? 128 HOH A O   1 
HETATM 1619 O  O   . HOH C 3 .   ? -2.358  28.214  -12.548 1.00 52.86 ? 129 HOH A O   1 
HETATM 1620 O  O   . HOH C 3 .   ? -3.609  17.658  -7.326  1.00 42.73 ? 130 HOH A O   1 
HETATM 1621 O  O   . HOH C 3 .   ? 21.893  -10.429 16.506  1.00 53.50 ? 131 HOH A O   1 
HETATM 1622 O  O   . HOH C 3 .   ? 1.128   -16.886 17.336  1.00 51.85 ? 132 HOH A O   1 
HETATM 1623 O  O   . HOH C 3 .   ? 13.529  3.508   6.971   1.00 44.40 ? 133 HOH A O   1 
HETATM 1624 O  O   . HOH C 3 .   ? 20.197  1.039   -2.814  1.00 60.21 ? 134 HOH A O   1 
HETATM 1625 O  O   . HOH C 3 .   ? 14.066  -7.674  -0.092  1.00 34.54 ? 135 HOH A O   1 
HETATM 1626 O  O   . HOH C 3 .   ? 24.410  -18.228 16.980  1.00 32.63 ? 136 HOH A O   1 
HETATM 1627 O  O   . HOH C 3 .   ? 2.217   -0.030  -16.663 1.00 51.22 ? 137 HOH A O   1 
HETATM 1628 O  O   . HOH C 3 .   ? 6.598   6.446   -11.785 1.00 43.91 ? 138 HOH A O   1 
HETATM 1629 O  O   . HOH C 3 .   ? -7.656  2.681   -17.654 1.00 59.79 ? 139 HOH A O   1 
HETATM 1630 O  O   . HOH C 3 .   ? 14.284  -0.038  0.051   1.00 54.37 ? 140 HOH A O   1 
HETATM 1631 O  O   . HOH C 3 .   ? 0.179   -19.487 15.634  1.00 59.26 ? 141 HOH A O   1 
HETATM 1632 O  O   . HOH C 3 .   ? -9.805  -14.812 -3.272  1.00 49.75 ? 142 HOH A O   1 
HETATM 1633 O  O   . HOH C 3 .   ? -6.995  19.383  2.011   1.00 46.03 ? 143 HOH A O   1 
HETATM 1634 O  O   . HOH C 3 .   ? -16.401 -14.109 -6.420  1.00 66.96 ? 144 HOH A O   1 
HETATM 1635 O  O   . HOH C 3 .   ? 11.724  3.522   12.208  1.00 46.85 ? 145 HOH A O   1 
HETATM 1636 O  O   . HOH C 3 .   ? 10.054  11.302  -1.585  1.00 45.19 ? 146 HOH A O   1 
HETATM 1637 O  O   . HOH C 3 .   ? -18.051 -6.582  2.628   1.00 50.76 ? 147 HOH A O   1 
HETATM 1638 O  O   . HOH C 3 .   ? 6.354   15.558  -5.213  1.00 56.22 ? 148 HOH A O   1 
HETATM 1639 O  O   . HOH C 3 .   ? -10.953 -7.200  -10.588 1.00 55.80 ? 149 HOH A O   1 
HETATM 1640 O  O   . HOH C 3 .   ? -12.776 -8.698  -7.605  1.00 48.53 ? 150 HOH A O   1 
HETATM 1641 O  O   . HOH C 3 .   ? -12.386 -11.303 -7.016  1.00 43.96 ? 151 HOH A O   1 
HETATM 1642 O  O   . HOH C 3 .   ? 20.317  2.270   -5.147  1.00 53.24 ? 152 HOH A O   1 
HETATM 1643 O  O   . HOH C 3 .   ? -2.761  8.999   -14.772 1.00 48.02 ? 153 HOH A O   1 
HETATM 1644 O  O   . HOH C 3 .   ? 12.817  5.902   1.366   1.00 50.54 ? 154 HOH A O   1 
HETATM 1645 O  O   . HOH C 3 .   ? -3.520  6.094   15.945  1.00 57.08 ? 155 HOH A O   1 
HETATM 1646 O  O   . HOH C 3 .   ? 14.169  3.886   -12.046 1.00 50.40 ? 156 HOH A O   1 
HETATM 1647 O  O   . HOH C 3 .   ? 16.489  -8.600  4.006   1.00 52.72 ? 157 HOH A O   1 
HETATM 1648 O  O   . HOH C 3 .   ? 3.477   -9.176  -14.507 1.00 43.50 ? 158 HOH A O   1 
HETATM 1649 O  O   . HOH C 3 .   ? 14.738  -20.874 9.395   1.00 46.70 ? 159 HOH A O   1 
HETATM 1650 O  O   . HOH C 3 .   ? 9.976   -20.531 13.282  1.00 63.72 ? 160 HOH A O   1 
HETATM 1651 O  O   . HOH C 3 .   ? 4.949   -14.948 11.230  1.00 37.76 ? 161 HOH A O   1 
HETATM 1652 O  O   . HOH C 3 .   ? -4.563  -2.359  -16.051 1.00 44.78 ? 162 HOH A O   1 
HETATM 1653 O  O   . HOH C 3 .   ? 1.712   11.604  -10.269 1.00 45.95 ? 163 HOH A O   1 
HETATM 1654 O  O   . HOH C 3 .   ? -6.371  8.729   -15.493 1.00 58.65 ? 164 HOH A O   1 
HETATM 1655 O  O   . HOH C 3 .   ? 15.092  -5.119  -0.923  1.00 54.14 ? 165 HOH A O   1 
HETATM 1656 O  O   . HOH C 3 .   ? -0.982  24.483  -0.758  1.00 51.45 ? 166 HOH A O   1 
HETATM 1657 O  O   . HOH C 3 .   ? 7.441   15.830  3.589   1.00 43.09 ? 167 HOH A O   1 
HETATM 1658 O  O   . HOH C 3 .   ? 13.131  -3.465  -10.228 1.00 39.45 ? 168 HOH A O   1 
HETATM 1659 O  O   . HOH C 3 .   ? 17.370  -6.929  -5.241  1.00 49.22 ? 169 HOH A O   1 
HETATM 1660 O  O   . HOH C 3 .   ? 6.338   -1.222  -13.357 1.00 41.05 ? 170 HOH A O   1 
HETATM 1661 O  O   . HOH C 3 .   ? -3.019  9.892   -17.301 1.00 51.51 ? 171 HOH A O   1 
HETATM 1662 O  O   . HOH C 3 .   ? 12.748  7.598   -9.510  1.00 48.82 ? 172 HOH A O   1 
HETATM 1663 O  O   . HOH C 3 .   ? 4.146   16.250  -6.269  1.00 47.03 ? 173 HOH A O   1 
HETATM 1664 O  O   . HOH C 3 .   ? 0.997   14.314  -10.107 1.00 45.24 ? 174 HOH A O   1 
# 
